data_7M3Z
# 
_entry.id   7M3Z 
# 
_audit_conform.dict_name       mmcif_pdbx.dic 
_audit_conform.dict_version    5.399 
_audit_conform.dict_location   http://mmcif.pdb.org/dictionaries/ascii/mmcif_pdbx.dic 
# 
loop_
_database_2.database_id 
_database_2.database_code 
_database_2.pdbx_database_accession 
_database_2.pdbx_DOI 
PDB   7M3Z         pdb_00007m3z 10.2210/pdb7m3z/pdb 
WWPDB D_1000255609 ?            ?                   
# 
loop_
_pdbx_audit_revision_history.ordinal 
_pdbx_audit_revision_history.data_content_type 
_pdbx_audit_revision_history.major_revision 
_pdbx_audit_revision_history.minor_revision 
_pdbx_audit_revision_history.revision_date 
1 'Structure model' 1 0 2021-10-13 
2 'Structure model' 1 1 2021-10-27 
3 'Structure model' 1 2 2023-10-18 
4 'Structure model' 1 3 2024-11-20 
# 
_pdbx_audit_revision_details.ordinal             1 
_pdbx_audit_revision_details.revision_ordinal    1 
_pdbx_audit_revision_details.data_content_type   'Structure model' 
_pdbx_audit_revision_details.provider            repository 
_pdbx_audit_revision_details.type                'Initial release' 
_pdbx_audit_revision_details.description         ? 
_pdbx_audit_revision_details.details             ? 
# 
loop_
_pdbx_audit_revision_group.ordinal 
_pdbx_audit_revision_group.revision_ordinal 
_pdbx_audit_revision_group.data_content_type 
_pdbx_audit_revision_group.group 
1 2 'Structure model' 'Database references'    
2 3 'Structure model' 'Data collection'        
3 3 'Structure model' 'Refinement description' 
4 4 'Structure model' 'Structure summary'      
# 
loop_
_pdbx_audit_revision_category.ordinal 
_pdbx_audit_revision_category.revision_ordinal 
_pdbx_audit_revision_category.data_content_type 
_pdbx_audit_revision_category.category 
1 2 'Structure model' citation                      
2 2 'Structure model' citation_author               
3 3 'Structure model' chem_comp_atom                
4 3 'Structure model' chem_comp_bond                
5 3 'Structure model' pdbx_initial_refinement_model 
6 4 'Structure model' pdbx_entry_details            
7 4 'Structure model' pdbx_modification_feature     
# 
loop_
_pdbx_audit_revision_item.ordinal 
_pdbx_audit_revision_item.revision_ordinal 
_pdbx_audit_revision_item.data_content_type 
_pdbx_audit_revision_item.item 
1 2 'Structure model' '_citation.journal_volume'                     
2 2 'Structure model' '_citation.page_first'                         
3 2 'Structure model' '_citation.page_last'                          
4 2 'Structure model' '_citation_author.identifier_ORCID'            
5 4 'Structure model' '_pdbx_entry_details.has_protein_modification' 
# 
_pdbx_database_status.status_code                     REL 
_pdbx_database_status.status_code_sf                  REL 
_pdbx_database_status.status_code_mr                  ? 
_pdbx_database_status.entry_id                        7M3Z 
_pdbx_database_status.recvd_initial_deposition_date   2021-03-19 
_pdbx_database_status.SG_entry                        N 
_pdbx_database_status.deposit_site                    RCSB 
_pdbx_database_status.process_site                    RCSB 
_pdbx_database_status.status_code_cs                  ? 
_pdbx_database_status.status_code_nmr_data            ? 
_pdbx_database_status.methods_development_category    ? 
_pdbx_database_status.pdb_format_compatible           Y 
# 
_pdbx_database_related.db_name        PDB 
_pdbx_database_related.details        '7M3Y contains the same protein complexed with a different ligand.' 
_pdbx_database_related.db_id          7M3Y 
_pdbx_database_related.content_type   unspecified 
# 
_audit_author.name               'Rietz, T.A.' 
_audit_author.pdbx_ordinal       1 
_audit_author.identifier_ORCID   ? 
# 
_citation.abstract                  ? 
_citation.abstract_id_CAS           ? 
_citation.book_id_ISBN              ? 
_citation.book_publisher            ? 
_citation.book_publisher_city       ? 
_citation.book_title                ? 
_citation.coordinate_linkage        ? 
_citation.country                   US 
_citation.database_id_Medline       ? 
_citation.details                   ? 
_citation.id                        primary 
_citation.journal_abbrev            J.Med.Chem. 
_citation.journal_id_ASTM           JMCMAR 
_citation.journal_id_CSD            0151 
_citation.journal_id_ISSN           0022-2623 
_citation.journal_full              ? 
_citation.journal_issue             ? 
_citation.journal_volume            64 
_citation.language                  ? 
_citation.page_first                14757 
_citation.page_last                 14772 
_citation.title                     
'Fragment-Based Discovery of Small Molecules Bound to T-Cell Immunoglobulin and Mucin Domain-Containing Molecule 3 (TIM-3).' 
_citation.year                      2021 
_citation.database_id_CSD           ? 
_citation.pdbx_database_id_DOI      10.1021/acs.jmedchem.1c01336 
_citation.pdbx_database_id_PubMed   34597046 
_citation.pdbx_database_id_patent   ? 
_citation.unpublished_flag          ? 
# 
loop_
_citation_author.citation_id 
_citation_author.name 
_citation_author.ordinal 
_citation_author.identifier_ORCID 
primary 'Rietz, T.A.'     1  ? 
primary 'Teuscher, K.B.'  2  ? 
primary 'Mills, J.J.'     3  ? 
primary 'Gogliotti, R.D.' 4  ? 
primary 'Lepovitz, L.T.'  5  ? 
primary 'Scaggs, W.R.'    6  ? 
primary 'Yoshida, K.'     7  ? 
primary 'Luong, K.'       8  ? 
primary 'Lee, T.'         9  ? 
primary 'Fesik, S.W.'     10 ? 
# 
loop_
_entity.id 
_entity.type 
_entity.src_method 
_entity.pdbx_description 
_entity.formula_weight 
_entity.pdbx_number_of_molecules 
_entity.pdbx_ec 
_entity.pdbx_mutation 
_entity.pdbx_fragment 
_entity.details 
1 polymer     man 'Hepatitis A virus cellular receptor 2' 12298.002 1   ? ? ? ? 
2 non-polymer syn 
'N-{4-[(4S,10aP)-8-chloro-2-methyl-5-oxo-5,6-dihydro[1,2,4]triazolo[1,5-c]quinazolin-9-yl]-3-methylphenyl}methanesulfonamide' 
417.869   1   ? ? ? ? 
3 non-polymer syn 'CALCIUM ION' 40.078    1   ? ? ? ? 
4 water       nat water 18.015    139 ? ? ? ? 
# 
_entity_name_com.entity_id   1 
_entity_name_com.name        
;HAVcr-2,T-cell immunoglobulin and mucin domain-containing protein 3,TIMD-3,T-cell immunoglobulin mucin receptor 3,TIM-3,T-cell membrane protein 3
;
# 
_entity_poly.entity_id                      1 
_entity_poly.type                           'polypeptide(L)' 
_entity_poly.nstd_linkage                   no 
_entity_poly.nstd_monomer                   no 
_entity_poly.pdbx_seq_one_letter_code       
;SEVEYRAEVGQNAYLPCFYTPAAPGNLVPVCWGKGACPVFECGNVVLRTDERDVNYWTSRYWLNGDFRKGDVSLTIENVT
LADSGIYCCRIQIPGIMNDEKFNLKLVIK
;
_entity_poly.pdbx_seq_one_letter_code_can   
;SEVEYRAEVGQNAYLPCFYTPAAPGNLVPVCWGKGACPVFECGNVVLRTDERDVNYWTSRYWLNGDFRKGDVSLTIENVT
LADSGIYCCRIQIPGIMNDEKFNLKLVIK
;
_entity_poly.pdbx_strand_id                 A 
_entity_poly.pdbx_target_identifier         ? 
# 
loop_
_pdbx_entity_nonpoly.entity_id 
_pdbx_entity_nonpoly.name 
_pdbx_entity_nonpoly.comp_id 
2 'N-{4-[(4S,10aP)-8-chloro-2-methyl-5-oxo-5,6-dihydro[1,2,4]triazolo[1,5-c]quinazolin-9-yl]-3-methylphenyl}methanesulfonamide' 
YQD 
3 'CALCIUM ION'                                                                                                                 CA 
4 water                                                                                                                         
HOH 
# 
loop_
_entity_poly_seq.entity_id 
_entity_poly_seq.num 
_entity_poly_seq.mon_id 
_entity_poly_seq.hetero 
1 1   SER n 
1 2   GLU n 
1 3   VAL n 
1 4   GLU n 
1 5   TYR n 
1 6   ARG n 
1 7   ALA n 
1 8   GLU n 
1 9   VAL n 
1 10  GLY n 
1 11  GLN n 
1 12  ASN n 
1 13  ALA n 
1 14  TYR n 
1 15  LEU n 
1 16  PRO n 
1 17  CYS n 
1 18  PHE n 
1 19  TYR n 
1 20  THR n 
1 21  PRO n 
1 22  ALA n 
1 23  ALA n 
1 24  PRO n 
1 25  GLY n 
1 26  ASN n 
1 27  LEU n 
1 28  VAL n 
1 29  PRO n 
1 30  VAL n 
1 31  CYS n 
1 32  TRP n 
1 33  GLY n 
1 34  LYS n 
1 35  GLY n 
1 36  ALA n 
1 37  CYS n 
1 38  PRO n 
1 39  VAL n 
1 40  PHE n 
1 41  GLU n 
1 42  CYS n 
1 43  GLY n 
1 44  ASN n 
1 45  VAL n 
1 46  VAL n 
1 47  LEU n 
1 48  ARG n 
1 49  THR n 
1 50  ASP n 
1 51  GLU n 
1 52  ARG n 
1 53  ASP n 
1 54  VAL n 
1 55  ASN n 
1 56  TYR n 
1 57  TRP n 
1 58  THR n 
1 59  SER n 
1 60  ARG n 
1 61  TYR n 
1 62  TRP n 
1 63  LEU n 
1 64  ASN n 
1 65  GLY n 
1 66  ASP n 
1 67  PHE n 
1 68  ARG n 
1 69  LYS n 
1 70  GLY n 
1 71  ASP n 
1 72  VAL n 
1 73  SER n 
1 74  LEU n 
1 75  THR n 
1 76  ILE n 
1 77  GLU n 
1 78  ASN n 
1 79  VAL n 
1 80  THR n 
1 81  LEU n 
1 82  ALA n 
1 83  ASP n 
1 84  SER n 
1 85  GLY n 
1 86  ILE n 
1 87  TYR n 
1 88  CYS n 
1 89  CYS n 
1 90  ARG n 
1 91  ILE n 
1 92  GLN n 
1 93  ILE n 
1 94  PRO n 
1 95  GLY n 
1 96  ILE n 
1 97  MET n 
1 98  ASN n 
1 99  ASP n 
1 100 GLU n 
1 101 LYS n 
1 102 PHE n 
1 103 ASN n 
1 104 LEU n 
1 105 LYS n 
1 106 LEU n 
1 107 VAL n 
1 108 ILE n 
1 109 LYS n 
# 
_entity_src_gen.entity_id                          1 
_entity_src_gen.pdbx_src_id                        1 
_entity_src_gen.pdbx_alt_source_flag               sample 
_entity_src_gen.pdbx_seq_type                      'Biological sequence' 
_entity_src_gen.pdbx_beg_seq_num                   1 
_entity_src_gen.pdbx_end_seq_num                   109 
_entity_src_gen.gene_src_common_name               Human 
_entity_src_gen.gene_src_genus                     ? 
_entity_src_gen.pdbx_gene_src_gene                 'HAVCR2, TIM3, TIMD3' 
_entity_src_gen.gene_src_species                   ? 
_entity_src_gen.gene_src_strain                    ? 
_entity_src_gen.gene_src_tissue                    ? 
_entity_src_gen.gene_src_tissue_fraction           ? 
_entity_src_gen.gene_src_details                   ? 
_entity_src_gen.pdbx_gene_src_fragment             ? 
_entity_src_gen.pdbx_gene_src_scientific_name      'Homo sapiens' 
_entity_src_gen.pdbx_gene_src_ncbi_taxonomy_id     9606 
_entity_src_gen.pdbx_gene_src_variant              ? 
_entity_src_gen.pdbx_gene_src_cell_line            ? 
_entity_src_gen.pdbx_gene_src_atcc                 ? 
_entity_src_gen.pdbx_gene_src_organ                ? 
_entity_src_gen.pdbx_gene_src_organelle            ? 
_entity_src_gen.pdbx_gene_src_cell                 ? 
_entity_src_gen.pdbx_gene_src_cellular_location    ? 
_entity_src_gen.host_org_common_name               ? 
_entity_src_gen.pdbx_host_org_scientific_name      'Escherichia coli' 
_entity_src_gen.pdbx_host_org_ncbi_taxonomy_id     562 
_entity_src_gen.host_org_genus                     ? 
_entity_src_gen.pdbx_host_org_gene                 ? 
_entity_src_gen.pdbx_host_org_organ                ? 
_entity_src_gen.host_org_species                   ? 
_entity_src_gen.pdbx_host_org_tissue               ? 
_entity_src_gen.pdbx_host_org_tissue_fraction      ? 
_entity_src_gen.pdbx_host_org_strain               ? 
_entity_src_gen.pdbx_host_org_variant              ? 
_entity_src_gen.pdbx_host_org_cell_line            ? 
_entity_src_gen.pdbx_host_org_atcc                 ? 
_entity_src_gen.pdbx_host_org_culture_collection   ? 
_entity_src_gen.pdbx_host_org_cell                 ? 
_entity_src_gen.pdbx_host_org_organelle            ? 
_entity_src_gen.pdbx_host_org_cellular_location    ? 
_entity_src_gen.pdbx_host_org_vector_type          ? 
_entity_src_gen.pdbx_host_org_vector               ? 
_entity_src_gen.host_org_details                   ? 
_entity_src_gen.expression_system_id               ? 
_entity_src_gen.plasmid_name                       ? 
_entity_src_gen.plasmid_details                    ? 
_entity_src_gen.pdbx_description                   ? 
# 
loop_
_chem_comp.id 
_chem_comp.type 
_chem_comp.mon_nstd_flag 
_chem_comp.name 
_chem_comp.pdbx_synonyms 
_chem_comp.formula 
_chem_comp.formula_weight 
ALA 'L-peptide linking' y ALANINE ? 'C3 H7 N O2'         89.093  
ARG 'L-peptide linking' y ARGININE ? 'C6 H15 N4 O2 1'     175.209 
ASN 'L-peptide linking' y ASPARAGINE ? 'C4 H8 N2 O3'        132.118 
ASP 'L-peptide linking' y 'ASPARTIC ACID' ? 'C4 H7 N O4'         133.103 
CA  non-polymer         . 'CALCIUM ION' ? 'Ca 2'               40.078  
CYS 'L-peptide linking' y CYSTEINE ? 'C3 H7 N O2 S'       121.158 
GLN 'L-peptide linking' y GLUTAMINE ? 'C5 H10 N2 O3'       146.144 
GLU 'L-peptide linking' y 'GLUTAMIC ACID' ? 'C5 H9 N O4'         147.129 
GLY 'peptide linking'   y GLYCINE ? 'C2 H5 N O2'         75.067  
HOH non-polymer         . WATER ? 'H2 O'               18.015  
ILE 'L-peptide linking' y ISOLEUCINE ? 'C6 H13 N O2'        131.173 
LEU 'L-peptide linking' y LEUCINE ? 'C6 H13 N O2'        131.173 
LYS 'L-peptide linking' y LYSINE ? 'C6 H15 N2 O2 1'     147.195 
MET 'L-peptide linking' y METHIONINE ? 'C5 H11 N O2 S'      149.211 
PHE 'L-peptide linking' y PHENYLALANINE ? 'C9 H11 N O2'        165.189 
PRO 'L-peptide linking' y PROLINE ? 'C5 H9 N O2'         115.130 
SER 'L-peptide linking' y SERINE ? 'C3 H7 N O3'         105.093 
THR 'L-peptide linking' y THREONINE ? 'C4 H9 N O3'         119.119 
TRP 'L-peptide linking' y TRYPTOPHAN ? 'C11 H12 N2 O2'      204.225 
TYR 'L-peptide linking' y TYROSINE ? 'C9 H11 N O3'        181.189 
VAL 'L-peptide linking' y VALINE ? 'C5 H11 N O2'        117.146 
YQD non-polymer         . 
'N-{4-[(4S,10aP)-8-chloro-2-methyl-5-oxo-5,6-dihydro[1,2,4]triazolo[1,5-c]quinazolin-9-yl]-3-methylphenyl}methanesulfonamide' ? 
'C18 H16 Cl N5 O3 S' 417.869 
# 
loop_
_pdbx_poly_seq_scheme.asym_id 
_pdbx_poly_seq_scheme.entity_id 
_pdbx_poly_seq_scheme.seq_id 
_pdbx_poly_seq_scheme.mon_id 
_pdbx_poly_seq_scheme.ndb_seq_num 
_pdbx_poly_seq_scheme.pdb_seq_num 
_pdbx_poly_seq_scheme.auth_seq_num 
_pdbx_poly_seq_scheme.pdb_mon_id 
_pdbx_poly_seq_scheme.auth_mon_id 
_pdbx_poly_seq_scheme.pdb_strand_id 
_pdbx_poly_seq_scheme.pdb_ins_code 
_pdbx_poly_seq_scheme.hetero 
A 1 1   SER 1   1   1   SER SER A . n 
A 1 2   GLU 2   2   2   GLU GLU A . n 
A 1 3   VAL 3   3   3   VAL VAL A . n 
A 1 4   GLU 4   4   4   GLU GLU A . n 
A 1 5   TYR 5   5   5   TYR TYR A . n 
A 1 6   ARG 6   6   6   ARG ARG A . n 
A 1 7   ALA 7   7   7   ALA ALA A . n 
A 1 8   GLU 8   8   8   GLU GLU A . n 
A 1 9   VAL 9   9   9   VAL VAL A . n 
A 1 10  GLY 10  10  10  GLY GLY A . n 
A 1 11  GLN 11  11  11  GLN GLN A . n 
A 1 12  ASN 12  12  12  ASN ASN A . n 
A 1 13  ALA 13  13  13  ALA ALA A . n 
A 1 14  TYR 14  14  14  TYR TYR A . n 
A 1 15  LEU 15  15  15  LEU LEU A . n 
A 1 16  PRO 16  16  16  PRO PRO A . n 
A 1 17  CYS 17  17  17  CYS CYS A . n 
A 1 18  PHE 18  18  18  PHE PHE A . n 
A 1 19  TYR 19  19  19  TYR TYR A . n 
A 1 20  THR 20  20  20  THR THR A . n 
A 1 21  PRO 21  21  21  PRO PRO A . n 
A 1 22  ALA 22  22  22  ALA ALA A . n 
A 1 23  ALA 23  23  23  ALA ALA A . n 
A 1 24  PRO 24  24  24  PRO PRO A . n 
A 1 25  GLY 25  25  25  GLY GLY A . n 
A 1 26  ASN 26  26  26  ASN ASN A . n 
A 1 27  LEU 27  27  27  LEU LEU A . n 
A 1 28  VAL 28  28  28  VAL VAL A . n 
A 1 29  PRO 29  29  29  PRO PRO A . n 
A 1 30  VAL 30  30  30  VAL VAL A . n 
A 1 31  CYS 31  31  31  CYS CYS A . n 
A 1 32  TRP 32  32  32  TRP TRP A . n 
A 1 33  GLY 33  33  33  GLY GLY A . n 
A 1 34  LYS 34  34  34  LYS LYS A . n 
A 1 35  GLY 35  35  35  GLY GLY A . n 
A 1 36  ALA 36  36  36  ALA ALA A . n 
A 1 37  CYS 37  37  37  CYS CYS A . n 
A 1 38  PRO 38  38  38  PRO PRO A . n 
A 1 39  VAL 39  39  39  VAL VAL A . n 
A 1 40  PHE 40  40  40  PHE PHE A . n 
A 1 41  GLU 41  41  41  GLU GLU A . n 
A 1 42  CYS 42  42  42  CYS CYS A . n 
A 1 43  GLY 43  43  43  GLY GLY A . n 
A 1 44  ASN 44  44  44  ASN ASN A . n 
A 1 45  VAL 45  45  45  VAL VAL A . n 
A 1 46  VAL 46  46  46  VAL VAL A . n 
A 1 47  LEU 47  47  47  LEU LEU A . n 
A 1 48  ARG 48  48  48  ARG ARG A . n 
A 1 49  THR 49  49  49  THR THR A . n 
A 1 50  ASP 50  50  50  ASP ASP A . n 
A 1 51  GLU 51  51  51  GLU GLU A . n 
A 1 52  ARG 52  52  52  ARG ARG A . n 
A 1 53  ASP 53  53  53  ASP ASP A . n 
A 1 54  VAL 54  54  54  VAL VAL A . n 
A 1 55  ASN 55  55  55  ASN ASN A . n 
A 1 56  TYR 56  56  56  TYR TYR A . n 
A 1 57  TRP 57  57  57  TRP TRP A . n 
A 1 58  THR 58  58  58  THR THR A . n 
A 1 59  SER 59  59  59  SER SER A . n 
A 1 60  ARG 60  60  60  ARG ARG A . n 
A 1 61  TYR 61  61  61  TYR TYR A . n 
A 1 62  TRP 62  62  62  TRP TRP A . n 
A 1 63  LEU 63  63  63  LEU LEU A . n 
A 1 64  ASN 64  64  64  ASN ASN A . n 
A 1 65  GLY 65  65  65  GLY GLY A . n 
A 1 66  ASP 66  66  66  ASP ASP A . n 
A 1 67  PHE 67  67  67  PHE PHE A . n 
A 1 68  ARG 68  68  68  ARG ARG A . n 
A 1 69  LYS 69  69  69  LYS LYS A . n 
A 1 70  GLY 70  70  70  GLY GLY A . n 
A 1 71  ASP 71  71  71  ASP ASP A . n 
A 1 72  VAL 72  72  72  VAL VAL A . n 
A 1 73  SER 73  73  73  SER SER A . n 
A 1 74  LEU 74  74  74  LEU LEU A . n 
A 1 75  THR 75  75  75  THR THR A . n 
A 1 76  ILE 76  76  76  ILE ILE A . n 
A 1 77  GLU 77  77  77  GLU GLU A . n 
A 1 78  ASN 78  78  78  ASN ASN A . n 
A 1 79  VAL 79  79  79  VAL VAL A . n 
A 1 80  THR 80  80  80  THR THR A . n 
A 1 81  LEU 81  81  81  LEU LEU A . n 
A 1 82  ALA 82  82  82  ALA ALA A . n 
A 1 83  ASP 83  83  83  ASP ASP A . n 
A 1 84  SER 84  84  84  SER SER A . n 
A 1 85  GLY 85  85  85  GLY GLY A . n 
A 1 86  ILE 86  86  86  ILE ILE A . n 
A 1 87  TYR 87  87  87  TYR TYR A . n 
A 1 88  CYS 88  88  88  CYS CYS A . n 
A 1 89  CYS 89  89  89  CYS CYS A . n 
A 1 90  ARG 90  90  90  ARG ARG A . n 
A 1 91  ILE 91  91  91  ILE ILE A . n 
A 1 92  GLN 92  92  92  GLN GLN A . n 
A 1 93  ILE 93  93  93  ILE ILE A . n 
A 1 94  PRO 94  94  94  PRO PRO A . n 
A 1 95  GLY 95  95  95  GLY GLY A . n 
A 1 96  ILE 96  96  96  ILE ILE A . n 
A 1 97  MET 97  97  97  MET MET A . n 
A 1 98  ASN 98  98  98  ASN ASN A . n 
A 1 99  ASP 99  99  99  ASP ASP A . n 
A 1 100 GLU 100 100 100 GLU GLU A . n 
A 1 101 LYS 101 101 101 LYS LYS A . n 
A 1 102 PHE 102 102 102 PHE PHE A . n 
A 1 103 ASN 103 103 103 ASN ASN A . n 
A 1 104 LEU 104 104 104 LEU LEU A . n 
A 1 105 LYS 105 105 105 LYS LYS A . n 
A 1 106 LEU 106 106 106 LEU LEU A . n 
A 1 107 VAL 107 107 107 VAL VAL A . n 
A 1 108 ILE 108 108 108 ILE ILE A . n 
A 1 109 LYS 109 109 109 LYS LYS A . n 
# 
_pdbx_entity_instance_feature.ordinal        1 
_pdbx_entity_instance_feature.comp_id        YQD 
_pdbx_entity_instance_feature.asym_id        ? 
_pdbx_entity_instance_feature.seq_num        ? 
_pdbx_entity_instance_feature.auth_comp_id   YQD 
_pdbx_entity_instance_feature.auth_asym_id   ? 
_pdbx_entity_instance_feature.auth_seq_num   ? 
_pdbx_entity_instance_feature.feature_type   'SUBJECT OF INVESTIGATION' 
_pdbx_entity_instance_feature.details        ? 
# 
loop_
_pdbx_nonpoly_scheme.asym_id 
_pdbx_nonpoly_scheme.entity_id 
_pdbx_nonpoly_scheme.mon_id 
_pdbx_nonpoly_scheme.ndb_seq_num 
_pdbx_nonpoly_scheme.pdb_seq_num 
_pdbx_nonpoly_scheme.auth_seq_num 
_pdbx_nonpoly_scheme.pdb_mon_id 
_pdbx_nonpoly_scheme.auth_mon_id 
_pdbx_nonpoly_scheme.pdb_strand_id 
_pdbx_nonpoly_scheme.pdb_ins_code 
B 2 YQD 1   201 201 YQD LIG A . 
C 3 CA  1   202 1   CA  CA  A . 
D 4 HOH 1   301 118 HOH HOH A . 
D 4 HOH 2   302 48  HOH HOH A . 
D 4 HOH 3   303 58  HOH HOH A . 
D 4 HOH 4   304 119 HOH HOH A . 
D 4 HOH 5   305 80  HOH HOH A . 
D 4 HOH 6   306 129 HOH HOH A . 
D 4 HOH 7   307 16  HOH HOH A . 
D 4 HOH 8   308 66  HOH HOH A . 
D 4 HOH 9   309 55  HOH HOH A . 
D 4 HOH 10  310 76  HOH HOH A . 
D 4 HOH 11  311 45  HOH HOH A . 
D 4 HOH 12  312 13  HOH HOH A . 
D 4 HOH 13  313 120 HOH HOH A . 
D 4 HOH 14  314 9   HOH HOH A . 
D 4 HOH 15  315 115 HOH HOH A . 
D 4 HOH 16  316 60  HOH HOH A . 
D 4 HOH 17  317 89  HOH HOH A . 
D 4 HOH 18  318 70  HOH HOH A . 
D 4 HOH 19  319 36  HOH HOH A . 
D 4 HOH 20  320 33  HOH HOH A . 
D 4 HOH 21  321 65  HOH HOH A . 
D 4 HOH 22  322 14  HOH HOH A . 
D 4 HOH 23  323 23  HOH HOH A . 
D 4 HOH 24  324 77  HOH HOH A . 
D 4 HOH 25  325 26  HOH HOH A . 
D 4 HOH 26  326 86  HOH HOH A . 
D 4 HOH 27  327 132 HOH HOH A . 
D 4 HOH 28  328 24  HOH HOH A . 
D 4 HOH 29  329 96  HOH HOH A . 
D 4 HOH 30  330 10  HOH HOH A . 
D 4 HOH 31  331 71  HOH HOH A . 
D 4 HOH 32  332 106 HOH HOH A . 
D 4 HOH 33  333 18  HOH HOH A . 
D 4 HOH 34  334 133 HOH HOH A . 
D 4 HOH 35  335 53  HOH HOH A . 
D 4 HOH 36  336 15  HOH HOH A . 
D 4 HOH 37  337 50  HOH HOH A . 
D 4 HOH 38  338 34  HOH HOH A . 
D 4 HOH 39  339 105 HOH HOH A . 
D 4 HOH 40  340 61  HOH HOH A . 
D 4 HOH 41  341 7   HOH HOH A . 
D 4 HOH 42  342 3   HOH HOH A . 
D 4 HOH 43  343 110 HOH HOH A . 
D 4 HOH 44  344 63  HOH HOH A . 
D 4 HOH 45  345 109 HOH HOH A . 
D 4 HOH 46  346 101 HOH HOH A . 
D 4 HOH 47  347 54  HOH HOH A . 
D 4 HOH 48  348 4   HOH HOH A . 
D 4 HOH 49  349 30  HOH HOH A . 
D 4 HOH 50  350 92  HOH HOH A . 
D 4 HOH 51  351 82  HOH HOH A . 
D 4 HOH 52  352 87  HOH HOH A . 
D 4 HOH 53  353 108 HOH HOH A . 
D 4 HOH 54  354 31  HOH HOH A . 
D 4 HOH 55  355 95  HOH HOH A . 
D 4 HOH 56  356 11  HOH HOH A . 
D 4 HOH 57  357 43  HOH HOH A . 
D 4 HOH 58  358 47  HOH HOH A . 
D 4 HOH 59  359 88  HOH HOH A . 
D 4 HOH 60  360 83  HOH HOH A . 
D 4 HOH 61  361 44  HOH HOH A . 
D 4 HOH 62  362 20  HOH HOH A . 
D 4 HOH 63  363 2   HOH HOH A . 
D 4 HOH 64  364 19  HOH HOH A . 
D 4 HOH 65  365 17  HOH HOH A . 
D 4 HOH 66  366 22  HOH HOH A . 
D 4 HOH 67  367 78  HOH HOH A . 
D 4 HOH 68  368 126 HOH HOH A . 
D 4 HOH 69  369 35  HOH HOH A . 
D 4 HOH 70  370 38  HOH HOH A . 
D 4 HOH 71  371 25  HOH HOH A . 
D 4 HOH 72  372 8   HOH HOH A . 
D 4 HOH 73  373 56  HOH HOH A . 
D 4 HOH 74  374 81  HOH HOH A . 
D 4 HOH 75  375 42  HOH HOH A . 
D 4 HOH 76  376 113 HOH HOH A . 
D 4 HOH 77  377 122 HOH HOH A . 
D 4 HOH 78  378 130 HOH HOH A . 
D 4 HOH 79  379 6   HOH HOH A . 
D 4 HOH 80  380 90  HOH HOH A . 
D 4 HOH 81  381 102 HOH HOH A . 
D 4 HOH 82  382 97  HOH HOH A . 
D 4 HOH 83  383 111 HOH HOH A . 
D 4 HOH 84  384 79  HOH HOH A . 
D 4 HOH 85  385 57  HOH HOH A . 
D 4 HOH 86  386 68  HOH HOH A . 
D 4 HOH 87  387 104 HOH HOH A . 
D 4 HOH 88  388 21  HOH HOH A . 
D 4 HOH 89  389 52  HOH HOH A . 
D 4 HOH 90  390 5   HOH HOH A . 
D 4 HOH 91  391 62  HOH HOH A . 
D 4 HOH 92  392 39  HOH HOH A . 
D 4 HOH 93  393 29  HOH HOH A . 
D 4 HOH 94  394 116 HOH HOH A . 
D 4 HOH 95  395 41  HOH HOH A . 
D 4 HOH 96  396 37  HOH HOH A . 
D 4 HOH 97  397 1   HOH HOH A . 
D 4 HOH 98  398 28  HOH HOH A . 
D 4 HOH 99  399 74  HOH HOH A . 
D 4 HOH 100 400 117 HOH HOH A . 
D 4 HOH 101 401 32  HOH HOH A . 
D 4 HOH 102 402 49  HOH HOH A . 
D 4 HOH 103 403 127 HOH HOH A . 
D 4 HOH 104 404 99  HOH HOH A . 
D 4 HOH 105 405 124 HOH HOH A . 
D 4 HOH 106 406 84  HOH HOH A . 
D 4 HOH 107 407 125 HOH HOH A . 
D 4 HOH 108 408 114 HOH HOH A . 
D 4 HOH 109 409 123 HOH HOH A . 
D 4 HOH 110 410 100 HOH HOH A . 
D 4 HOH 111 411 94  HOH HOH A . 
D 4 HOH 112 412 93  HOH HOH A . 
D 4 HOH 113 413 73  HOH HOH A . 
D 4 HOH 114 414 59  HOH HOH A . 
D 4 HOH 115 415 67  HOH HOH A . 
D 4 HOH 116 416 137 HOH HOH A . 
D 4 HOH 117 417 112 HOH HOH A . 
D 4 HOH 118 418 64  HOH HOH A . 
D 4 HOH 119 419 138 HOH HOH A . 
D 4 HOH 120 420 121 HOH HOH A . 
D 4 HOH 121 421 103 HOH HOH A . 
D 4 HOH 122 422 12  HOH HOH A . 
D 4 HOH 123 423 128 HOH HOH A . 
D 4 HOH 124 424 75  HOH HOH A . 
D 4 HOH 125 425 134 HOH HOH A . 
D 4 HOH 126 426 98  HOH HOH A . 
D 4 HOH 127 427 107 HOH HOH A . 
D 4 HOH 128 428 131 HOH HOH A . 
D 4 HOH 129 429 85  HOH HOH A . 
D 4 HOH 130 430 69  HOH HOH A . 
D 4 HOH 131 431 40  HOH HOH A . 
D 4 HOH 132 432 135 HOH HOH A . 
D 4 HOH 133 433 136 HOH HOH A . 
D 4 HOH 134 434 72  HOH HOH A . 
D 4 HOH 135 435 139 HOH HOH A . 
D 4 HOH 136 436 46  HOH HOH A . 
D 4 HOH 137 437 91  HOH HOH A . 
D 4 HOH 138 438 27  HOH HOH A . 
D 4 HOH 139 439 51  HOH HOH A . 
# 
loop_
_software.citation_id 
_software.classification 
_software.compiler_name 
_software.compiler_version 
_software.contact_author 
_software.contact_author_email 
_software.date 
_software.description 
_software.dependencies 
_software.hardware 
_software.language 
_software.location 
_software.mods 
_software.name 
_software.os 
_software.os_version 
_software.type 
_software.version 
_software.pdbx_ordinal 
? 'data scaling'    ? ? ? ? ? ? ? ? ? ? ? HKL-2000    ? ? ? .           1 
? phasing           ? ? ? ? ? ? ? ? ? ? ? PHASER      ? ? ? 2.8.3       2 
? refinement        ? ? ? ? ? ? ? ? ? ? ? PHENIX      ? ? ? 1.19.1_4122 3 
? 'data extraction' ? ? ? ? ? ? ? ? ? ? ? PDB_EXTRACT ? ? ? 3.27        4 
? 'data reduction'  ? ? ? ? ? ? ? ? ? ? ? HKL-2000    ? ? ? .           5 
# 
_cell.angle_alpha                  90.000 
_cell.angle_alpha_esd              ? 
_cell.angle_beta                   90.000 
_cell.angle_beta_esd               ? 
_cell.angle_gamma                  90.000 
_cell.angle_gamma_esd              ? 
_cell.entry_id                     7M3Z 
_cell.details                      ? 
_cell.formula_units_Z              ? 
_cell.length_a                     46.928 
_cell.length_a_esd                 ? 
_cell.length_b                     85.168 
_cell.length_b_esd                 ? 
_cell.length_c                     53.476 
_cell.length_c_esd                 ? 
_cell.volume                       ? 
_cell.volume_esd                   ? 
_cell.Z_PDB                        8 
_cell.reciprocal_angle_alpha       ? 
_cell.reciprocal_angle_beta        ? 
_cell.reciprocal_angle_gamma       ? 
_cell.reciprocal_angle_alpha_esd   ? 
_cell.reciprocal_angle_beta_esd    ? 
_cell.reciprocal_angle_gamma_esd   ? 
_cell.reciprocal_length_a          ? 
_cell.reciprocal_length_b          ? 
_cell.reciprocal_length_c          ? 
_cell.reciprocal_length_a_esd      ? 
_cell.reciprocal_length_b_esd      ? 
_cell.reciprocal_length_c_esd      ? 
_cell.pdbx_unique_axis             ? 
# 
_symmetry.entry_id                         7M3Z 
_symmetry.cell_setting                     ? 
_symmetry.Int_Tables_number                20 
_symmetry.space_group_name_Hall            ? 
_symmetry.space_group_name_H-M             'C 2 2 21' 
_symmetry.pdbx_full_space_group_name_H-M   ? 
# 
_exptl.absorpt_coefficient_mu     ? 
_exptl.absorpt_correction_T_max   ? 
_exptl.absorpt_correction_T_min   ? 
_exptl.absorpt_correction_type    ? 
_exptl.absorpt_process_details    ? 
_exptl.entry_id                   7M3Z 
_exptl.crystals_number            1 
_exptl.details                    ? 
_exptl.method                     'X-RAY DIFFRACTION' 
_exptl.method_details             ? 
# 
_exptl_crystal.colour                      ? 
_exptl_crystal.density_diffrn              ? 
_exptl_crystal.density_Matthews            2.17 
_exptl_crystal.density_method              ? 
_exptl_crystal.density_percent_sol         43.38 
_exptl_crystal.description                 ? 
_exptl_crystal.F_000                       ? 
_exptl_crystal.id                          1 
_exptl_crystal.preparation                 ? 
_exptl_crystal.size_max                    ? 
_exptl_crystal.size_mid                    ? 
_exptl_crystal.size_min                    ? 
_exptl_crystal.size_rad                    ? 
_exptl_crystal.colour_lustre               ? 
_exptl_crystal.colour_modifier             ? 
_exptl_crystal.colour_primary              ? 
_exptl_crystal.density_meas                ? 
_exptl_crystal.density_meas_esd            ? 
_exptl_crystal.density_meas_gt             ? 
_exptl_crystal.density_meas_lt             ? 
_exptl_crystal.density_meas_temp           ? 
_exptl_crystal.density_meas_temp_esd       ? 
_exptl_crystal.density_meas_temp_gt        ? 
_exptl_crystal.density_meas_temp_lt        ? 
_exptl_crystal.pdbx_crystal_image_url      ? 
_exptl_crystal.pdbx_crystal_image_format   ? 
_exptl_crystal.pdbx_mosaicity              0.247 
_exptl_crystal.pdbx_mosaicity_esd          ? 
# 
_exptl_crystal_grow.apparatus       ? 
_exptl_crystal_grow.atmosphere      ? 
_exptl_crystal_grow.crystal_id      1 
_exptl_crystal_grow.details         ? 
_exptl_crystal_grow.method          'VAPOR DIFFUSION, SITTING DROP' 
_exptl_crystal_grow.method_ref      ? 
_exptl_crystal_grow.pH              ? 
_exptl_crystal_grow.pressure        ? 
_exptl_crystal_grow.pressure_esd    ? 
_exptl_crystal_grow.seeding         ? 
_exptl_crystal_grow.seeding_ref     ? 
_exptl_crystal_grow.temp            291 
_exptl_crystal_grow.temp_details    ? 
_exptl_crystal_grow.temp_esd        ? 
_exptl_crystal_grow.time            ? 
_exptl_crystal_grow.pdbx_details    '0.8 M sodium tartrate dibasic dihydrate, 0.1 M HEPES pH 6.8-8.2, and 10 mM CaCl2' 
_exptl_crystal_grow.pdbx_pH_range   ? 
# 
_diffrn.ambient_environment              ? 
_diffrn.ambient_temp                     100 
_diffrn.ambient_temp_details             ? 
_diffrn.ambient_temp_esd                 ? 
_diffrn.crystal_id                       1 
_diffrn.crystal_support                  ? 
_diffrn.crystal_treatment                ? 
_diffrn.details                          ? 
_diffrn.id                               1 
_diffrn.ambient_pressure                 ? 
_diffrn.ambient_pressure_esd             ? 
_diffrn.ambient_pressure_gt              ? 
_diffrn.ambient_pressure_lt              ? 
_diffrn.ambient_temp_gt                  ? 
_diffrn.ambient_temp_lt                  ? 
_diffrn.pdbx_serial_crystal_experiment   N 
# 
_diffrn_detector.details                      ? 
_diffrn_detector.detector                     CCD 
_diffrn_detector.diffrn_id                    1 
_diffrn_detector.type                         'RAYONIX MX300HE' 
_diffrn_detector.area_resol_mean              ? 
_diffrn_detector.dtime                        ? 
_diffrn_detector.pdbx_frames_total            ? 
_diffrn_detector.pdbx_collection_time_total   ? 
_diffrn_detector.pdbx_collection_date         2019-11-08 
_diffrn_detector.pdbx_frequency               ? 
# 
_diffrn_radiation.collimation                      ? 
_diffrn_radiation.diffrn_id                        1 
_diffrn_radiation.filter_edge                      ? 
_diffrn_radiation.inhomogeneity                    ? 
_diffrn_radiation.monochromator                    ? 
_diffrn_radiation.polarisn_norm                    ? 
_diffrn_radiation.polarisn_ratio                   ? 
_diffrn_radiation.probe                            ? 
_diffrn_radiation.type                             ? 
_diffrn_radiation.xray_symbol                      ? 
_diffrn_radiation.wavelength_id                    1 
_diffrn_radiation.pdbx_monochromatic_or_laue_m_l   M 
_diffrn_radiation.pdbx_wavelength_list             ? 
_diffrn_radiation.pdbx_wavelength                  ? 
_diffrn_radiation.pdbx_diffrn_protocol             'SINGLE WAVELENGTH' 
_diffrn_radiation.pdbx_analyzer                    ? 
_diffrn_radiation.pdbx_scattering_type             x-ray 
# 
_diffrn_radiation_wavelength.id           1 
_diffrn_radiation_wavelength.wavelength   0.987 
_diffrn_radiation_wavelength.wt           1.0 
# 
_diffrn_source.current                     ? 
_diffrn_source.details                     ? 
_diffrn_source.diffrn_id                   1 
_diffrn_source.power                       ? 
_diffrn_source.size                        ? 
_diffrn_source.source                      SYNCHROTRON 
_diffrn_source.target                      ? 
_diffrn_source.type                        'APS BEAMLINE 21-ID-F' 
_diffrn_source.voltage                     ? 
_diffrn_source.take-off_angle              ? 
_diffrn_source.pdbx_wavelength_list        0.987 
_diffrn_source.pdbx_wavelength             ? 
_diffrn_source.pdbx_synchrotron_beamline   21-ID-F 
_diffrn_source.pdbx_synchrotron_site       APS 
# 
_reflns.B_iso_Wilson_estimate            12.150 
_reflns.entry_id                         7M3Z 
_reflns.data_reduction_details           ? 
_reflns.data_reduction_method            ? 
_reflns.d_resolution_high                1.400 
_reflns.d_resolution_low                 30.000 
_reflns.details                          ? 
_reflns.limit_h_max                      ? 
_reflns.limit_h_min                      ? 
_reflns.limit_k_max                      ? 
_reflns.limit_k_min                      ? 
_reflns.limit_l_max                      ? 
_reflns.limit_l_min                      ? 
_reflns.number_all                       ? 
_reflns.number_obs                       21544 
_reflns.observed_criterion               ? 
_reflns.observed_criterion_F_max         ? 
_reflns.observed_criterion_F_min         ? 
_reflns.observed_criterion_I_max         ? 
_reflns.observed_criterion_I_min         ? 
_reflns.observed_criterion_sigma_F       ? 
_reflns.observed_criterion_sigma_I       ? 
_reflns.percent_possible_obs             100.000 
_reflns.R_free_details                   ? 
_reflns.Rmerge_F_all                     ? 
_reflns.Rmerge_F_obs                     ? 
_reflns.Friedel_coverage                 ? 
_reflns.number_gt                        ? 
_reflns.threshold_expression             ? 
_reflns.pdbx_redundancy                  8.000 
_reflns.pdbx_Rmerge_I_obs                0.057 
_reflns.pdbx_Rmerge_I_all                ? 
_reflns.pdbx_Rsym_value                  ? 
_reflns.pdbx_netI_over_av_sigmaI         ? 
_reflns.pdbx_netI_over_sigmaI            11.100 
_reflns.pdbx_res_netI_over_av_sigmaI_2   ? 
_reflns.pdbx_res_netI_over_sigmaI_2      ? 
_reflns.pdbx_chi_squared                 1.437 
_reflns.pdbx_scaling_rejects             ? 
_reflns.pdbx_d_res_high_opt              ? 
_reflns.pdbx_d_res_low_opt               ? 
_reflns.pdbx_d_res_opt_method            ? 
_reflns.phase_calculation_details        ? 
_reflns.pdbx_Rrim_I_all                  0.061 
_reflns.pdbx_Rpim_I_all                  0.021 
_reflns.pdbx_d_opt                       ? 
_reflns.pdbx_number_measured_all         172502 
_reflns.pdbx_diffrn_id                   1 
_reflns.pdbx_ordinal                     1 
_reflns.pdbx_CC_half                     ? 
_reflns.pdbx_CC_star                     ? 
_reflns.pdbx_R_split                     ? 
# 
loop_
_reflns_shell.d_res_high 
_reflns_shell.d_res_low 
_reflns_shell.meanI_over_sigI_all 
_reflns_shell.meanI_over_sigI_obs 
_reflns_shell.number_measured_all 
_reflns_shell.number_measured_obs 
_reflns_shell.number_possible 
_reflns_shell.number_unique_all 
_reflns_shell.number_unique_obs 
_reflns_shell.percent_possible_all 
_reflns_shell.percent_possible_obs 
_reflns_shell.Rmerge_F_all 
_reflns_shell.Rmerge_F_obs 
_reflns_shell.Rmerge_I_all 
_reflns_shell.Rmerge_I_obs 
_reflns_shell.meanI_over_sigI_gt 
_reflns_shell.meanI_over_uI_all 
_reflns_shell.meanI_over_uI_gt 
_reflns_shell.number_measured_gt 
_reflns_shell.number_unique_gt 
_reflns_shell.percent_possible_gt 
_reflns_shell.Rmerge_F_gt 
_reflns_shell.Rmerge_I_gt 
_reflns_shell.pdbx_redundancy 
_reflns_shell.pdbx_Rsym_value 
_reflns_shell.pdbx_chi_squared 
_reflns_shell.pdbx_netI_over_sigmaI_all 
_reflns_shell.pdbx_netI_over_sigmaI_obs 
_reflns_shell.pdbx_Rrim_I_all 
_reflns_shell.pdbx_Rpim_I_all 
_reflns_shell.pdbx_rejects 
_reflns_shell.pdbx_ordinal 
_reflns_shell.pdbx_diffrn_id 
_reflns_shell.pdbx_CC_half 
_reflns_shell.pdbx_CC_star 
_reflns_shell.pdbx_R_split 
1.400 1.420  ? ? ? ? ? ? 1079 100.000 ? ? ? ? 0.416 ? ? ? ? ? ? ? ? 7.200 ? 0.889 ? ? 0.448 0.165 ? 1  1 0.924 ? ? 
1.420 1.450  ? ? ? ? ? ? 1045 100.000 ? ? ? ? 0.375 ? ? ? ? ? ? ? ? 8.000 ? 0.889 ? ? 0.401 0.140 ? 2  1 0.949 ? ? 
1.450 1.480  ? ? ? ? ? ? 1075 100.000 ? ? ? ? 0.334 ? ? ? ? ? ? ? ? 8.000 ? 0.923 ? ? 0.357 0.124 ? 3  1 0.959 ? ? 
1.480 1.510  ? ? ? ? ? ? 1051 100.000 ? ? ? ? 0.290 ? ? ? ? ? ? ? ? 8.100 ? 1.021 ? ? 0.310 0.108 ? 4  1 0.960 ? ? 
1.510 1.540  ? ? ? ? ? ? 1052 100.000 ? ? ? ? 0.265 ? ? ? ? ? ? ? ? 8.000 ? 1.032 ? ? 0.283 0.099 ? 5  1 0.972 ? ? 
1.540 1.580  ? ? ? ? ? ? 1078 100.000 ? ? ? ? 0.223 ? ? ? ? ? ? ? ? 8.000 ? 1.069 ? ? 0.238 0.083 ? 6  1 0.980 ? ? 
1.580 1.620  ? ? ? ? ? ? 1060 100.000 ? ? ? ? 0.189 ? ? ? ? ? ? ? ? 8.100 ? 1.168 ? ? 0.202 0.070 ? 7  1 0.983 ? ? 
1.620 1.660  ? ? ? ? ? ? 1050 100.000 ? ? ? ? 0.164 ? ? ? ? ? ? ? ? 8.100 ? 1.338 ? ? 0.175 0.061 ? 8  1 0.990 ? ? 
1.660 1.710  ? ? ? ? ? ? 1068 100.000 ? ? ? ? 0.160 ? ? ? ? ? ? ? ? 8.100 ? 1.346 ? ? 0.170 0.059 ? 9  1 0.988 ? ? 
1.710 1.760  ? ? ? ? ? ? 1065 100.000 ? ? ? ? 0.143 ? ? ? ? ? ? ? ? 8.100 ? 1.461 ? ? 0.152 0.053 ? 10 1 0.990 ? ? 
1.760 1.830  ? ? ? ? ? ? 1070 100.000 ? ? ? ? 0.129 ? ? ? ? ? ? ? ? 8.100 ? 1.846 ? ? 0.137 0.047 ? 11 1 0.992 ? ? 
1.830 1.900  ? ? ? ? ? ? 1070 100.000 ? ? ? ? 0.109 ? ? ? ? ? ? ? ? 8.100 ? 1.957 ? ? 0.116 0.040 ? 12 1 0.994 ? ? 
1.900 1.990  ? ? ? ? ? ? 1070 100.000 ? ? ? ? 0.091 ? ? ? ? ? ? ? ? 8.100 ? 2.012 ? ? 0.097 0.034 ? 13 1 0.996 ? ? 
1.990 2.090  ? ? ? ? ? ? 1080 100.000 ? ? ? ? 0.078 ? ? ? ? ? ? ? ? 8.200 ? 1.909 ? ? 0.083 0.028 ? 14 1 0.996 ? ? 
2.090 2.220  ? ? ? ? ? ? 1091 100.000 ? ? ? ? 0.065 ? ? ? ? ? ? ? ? 8.100 ? 1.644 ? ? 0.070 0.024 ? 15 1 0.997 ? ? 
2.220 2.390  ? ? ? ? ? ? 1069 100.000 ? ? ? ? 0.062 ? ? ? ? ? ? ? ? 8.100 ? 1.889 ? ? 0.067 0.023 ? 16 1 0.997 ? ? 
2.390 2.630  ? ? ? ? ? ? 1088 100.000 ? ? ? ? 0.059 ? ? ? ? ? ? ? ? 8.100 ? 2.040 ? ? 0.063 0.022 ? 17 1 0.997 ? ? 
2.630 3.020  ? ? ? ? ? ? 1098 100.000 ? ? ? ? 0.042 ? ? ? ? ? ? ? ? 8.100 ? 1.592 ? ? 0.044 0.015 ? 18 1 0.999 ? ? 
3.020 3.800  ? ? ? ? ? ? 1110 100.000 ? ? ? ? 0.030 ? ? ? ? ? ? ? ? 8.000 ? 1.313 ? ? 0.032 0.011 ? 19 1 0.999 ? ? 
3.800 30.000 ? ? ? ? ? ? 1175 99.900  ? ? ? ? 0.027 ? ? ? ? ? ? ? ? 7.500 ? 1.275 ? ? 0.029 0.010 ? 20 1 0.999 ? ? 
# 
_refine.aniso_B[1][1]                            ? 
_refine.aniso_B[1][2]                            ? 
_refine.aniso_B[1][3]                            ? 
_refine.aniso_B[2][2]                            ? 
_refine.aniso_B[2][3]                            ? 
_refine.aniso_B[3][3]                            ? 
_refine.B_iso_max                                56.020 
_refine.B_iso_mean                               17.7081 
_refine.B_iso_min                                6.290 
_refine.correlation_coeff_Fo_to_Fc               ? 
_refine.correlation_coeff_Fo_to_Fc_free          ? 
_refine.details                                  ? 
_refine.diff_density_max                         ? 
_refine.diff_density_max_esd                     ? 
_refine.diff_density_min                         ? 
_refine.diff_density_min_esd                     ? 
_refine.diff_density_rms                         ? 
_refine.diff_density_rms_esd                     ? 
_refine.entry_id                                 7M3Z 
_refine.pdbx_refine_id                           'X-RAY DIFFRACTION' 
_refine.ls_abs_structure_details                 ? 
_refine.ls_abs_structure_Flack                   ? 
_refine.ls_abs_structure_Flack_esd               ? 
_refine.ls_abs_structure_Rogers                  ? 
_refine.ls_abs_structure_Rogers_esd              ? 
_refine.ls_d_res_high                            1.4000 
_refine.ls_d_res_low                             26.7400 
_refine.ls_extinction_coef                       ? 
_refine.ls_extinction_coef_esd                   ? 
_refine.ls_extinction_expression                 ? 
_refine.ls_extinction_method                     ? 
_refine.ls_goodness_of_fit_all                   ? 
_refine.ls_goodness_of_fit_all_esd               ? 
_refine.ls_goodness_of_fit_obs                   ? 
_refine.ls_goodness_of_fit_obs_esd               ? 
_refine.ls_hydrogen_treatment                    ? 
_refine.ls_matrix_type                           ? 
_refine.ls_number_constraints                    ? 
_refine.ls_number_parameters                     ? 
_refine.ls_number_reflns_all                     ? 
_refine.ls_number_reflns_obs                     21523 
_refine.ls_number_reflns_R_free                  1006 
_refine.ls_number_reflns_R_work                  20517 
_refine.ls_number_restraints                     ? 
_refine.ls_percent_reflns_obs                    99.9500 
_refine.ls_percent_reflns_R_free                 4.6700 
_refine.ls_R_factor_all                          ? 
_refine.ls_R_factor_obs                          0.1837 
_refine.ls_R_factor_R_free                       0.1954 
_refine.ls_R_factor_R_free_error                 ? 
_refine.ls_R_factor_R_free_error_details         ? 
_refine.ls_R_factor_R_work                       0.1831 
_refine.ls_R_Fsqd_factor_obs                     ? 
_refine.ls_R_I_factor_obs                        ? 
_refine.ls_redundancy_reflns_all                 ? 
_refine.ls_redundancy_reflns_obs                 ? 
_refine.ls_restrained_S_all                      ? 
_refine.ls_restrained_S_obs                      ? 
_refine.ls_shift_over_esd_max                    ? 
_refine.ls_shift_over_esd_mean                   ? 
_refine.ls_structure_factor_coef                 ? 
_refine.ls_weighting_details                     ? 
_refine.ls_weighting_scheme                      ? 
_refine.ls_wR_factor_all                         ? 
_refine.ls_wR_factor_obs                         ? 
_refine.ls_wR_factor_R_free                      ? 
_refine.ls_wR_factor_R_work                      ? 
_refine.occupancy_max                            ? 
_refine.occupancy_min                            ? 
_refine.solvent_model_details                    'FLAT BULK SOLVENT MODEL' 
_refine.solvent_model_param_bsol                 ? 
_refine.solvent_model_param_ksol                 ? 
_refine.pdbx_R_complete                          ? 
_refine.ls_R_factor_gt                           ? 
_refine.ls_goodness_of_fit_gt                    ? 
_refine.ls_goodness_of_fit_ref                   ? 
_refine.ls_shift_over_su_max                     ? 
_refine.ls_shift_over_su_max_lt                  ? 
_refine.ls_shift_over_su_mean                    ? 
_refine.ls_shift_over_su_mean_lt                 ? 
_refine.pdbx_ls_sigma_I                          ? 
_refine.pdbx_ls_sigma_F                          1.370 
_refine.pdbx_ls_sigma_Fsqd                       ? 
_refine.pdbx_data_cutoff_high_absF               ? 
_refine.pdbx_data_cutoff_high_rms_absF           ? 
_refine.pdbx_data_cutoff_low_absF                ? 
_refine.pdbx_isotropic_thermal_model             ? 
_refine.pdbx_ls_cross_valid_method               THROUGHOUT 
_refine.pdbx_method_to_determine_struct          'MOLECULAR REPLACEMENT' 
_refine.pdbx_starting_model                      5F71 
_refine.pdbx_stereochemistry_target_values       ML 
_refine.pdbx_R_Free_selection_details            ? 
_refine.pdbx_stereochem_target_val_spec_case     ? 
_refine.pdbx_overall_ESU_R                       ? 
_refine.pdbx_overall_ESU_R_Free                  ? 
_refine.pdbx_solvent_vdw_probe_radii             1.1100 
_refine.pdbx_solvent_ion_probe_radii             ? 
_refine.pdbx_solvent_shrinkage_radii             0.9000 
_refine.pdbx_real_space_R                        ? 
_refine.pdbx_density_correlation                 ? 
_refine.pdbx_pd_number_of_powder_patterns        ? 
_refine.pdbx_pd_number_of_points                 ? 
_refine.pdbx_pd_meas_number_of_points            ? 
_refine.pdbx_pd_proc_ls_prof_R_factor            ? 
_refine.pdbx_pd_proc_ls_prof_wR_factor           ? 
_refine.pdbx_pd_Marquardt_correlation_coeff      ? 
_refine.pdbx_pd_Fsqrd_R_factor                   ? 
_refine.pdbx_pd_ls_matrix_band_width             ? 
_refine.pdbx_overall_phase_error                 20.5000 
_refine.pdbx_overall_SU_R_free_Cruickshank_DPI   ? 
_refine.pdbx_overall_SU_R_free_Blow_DPI          ? 
_refine.pdbx_overall_SU_R_Blow_DPI               ? 
_refine.pdbx_TLS_residual_ADP_flag               ? 
_refine.pdbx_diffrn_id                           1 
_refine.overall_SU_B                             ? 
_refine.overall_SU_ML                            0.1000 
_refine.overall_SU_R_Cruickshank_DPI             ? 
_refine.overall_SU_R_free                        ? 
_refine.overall_FOM_free_R_set                   ? 
_refine.overall_FOM_work_R_set                   ? 
_refine.pdbx_average_fsc_overall                 ? 
_refine.pdbx_average_fsc_work                    ? 
_refine.pdbx_average_fsc_free                    ? 
# 
_refine_hist.pdbx_refine_id                   'X-RAY DIFFRACTION' 
_refine_hist.cycle_id                         final 
_refine_hist.details                          ? 
_refine_hist.d_res_high                       1.4000 
_refine_hist.d_res_low                        26.7400 
_refine_hist.number_atoms_solvent             139 
_refine_hist.number_atoms_total               1030 
_refine_hist.number_reflns_all                ? 
_refine_hist.number_reflns_obs                ? 
_refine_hist.number_reflns_R_free             ? 
_refine_hist.number_reflns_R_work             ? 
_refine_hist.R_factor_all                     ? 
_refine_hist.R_factor_obs                     ? 
_refine_hist.R_factor_R_free                  ? 
_refine_hist.R_factor_R_work                  ? 
_refine_hist.pdbx_number_residues_total       109 
_refine_hist.pdbx_B_iso_mean_ligand           13.19 
_refine_hist.pdbx_B_iso_mean_solvent          25.99 
_refine_hist.pdbx_number_atoms_protein        862 
_refine_hist.pdbx_number_atoms_nucleic_acid   0 
_refine_hist.pdbx_number_atoms_ligand         29 
_refine_hist.pdbx_number_atoms_lipid          ? 
_refine_hist.pdbx_number_atoms_carb           ? 
_refine_hist.pdbx_pseudo_atom_details         ? 
# 
loop_
_refine_ls_shell.pdbx_refine_id 
_refine_ls_shell.d_res_high 
_refine_ls_shell.d_res_low 
_refine_ls_shell.number_reflns_all 
_refine_ls_shell.number_reflns_obs 
_refine_ls_shell.number_reflns_R_free 
_refine_ls_shell.number_reflns_R_work 
_refine_ls_shell.percent_reflns_obs 
_refine_ls_shell.percent_reflns_R_free 
_refine_ls_shell.R_factor_all 
_refine_ls_shell.R_factor_obs 
_refine_ls_shell.R_factor_R_free 
_refine_ls_shell.R_factor_R_free_error 
_refine_ls_shell.R_factor_R_work 
_refine_ls_shell.redundancy_reflns_all 
_refine_ls_shell.redundancy_reflns_obs 
_refine_ls_shell.wR_factor_all 
_refine_ls_shell.wR_factor_obs 
_refine_ls_shell.wR_factor_R_free 
_refine_ls_shell.wR_factor_R_work 
_refine_ls_shell.pdbx_R_complete 
_refine_ls_shell.pdbx_total_number_of_bins_used 
_refine_ls_shell.pdbx_phase_error 
_refine_ls_shell.pdbx_fsc_work 
_refine_ls_shell.pdbx_fsc_free 
'X-RAY DIFFRACTION' 1.4000 1.4700  3025 . 119 2906 100.0000 . . . 0.2553 0.0000 0.2207 . . . . . . . 7 . . . 
'X-RAY DIFFRACTION' 1.4700 1.5700  3046 . 132 2914 100.0000 . . . 0.2604 0.0000 0.2004 . . . . . . . 7 . . . 
'X-RAY DIFFRACTION' 1.5700 1.6900  3022 . 175 2847 100.0000 . . . 0.2214 0.0000 0.1860 . . . . . . . 7 . . . 
'X-RAY DIFFRACTION' 1.6900 1.8600  3054 . 156 2898 100.0000 . . . 0.2365 0.0000 0.1852 . . . . . . . 7 . . . 
'X-RAY DIFFRACTION' 1.8600 2.1200  3073 . 145 2928 100.0000 . . . 0.1800 0.0000 0.1790 . . . . . . . 7 . . . 
'X-RAY DIFFRACTION' 2.1200 2.6800  3092 . 122 2970 100.0000 . . . 0.2246 0.0000 0.1962 . . . . . . . 7 . . . 
'X-RAY DIFFRACTION' 2.6800 26.7400 3211 . 157 3054 100.0000 . . . 0.1634 0.0000 0.1690 . . . . . . . 7 . . . 
# 
_struct.entry_id                     7M3Z 
_struct.title                        
;Structure of TIM-3 in complex with N-(4-(8-chloro-2-mehtyl-5-oxo-5,6-dihydro-[1,2,4]triazolo[1,5-c]quinazolin-9-yl)-3-methylphenyl)methanesulfonamdide (compound 35)
;
_struct.pdbx_model_details           ? 
_struct.pdbx_formula_weight          ? 
_struct.pdbx_formula_weight_method   ? 
_struct.pdbx_model_type_details      ? 
_struct.pdbx_CASP_flag               N 
# 
_struct_keywords.entry_id        7M3Z 
_struct_keywords.text            'IgV, IMMUNE SYSTEM' 
_struct_keywords.pdbx_keywords   'IMMUNE SYSTEM' 
# 
loop_
_struct_asym.id 
_struct_asym.pdbx_blank_PDB_chainid_flag 
_struct_asym.pdbx_modified 
_struct_asym.entity_id 
_struct_asym.details 
A N N 1 ? 
B N N 2 ? 
C N N 3 ? 
D N N 4 ? 
# 
_struct_ref.id                         1 
_struct_ref.db_name                    UNP 
_struct_ref.db_code                    HAVR2_HUMAN 
_struct_ref.pdbx_db_accession          Q8TDQ0 
_struct_ref.pdbx_db_isoform            ? 
_struct_ref.entity_id                  1 
_struct_ref.pdbx_seq_one_letter_code   
;SEVEYRAEVGQNAYLPCFYTPAAPGNLVPVCWGKGACPVFECGNVVLRTDERDVNYWTSRYWLNGDFRKGDVSLTIENVT
LADSGIYCCRIQIPGIMNDEKFNLKLVIK
;
_struct_ref.pdbx_align_begin           22 
# 
_struct_ref_seq.align_id                      1 
_struct_ref_seq.ref_id                        1 
_struct_ref_seq.pdbx_PDB_id_code              7M3Z 
_struct_ref_seq.pdbx_strand_id                A 
_struct_ref_seq.seq_align_beg                 1 
_struct_ref_seq.pdbx_seq_align_beg_ins_code   ? 
_struct_ref_seq.seq_align_end                 109 
_struct_ref_seq.pdbx_seq_align_end_ins_code   ? 
_struct_ref_seq.pdbx_db_accession             Q8TDQ0 
_struct_ref_seq.db_align_beg                  22 
_struct_ref_seq.pdbx_db_align_beg_ins_code    ? 
_struct_ref_seq.db_align_end                  130 
_struct_ref_seq.pdbx_db_align_end_ins_code    ? 
_struct_ref_seq.pdbx_auth_seq_align_beg       1 
_struct_ref_seq.pdbx_auth_seq_align_end       109 
# 
_pdbx_struct_assembly.id                   1 
_pdbx_struct_assembly.details              author_and_software_defined_assembly 
_pdbx_struct_assembly.method_details       PISA 
_pdbx_struct_assembly.oligomeric_details   monomeric 
_pdbx_struct_assembly.oligomeric_count     1 
# 
_pdbx_struct_assembly_gen.assembly_id       1 
_pdbx_struct_assembly_gen.oper_expression   1 
_pdbx_struct_assembly_gen.asym_id_list      A,B,C,D 
# 
_pdbx_struct_assembly_auth_evidence.id                     1 
_pdbx_struct_assembly_auth_evidence.assembly_id            1 
_pdbx_struct_assembly_auth_evidence.experimental_support   none 
_pdbx_struct_assembly_auth_evidence.details                ? 
# 
_pdbx_struct_oper_list.id                   1 
_pdbx_struct_oper_list.type                 'identity operation' 
_pdbx_struct_oper_list.name                 1_555 
_pdbx_struct_oper_list.symmetry_operation   x,y,z 
_pdbx_struct_oper_list.matrix[1][1]         1.0000000000 
_pdbx_struct_oper_list.matrix[1][2]         0.0000000000 
_pdbx_struct_oper_list.matrix[1][3]         0.0000000000 
_pdbx_struct_oper_list.vector[1]            0.0000000000 
_pdbx_struct_oper_list.matrix[2][1]         0.0000000000 
_pdbx_struct_oper_list.matrix[2][2]         1.0000000000 
_pdbx_struct_oper_list.matrix[2][3]         0.0000000000 
_pdbx_struct_oper_list.vector[2]            0.0000000000 
_pdbx_struct_oper_list.matrix[3][1]         0.0000000000 
_pdbx_struct_oper_list.matrix[3][2]         0.0000000000 
_pdbx_struct_oper_list.matrix[3][3]         1.0000000000 
_pdbx_struct_oper_list.vector[3]            0.0000000000 
# 
loop_
_struct_conf.conf_type_id 
_struct_conf.id 
_struct_conf.pdbx_PDB_helix_id 
_struct_conf.beg_label_comp_id 
_struct_conf.beg_label_asym_id 
_struct_conf.beg_label_seq_id 
_struct_conf.pdbx_beg_PDB_ins_code 
_struct_conf.end_label_comp_id 
_struct_conf.end_label_asym_id 
_struct_conf.end_label_seq_id 
_struct_conf.pdbx_end_PDB_ins_code 
_struct_conf.beg_auth_comp_id 
_struct_conf.beg_auth_asym_id 
_struct_conf.beg_auth_seq_id 
_struct_conf.end_auth_comp_id 
_struct_conf.end_auth_asym_id 
_struct_conf.end_auth_seq_id 
_struct_conf.pdbx_PDB_helix_class 
_struct_conf.details 
_struct_conf.pdbx_PDB_helix_length 
HELX_P HELX_P1 AA1 ASP A 66 ? GLY A 70 ? ASP A 66 GLY A 70 5 ? 5 
HELX_P HELX_P2 AA2 THR A 80 ? SER A 84 ? THR A 80 SER A 84 5 ? 5 
# 
_struct_conf_type.id          HELX_P 
_struct_conf_type.criteria    ? 
_struct_conf_type.reference   ? 
# 
loop_
_struct_conn.id 
_struct_conn.conn_type_id 
_struct_conn.pdbx_leaving_atom_flag 
_struct_conn.pdbx_PDB_id 
_struct_conn.ptnr1_label_asym_id 
_struct_conn.ptnr1_label_comp_id 
_struct_conn.ptnr1_label_seq_id 
_struct_conn.ptnr1_label_atom_id 
_struct_conn.pdbx_ptnr1_label_alt_id 
_struct_conn.pdbx_ptnr1_PDB_ins_code 
_struct_conn.pdbx_ptnr1_standard_comp_id 
_struct_conn.ptnr1_symmetry 
_struct_conn.ptnr2_label_asym_id 
_struct_conn.ptnr2_label_comp_id 
_struct_conn.ptnr2_label_seq_id 
_struct_conn.ptnr2_label_atom_id 
_struct_conn.pdbx_ptnr2_label_alt_id 
_struct_conn.pdbx_ptnr2_PDB_ins_code 
_struct_conn.ptnr1_auth_asym_id 
_struct_conn.ptnr1_auth_comp_id 
_struct_conn.ptnr1_auth_seq_id 
_struct_conn.ptnr2_auth_asym_id 
_struct_conn.ptnr2_auth_comp_id 
_struct_conn.ptnr2_auth_seq_id 
_struct_conn.ptnr2_symmetry 
_struct_conn.pdbx_ptnr3_label_atom_id 
_struct_conn.pdbx_ptnr3_label_seq_id 
_struct_conn.pdbx_ptnr3_label_comp_id 
_struct_conn.pdbx_ptnr3_label_asym_id 
_struct_conn.pdbx_ptnr3_label_alt_id 
_struct_conn.pdbx_ptnr3_PDB_ins_code 
_struct_conn.details 
_struct_conn.pdbx_dist_value 
_struct_conn.pdbx_value_order 
_struct_conn.pdbx_role 
disulf1 disulf ? ? A CYS 17 SG  ? ? ? 1_555 A CYS 89 SG ? ? A CYS 17  A CYS 89  1_555 ? ? ? ? ? ? ? 2.036 ? ? 
disulf2 disulf ? ? A CYS 31 SG  ? ? ? 1_555 A CYS 42 SG ? ? A CYS 31  A CYS 42  1_555 ? ? ? ? ? ? ? 2.039 ? ? 
disulf3 disulf ? ? A CYS 37 SG  ? ? ? 1_555 A CYS 88 SG ? ? A CYS 37  A CYS 88  1_555 ? ? ? ? ? ? ? 2.051 ? ? 
metalc1 metalc ? ? A ILE 93 O   ? ? ? 1_555 C CA  .  CA ? ? A ILE 93  A CA  202 1_555 ? ? ? ? ? ? ? 2.275 ? ? 
metalc2 metalc ? ? A GLY 95 O   ? ? ? 1_555 C CA  .  CA ? ? A GLY 95  A CA  202 1_555 ? ? ? ? ? ? ? 2.361 ? ? 
metalc3 metalc ? ? A ASN 98 OD1 ? ? ? 1_555 C CA  .  CA ? ? A ASN 98  A CA  202 1_555 ? ? ? ? ? ? ? 2.342 ? ? 
metalc4 metalc ? ? A ASP 99 OD1 ? ? ? 1_555 C CA  .  CA ? ? A ASP 99  A CA  202 1_555 ? ? ? ? ? ? ? 2.317 ? ? 
metalc5 metalc ? ? C CA  .  CA  ? ? ? 1_555 D HOH .  O  ? ? A CA  202 A HOH 402 1_555 ? ? ? ? ? ? ? 2.414 ? ? 
# 
loop_
_struct_conn_type.id 
_struct_conn_type.criteria 
_struct_conn_type.reference 
disulf ? ? 
metalc ? ? 
# 
loop_
_pdbx_struct_conn_angle.id 
_pdbx_struct_conn_angle.ptnr1_label_atom_id 
_pdbx_struct_conn_angle.ptnr1_label_alt_id 
_pdbx_struct_conn_angle.ptnr1_label_asym_id 
_pdbx_struct_conn_angle.ptnr1_label_comp_id 
_pdbx_struct_conn_angle.ptnr1_label_seq_id 
_pdbx_struct_conn_angle.ptnr1_auth_atom_id 
_pdbx_struct_conn_angle.ptnr1_auth_asym_id 
_pdbx_struct_conn_angle.ptnr1_auth_comp_id 
_pdbx_struct_conn_angle.ptnr1_auth_seq_id 
_pdbx_struct_conn_angle.ptnr1_PDB_ins_code 
_pdbx_struct_conn_angle.ptnr1_symmetry 
_pdbx_struct_conn_angle.ptnr2_label_atom_id 
_pdbx_struct_conn_angle.ptnr2_label_alt_id 
_pdbx_struct_conn_angle.ptnr2_label_asym_id 
_pdbx_struct_conn_angle.ptnr2_label_comp_id 
_pdbx_struct_conn_angle.ptnr2_label_seq_id 
_pdbx_struct_conn_angle.ptnr2_auth_atom_id 
_pdbx_struct_conn_angle.ptnr2_auth_asym_id 
_pdbx_struct_conn_angle.ptnr2_auth_comp_id 
_pdbx_struct_conn_angle.ptnr2_auth_seq_id 
_pdbx_struct_conn_angle.ptnr2_PDB_ins_code 
_pdbx_struct_conn_angle.ptnr2_symmetry 
_pdbx_struct_conn_angle.ptnr3_label_atom_id 
_pdbx_struct_conn_angle.ptnr3_label_alt_id 
_pdbx_struct_conn_angle.ptnr3_label_asym_id 
_pdbx_struct_conn_angle.ptnr3_label_comp_id 
_pdbx_struct_conn_angle.ptnr3_label_seq_id 
_pdbx_struct_conn_angle.ptnr3_auth_atom_id 
_pdbx_struct_conn_angle.ptnr3_auth_asym_id 
_pdbx_struct_conn_angle.ptnr3_auth_comp_id 
_pdbx_struct_conn_angle.ptnr3_auth_seq_id 
_pdbx_struct_conn_angle.ptnr3_PDB_ins_code 
_pdbx_struct_conn_angle.ptnr3_symmetry 
_pdbx_struct_conn_angle.value 
_pdbx_struct_conn_angle.value_esd 
1  O   ? A ILE 93 ? A ILE 93 ? 1_555 CA ? C CA . ? A CA 202 ? 1_555 O   ? A GLY 95 ? A GLY 95  ? 1_555 99.3  ? 
2  O   ? A ILE 93 ? A ILE 93 ? 1_555 CA ? C CA . ? A CA 202 ? 1_555 OD1 ? A ASN 98 ? A ASN 98  ? 1_555 87.7  ? 
3  O   ? A GLY 95 ? A GLY 95 ? 1_555 CA ? C CA . ? A CA 202 ? 1_555 OD1 ? A ASN 98 ? A ASN 98  ? 1_555 77.8  ? 
4  O   ? A ILE 93 ? A ILE 93 ? 1_555 CA ? C CA . ? A CA 202 ? 1_555 OD1 ? A ASP 99 ? A ASP 99  ? 1_555 92.4  ? 
5  O   ? A GLY 95 ? A GLY 95 ? 1_555 CA ? C CA . ? A CA 202 ? 1_555 OD1 ? A ASP 99 ? A ASP 99  ? 1_555 167.8 ? 
6  OD1 ? A ASN 98 ? A ASN 98 ? 1_555 CA ? C CA . ? A CA 202 ? 1_555 OD1 ? A ASP 99 ? A ASP 99  ? 1_555 106.5 ? 
7  O   ? A ILE 93 ? A ILE 93 ? 1_555 CA ? C CA . ? A CA 202 ? 1_555 O   ? D HOH .  ? A HOH 402 ? 1_555 82.2  ? 
8  O   ? A GLY 95 ? A GLY 95 ? 1_555 CA ? C CA . ? A CA 202 ? 1_555 O   ? D HOH .  ? A HOH 402 ? 1_555 89.5  ? 
9  OD1 ? A ASN 98 ? A ASN 98 ? 1_555 CA ? C CA . ? A CA 202 ? 1_555 O   ? D HOH .  ? A HOH 402 ? 1_555 162.3 ? 
10 OD1 ? A ASP 99 ? A ASP 99 ? 1_555 CA ? C CA . ? A CA 202 ? 1_555 O   ? D HOH .  ? A HOH 402 ? 1_555 88.5  ? 
# 
loop_
_pdbx_modification_feature.ordinal 
_pdbx_modification_feature.label_comp_id 
_pdbx_modification_feature.label_asym_id 
_pdbx_modification_feature.label_seq_id 
_pdbx_modification_feature.label_alt_id 
_pdbx_modification_feature.modified_residue_label_comp_id 
_pdbx_modification_feature.modified_residue_label_asym_id 
_pdbx_modification_feature.modified_residue_label_seq_id 
_pdbx_modification_feature.modified_residue_label_alt_id 
_pdbx_modification_feature.auth_comp_id 
_pdbx_modification_feature.auth_asym_id 
_pdbx_modification_feature.auth_seq_id 
_pdbx_modification_feature.PDB_ins_code 
_pdbx_modification_feature.symmetry 
_pdbx_modification_feature.modified_residue_auth_comp_id 
_pdbx_modification_feature.modified_residue_auth_asym_id 
_pdbx_modification_feature.modified_residue_auth_seq_id 
_pdbx_modification_feature.modified_residue_PDB_ins_code 
_pdbx_modification_feature.modified_residue_symmetry 
_pdbx_modification_feature.comp_id_linking_atom 
_pdbx_modification_feature.modified_residue_id_linking_atom 
_pdbx_modification_feature.modified_residue_id 
_pdbx_modification_feature.ref_pcm_id 
_pdbx_modification_feature.ref_comp_id 
_pdbx_modification_feature.type 
_pdbx_modification_feature.category 
1 CYS A 17 ? CYS A 89 ? CYS A 17 ? 1_555 CYS A 89 ? 1_555 SG SG . . . None 'Disulfide bridge' 
2 CYS A 31 ? CYS A 42 ? CYS A 31 ? 1_555 CYS A 42 ? 1_555 SG SG . . . None 'Disulfide bridge' 
3 CYS A 37 ? CYS A 88 ? CYS A 37 ? 1_555 CYS A 88 ? 1_555 SG SG . . . None 'Disulfide bridge' 
# 
loop_
_struct_sheet.id 
_struct_sheet.type 
_struct_sheet.number_strands 
_struct_sheet.details 
AA1 ? 6 ? 
AA2 ? 3 ? 
# 
loop_
_struct_sheet_order.sheet_id 
_struct_sheet_order.range_id_1 
_struct_sheet_order.range_id_2 
_struct_sheet_order.offset 
_struct_sheet_order.sense 
AA1 1 2 ? parallel      
AA1 2 3 ? anti-parallel 
AA1 3 4 ? anti-parallel 
AA1 4 5 ? anti-parallel 
AA1 5 6 ? anti-parallel 
AA2 1 2 ? anti-parallel 
AA2 2 3 ? anti-parallel 
# 
loop_
_struct_sheet_range.sheet_id 
_struct_sheet_range.id 
_struct_sheet_range.beg_label_comp_id 
_struct_sheet_range.beg_label_asym_id 
_struct_sheet_range.beg_label_seq_id 
_struct_sheet_range.pdbx_beg_PDB_ins_code 
_struct_sheet_range.end_label_comp_id 
_struct_sheet_range.end_label_asym_id 
_struct_sheet_range.end_label_seq_id 
_struct_sheet_range.pdbx_end_PDB_ins_code 
_struct_sheet_range.beg_auth_comp_id 
_struct_sheet_range.beg_auth_asym_id 
_struct_sheet_range.beg_auth_seq_id 
_struct_sheet_range.end_auth_comp_id 
_struct_sheet_range.end_auth_asym_id 
_struct_sheet_range.end_auth_seq_id 
AA1 1 TYR A 5   ? GLU A 8   ? TYR A 5   GLU A 8   
AA1 2 GLU A 100 ? LYS A 109 ? GLU A 100 LYS A 109 
AA1 3 GLY A 85  ? ILE A 91  ? GLY A 85  ILE A 91  
AA1 4 VAL A 30  ? LYS A 34  ? VAL A 30  LYS A 34  
AA1 5 ASN A 44  ? THR A 49  ? ASN A 44  THR A 49  
AA1 6 VAL A 54  ? TRP A 57  ? VAL A 54  TRP A 57  
AA2 1 ALA A 13  ? LEU A 15  ? ALA A 13  LEU A 15  
AA2 2 LEU A 74  ? ILE A 76  ? LEU A 74  ILE A 76  
AA2 3 TYR A 61  ? TRP A 62  ? TYR A 61  TRP A 62  
# 
loop_
_pdbx_struct_sheet_hbond.sheet_id 
_pdbx_struct_sheet_hbond.range_id_1 
_pdbx_struct_sheet_hbond.range_id_2 
_pdbx_struct_sheet_hbond.range_1_label_atom_id 
_pdbx_struct_sheet_hbond.range_1_label_comp_id 
_pdbx_struct_sheet_hbond.range_1_label_asym_id 
_pdbx_struct_sheet_hbond.range_1_label_seq_id 
_pdbx_struct_sheet_hbond.range_1_PDB_ins_code 
_pdbx_struct_sheet_hbond.range_1_auth_atom_id 
_pdbx_struct_sheet_hbond.range_1_auth_comp_id 
_pdbx_struct_sheet_hbond.range_1_auth_asym_id 
_pdbx_struct_sheet_hbond.range_1_auth_seq_id 
_pdbx_struct_sheet_hbond.range_2_label_atom_id 
_pdbx_struct_sheet_hbond.range_2_label_comp_id 
_pdbx_struct_sheet_hbond.range_2_label_asym_id 
_pdbx_struct_sheet_hbond.range_2_label_seq_id 
_pdbx_struct_sheet_hbond.range_2_PDB_ins_code 
_pdbx_struct_sheet_hbond.range_2_auth_atom_id 
_pdbx_struct_sheet_hbond.range_2_auth_comp_id 
_pdbx_struct_sheet_hbond.range_2_auth_asym_id 
_pdbx_struct_sheet_hbond.range_2_auth_seq_id 
AA1 1 2 N TYR A 5   ? N TYR A 5   O VAL A 107 ? O VAL A 107 
AA1 2 3 O LEU A 106 ? O LEU A 106 N GLY A 85  ? N GLY A 85  
AA1 3 4 O ARG A 90  ? O ARG A 90  N CYS A 31  ? N CYS A 31  
AA1 4 5 N LYS A 34  ? N LYS A 34  O ASN A 44  ? O ASN A 44  
AA1 5 6 N ARG A 48  ? N ARG A 48  O TYR A 56  ? O TYR A 56  
AA2 1 2 N LEU A 15  ? N LEU A 15  O LEU A 74  ? O LEU A 74  
AA2 2 3 O THR A 75  ? O THR A 75  N TRP A 62  ? N TRP A 62  
# 
_pdbx_entry_details.entry_id                   7M3Z 
_pdbx_entry_details.has_ligand_of_interest     Y 
_pdbx_entry_details.compound_details           ? 
_pdbx_entry_details.source_details             ? 
_pdbx_entry_details.nonpolymer_details         ? 
_pdbx_entry_details.sequence_details           ? 
_pdbx_entry_details.has_protein_modification   Y 
# 
_pdbx_validate_close_contact.id               1 
_pdbx_validate_close_contact.PDB_model_num    1 
_pdbx_validate_close_contact.auth_atom_id_1   O 
_pdbx_validate_close_contact.auth_asym_id_1   A 
_pdbx_validate_close_contact.auth_comp_id_1   HOH 
_pdbx_validate_close_contact.auth_seq_id_1    394 
_pdbx_validate_close_contact.PDB_ins_code_1   ? 
_pdbx_validate_close_contact.label_alt_id_1   ? 
_pdbx_validate_close_contact.auth_atom_id_2   O 
_pdbx_validate_close_contact.auth_asym_id_2   A 
_pdbx_validate_close_contact.auth_comp_id_2   HOH 
_pdbx_validate_close_contact.auth_seq_id_2    400 
_pdbx_validate_close_contact.PDB_ins_code_2   ? 
_pdbx_validate_close_contact.label_alt_id_2   ? 
_pdbx_validate_close_contact.dist             2.07 
# 
loop_
_pdbx_validate_symm_contact.id 
_pdbx_validate_symm_contact.PDB_model_num 
_pdbx_validate_symm_contact.auth_atom_id_1 
_pdbx_validate_symm_contact.auth_asym_id_1 
_pdbx_validate_symm_contact.auth_comp_id_1 
_pdbx_validate_symm_contact.auth_seq_id_1 
_pdbx_validate_symm_contact.PDB_ins_code_1 
_pdbx_validate_symm_contact.label_alt_id_1 
_pdbx_validate_symm_contact.site_symmetry_1 
_pdbx_validate_symm_contact.auth_atom_id_2 
_pdbx_validate_symm_contact.auth_asym_id_2 
_pdbx_validate_symm_contact.auth_comp_id_2 
_pdbx_validate_symm_contact.auth_seq_id_2 
_pdbx_validate_symm_contact.PDB_ins_code_2 
_pdbx_validate_symm_contact.label_alt_id_2 
_pdbx_validate_symm_contact.site_symmetry_2 
_pdbx_validate_symm_contact.dist 
1 1 O A HOH 335 ? ? 1_555 O A HOH 335 ? ? 3_654 1.95 
2 1 O A HOH 304 ? ? 1_555 O A HOH 423 ? ? 3_554 2.17 
# 
loop_
_pdbx_validate_torsion.id 
_pdbx_validate_torsion.PDB_model_num 
_pdbx_validate_torsion.auth_comp_id 
_pdbx_validate_torsion.auth_asym_id 
_pdbx_validate_torsion.auth_seq_id 
_pdbx_validate_torsion.PDB_ins_code 
_pdbx_validate_torsion.label_alt_id 
_pdbx_validate_torsion.phi 
_pdbx_validate_torsion.psi 
1 1 PHE A 40 ? ? 55.40   -126.88 
2 1 CYS A 42 ? ? -148.34 39.54   
3 1 ASP A 50 ? ? -121.67 -156.74 
4 1 ARG A 60 ? ? 91.14   -11.12  
5 1 ASN A 98 ? ? -140.62 10.45   
# 
_pdbx_struct_special_symmetry.id              1 
_pdbx_struct_special_symmetry.PDB_model_num   1 
_pdbx_struct_special_symmetry.auth_asym_id    A 
_pdbx_struct_special_symmetry.auth_comp_id    HOH 
_pdbx_struct_special_symmetry.auth_seq_id     397 
_pdbx_struct_special_symmetry.PDB_ins_code    ? 
_pdbx_struct_special_symmetry.label_asym_id   D 
_pdbx_struct_special_symmetry.label_comp_id   HOH 
_pdbx_struct_special_symmetry.label_seq_id    . 
# 
_pdbx_phasing_MR.entry_id                     7M3Z 
_pdbx_phasing_MR.method_rotation              ? 
_pdbx_phasing_MR.method_translation           ? 
_pdbx_phasing_MR.model_details                ? 
_pdbx_phasing_MR.R_factor                     ? 
_pdbx_phasing_MR.R_rigid_body                 ? 
_pdbx_phasing_MR.correlation_coeff_Fo_to_Fc   ? 
_pdbx_phasing_MR.correlation_coeff_Io_to_Ic   ? 
_pdbx_phasing_MR.d_res_high_rotation          4.490 
_pdbx_phasing_MR.d_res_low_rotation           26.740 
_pdbx_phasing_MR.d_res_high_translation       ? 
_pdbx_phasing_MR.d_res_low_translation        ? 
_pdbx_phasing_MR.packing                      ? 
_pdbx_phasing_MR.reflns_percent_rotation      ? 
_pdbx_phasing_MR.reflns_percent_translation   ? 
_pdbx_phasing_MR.sigma_F_rotation             ? 
_pdbx_phasing_MR.sigma_F_translation          ? 
_pdbx_phasing_MR.sigma_I_rotation             ? 
_pdbx_phasing_MR.sigma_I_translation          ? 
# 
_phasing.method   MR 
# 
loop_
_chem_comp_atom.comp_id 
_chem_comp_atom.atom_id 
_chem_comp_atom.type_symbol 
_chem_comp_atom.pdbx_aromatic_flag 
_chem_comp_atom.pdbx_stereo_config 
_chem_comp_atom.pdbx_ordinal 
ALA N    N  N N 1   
ALA CA   C  N S 2   
ALA C    C  N N 3   
ALA O    O  N N 4   
ALA CB   C  N N 5   
ALA OXT  O  N N 6   
ALA H    H  N N 7   
ALA H2   H  N N 8   
ALA HA   H  N N 9   
ALA HB1  H  N N 10  
ALA HB2  H  N N 11  
ALA HB3  H  N N 12  
ALA HXT  H  N N 13  
ARG N    N  N N 14  
ARG CA   C  N S 15  
ARG C    C  N N 16  
ARG O    O  N N 17  
ARG CB   C  N N 18  
ARG CG   C  N N 19  
ARG CD   C  N N 20  
ARG NE   N  N N 21  
ARG CZ   C  N N 22  
ARG NH1  N  N N 23  
ARG NH2  N  N N 24  
ARG OXT  O  N N 25  
ARG H    H  N N 26  
ARG H2   H  N N 27  
ARG HA   H  N N 28  
ARG HB2  H  N N 29  
ARG HB3  H  N N 30  
ARG HG2  H  N N 31  
ARG HG3  H  N N 32  
ARG HD2  H  N N 33  
ARG HD3  H  N N 34  
ARG HE   H  N N 35  
ARG HH11 H  N N 36  
ARG HH12 H  N N 37  
ARG HH21 H  N N 38  
ARG HH22 H  N N 39  
ARG HXT  H  N N 40  
ASN N    N  N N 41  
ASN CA   C  N S 42  
ASN C    C  N N 43  
ASN O    O  N N 44  
ASN CB   C  N N 45  
ASN CG   C  N N 46  
ASN OD1  O  N N 47  
ASN ND2  N  N N 48  
ASN OXT  O  N N 49  
ASN H    H  N N 50  
ASN H2   H  N N 51  
ASN HA   H  N N 52  
ASN HB2  H  N N 53  
ASN HB3  H  N N 54  
ASN HD21 H  N N 55  
ASN HD22 H  N N 56  
ASN HXT  H  N N 57  
ASP N    N  N N 58  
ASP CA   C  N S 59  
ASP C    C  N N 60  
ASP O    O  N N 61  
ASP CB   C  N N 62  
ASP CG   C  N N 63  
ASP OD1  O  N N 64  
ASP OD2  O  N N 65  
ASP OXT  O  N N 66  
ASP H    H  N N 67  
ASP H2   H  N N 68  
ASP HA   H  N N 69  
ASP HB2  H  N N 70  
ASP HB3  H  N N 71  
ASP HD2  H  N N 72  
ASP HXT  H  N N 73  
CA  CA   CA N N 74  
CYS N    N  N N 75  
CYS CA   C  N R 76  
CYS C    C  N N 77  
CYS O    O  N N 78  
CYS CB   C  N N 79  
CYS SG   S  N N 80  
CYS OXT  O  N N 81  
CYS H    H  N N 82  
CYS H2   H  N N 83  
CYS HA   H  N N 84  
CYS HB2  H  N N 85  
CYS HB3  H  N N 86  
CYS HG   H  N N 87  
CYS HXT  H  N N 88  
GLN N    N  N N 89  
GLN CA   C  N S 90  
GLN C    C  N N 91  
GLN O    O  N N 92  
GLN CB   C  N N 93  
GLN CG   C  N N 94  
GLN CD   C  N N 95  
GLN OE1  O  N N 96  
GLN NE2  N  N N 97  
GLN OXT  O  N N 98  
GLN H    H  N N 99  
GLN H2   H  N N 100 
GLN HA   H  N N 101 
GLN HB2  H  N N 102 
GLN HB3  H  N N 103 
GLN HG2  H  N N 104 
GLN HG3  H  N N 105 
GLN HE21 H  N N 106 
GLN HE22 H  N N 107 
GLN HXT  H  N N 108 
GLU N    N  N N 109 
GLU CA   C  N S 110 
GLU C    C  N N 111 
GLU O    O  N N 112 
GLU CB   C  N N 113 
GLU CG   C  N N 114 
GLU CD   C  N N 115 
GLU OE1  O  N N 116 
GLU OE2  O  N N 117 
GLU OXT  O  N N 118 
GLU H    H  N N 119 
GLU H2   H  N N 120 
GLU HA   H  N N 121 
GLU HB2  H  N N 122 
GLU HB3  H  N N 123 
GLU HG2  H  N N 124 
GLU HG3  H  N N 125 
GLU HE2  H  N N 126 
GLU HXT  H  N N 127 
GLY N    N  N N 128 
GLY CA   C  N N 129 
GLY C    C  N N 130 
GLY O    O  N N 131 
GLY OXT  O  N N 132 
GLY H    H  N N 133 
GLY H2   H  N N 134 
GLY HA2  H  N N 135 
GLY HA3  H  N N 136 
GLY HXT  H  N N 137 
HOH O    O  N N 138 
HOH H1   H  N N 139 
HOH H2   H  N N 140 
ILE N    N  N N 141 
ILE CA   C  N S 142 
ILE C    C  N N 143 
ILE O    O  N N 144 
ILE CB   C  N S 145 
ILE CG1  C  N N 146 
ILE CG2  C  N N 147 
ILE CD1  C  N N 148 
ILE OXT  O  N N 149 
ILE H    H  N N 150 
ILE H2   H  N N 151 
ILE HA   H  N N 152 
ILE HB   H  N N 153 
ILE HG12 H  N N 154 
ILE HG13 H  N N 155 
ILE HG21 H  N N 156 
ILE HG22 H  N N 157 
ILE HG23 H  N N 158 
ILE HD11 H  N N 159 
ILE HD12 H  N N 160 
ILE HD13 H  N N 161 
ILE HXT  H  N N 162 
LEU N    N  N N 163 
LEU CA   C  N S 164 
LEU C    C  N N 165 
LEU O    O  N N 166 
LEU CB   C  N N 167 
LEU CG   C  N N 168 
LEU CD1  C  N N 169 
LEU CD2  C  N N 170 
LEU OXT  O  N N 171 
LEU H    H  N N 172 
LEU H2   H  N N 173 
LEU HA   H  N N 174 
LEU HB2  H  N N 175 
LEU HB3  H  N N 176 
LEU HG   H  N N 177 
LEU HD11 H  N N 178 
LEU HD12 H  N N 179 
LEU HD13 H  N N 180 
LEU HD21 H  N N 181 
LEU HD22 H  N N 182 
LEU HD23 H  N N 183 
LEU HXT  H  N N 184 
LYS N    N  N N 185 
LYS CA   C  N S 186 
LYS C    C  N N 187 
LYS O    O  N N 188 
LYS CB   C  N N 189 
LYS CG   C  N N 190 
LYS CD   C  N N 191 
LYS CE   C  N N 192 
LYS NZ   N  N N 193 
LYS OXT  O  N N 194 
LYS H    H  N N 195 
LYS H2   H  N N 196 
LYS HA   H  N N 197 
LYS HB2  H  N N 198 
LYS HB3  H  N N 199 
LYS HG2  H  N N 200 
LYS HG3  H  N N 201 
LYS HD2  H  N N 202 
LYS HD3  H  N N 203 
LYS HE2  H  N N 204 
LYS HE3  H  N N 205 
LYS HZ1  H  N N 206 
LYS HZ2  H  N N 207 
LYS HZ3  H  N N 208 
LYS HXT  H  N N 209 
MET N    N  N N 210 
MET CA   C  N S 211 
MET C    C  N N 212 
MET O    O  N N 213 
MET CB   C  N N 214 
MET CG   C  N N 215 
MET SD   S  N N 216 
MET CE   C  N N 217 
MET OXT  O  N N 218 
MET H    H  N N 219 
MET H2   H  N N 220 
MET HA   H  N N 221 
MET HB2  H  N N 222 
MET HB3  H  N N 223 
MET HG2  H  N N 224 
MET HG3  H  N N 225 
MET HE1  H  N N 226 
MET HE2  H  N N 227 
MET HE3  H  N N 228 
MET HXT  H  N N 229 
PHE N    N  N N 230 
PHE CA   C  N S 231 
PHE C    C  N N 232 
PHE O    O  N N 233 
PHE CB   C  N N 234 
PHE CG   C  Y N 235 
PHE CD1  C  Y N 236 
PHE CD2  C  Y N 237 
PHE CE1  C  Y N 238 
PHE CE2  C  Y N 239 
PHE CZ   C  Y N 240 
PHE OXT  O  N N 241 
PHE H    H  N N 242 
PHE H2   H  N N 243 
PHE HA   H  N N 244 
PHE HB2  H  N N 245 
PHE HB3  H  N N 246 
PHE HD1  H  N N 247 
PHE HD2  H  N N 248 
PHE HE1  H  N N 249 
PHE HE2  H  N N 250 
PHE HZ   H  N N 251 
PHE HXT  H  N N 252 
PRO N    N  N N 253 
PRO CA   C  N S 254 
PRO C    C  N N 255 
PRO O    O  N N 256 
PRO CB   C  N N 257 
PRO CG   C  N N 258 
PRO CD   C  N N 259 
PRO OXT  O  N N 260 
PRO H    H  N N 261 
PRO HA   H  N N 262 
PRO HB2  H  N N 263 
PRO HB3  H  N N 264 
PRO HG2  H  N N 265 
PRO HG3  H  N N 266 
PRO HD2  H  N N 267 
PRO HD3  H  N N 268 
PRO HXT  H  N N 269 
SER N    N  N N 270 
SER CA   C  N S 271 
SER C    C  N N 272 
SER O    O  N N 273 
SER CB   C  N N 274 
SER OG   O  N N 275 
SER OXT  O  N N 276 
SER H    H  N N 277 
SER H2   H  N N 278 
SER HA   H  N N 279 
SER HB2  H  N N 280 
SER HB3  H  N N 281 
SER HG   H  N N 282 
SER HXT  H  N N 283 
THR N    N  N N 284 
THR CA   C  N S 285 
THR C    C  N N 286 
THR O    O  N N 287 
THR CB   C  N R 288 
THR OG1  O  N N 289 
THR CG2  C  N N 290 
THR OXT  O  N N 291 
THR H    H  N N 292 
THR H2   H  N N 293 
THR HA   H  N N 294 
THR HB   H  N N 295 
THR HG1  H  N N 296 
THR HG21 H  N N 297 
THR HG22 H  N N 298 
THR HG23 H  N N 299 
THR HXT  H  N N 300 
TRP N    N  N N 301 
TRP CA   C  N S 302 
TRP C    C  N N 303 
TRP O    O  N N 304 
TRP CB   C  N N 305 
TRP CG   C  Y N 306 
TRP CD1  C  Y N 307 
TRP CD2  C  Y N 308 
TRP NE1  N  Y N 309 
TRP CE2  C  Y N 310 
TRP CE3  C  Y N 311 
TRP CZ2  C  Y N 312 
TRP CZ3  C  Y N 313 
TRP CH2  C  Y N 314 
TRP OXT  O  N N 315 
TRP H    H  N N 316 
TRP H2   H  N N 317 
TRP HA   H  N N 318 
TRP HB2  H  N N 319 
TRP HB3  H  N N 320 
TRP HD1  H  N N 321 
TRP HE1  H  N N 322 
TRP HE3  H  N N 323 
TRP HZ2  H  N N 324 
TRP HZ3  H  N N 325 
TRP HH2  H  N N 326 
TRP HXT  H  N N 327 
TYR N    N  N N 328 
TYR CA   C  N S 329 
TYR C    C  N N 330 
TYR O    O  N N 331 
TYR CB   C  N N 332 
TYR CG   C  Y N 333 
TYR CD1  C  Y N 334 
TYR CD2  C  Y N 335 
TYR CE1  C  Y N 336 
TYR CE2  C  Y N 337 
TYR CZ   C  Y N 338 
TYR OH   O  N N 339 
TYR OXT  O  N N 340 
TYR H    H  N N 341 
TYR H2   H  N N 342 
TYR HA   H  N N 343 
TYR HB2  H  N N 344 
TYR HB3  H  N N 345 
TYR HD1  H  N N 346 
TYR HD2  H  N N 347 
TYR HE1  H  N N 348 
TYR HE2  H  N N 349 
TYR HH   H  N N 350 
TYR HXT  H  N N 351 
VAL N    N  N N 352 
VAL CA   C  N S 353 
VAL C    C  N N 354 
VAL O    O  N N 355 
VAL CB   C  N N 356 
VAL CG1  C  N N 357 
VAL CG2  C  N N 358 
VAL OXT  O  N N 359 
VAL H    H  N N 360 
VAL H2   H  N N 361 
VAL HA   H  N N 362 
VAL HB   H  N N 363 
VAL HG11 H  N N 364 
VAL HG12 H  N N 365 
VAL HG13 H  N N 366 
VAL HG21 H  N N 367 
VAL HG22 H  N N 368 
VAL HG23 H  N N 369 
VAL HXT  H  N N 370 
YQD N1   N  N N 371 
YQD N3   N  Y N 372 
YQD C4   C  Y N 373 
YQD C5   C  Y N 374 
YQD C6   C  Y N 375 
YQD C7   C  N N 376 
YQD C8   C  Y N 377 
YQD C10  C  N N 378 
YQD C13  C  Y N 379 
YQD C15  C  Y N 380 
YQD C17  C  N N 381 
YQD C1   C  Y N 382 
YQD C11  C  Y N 383 
YQD C12  C  Y N 384 
YQD C14  C  Y N 385 
YQD C16  C  Y N 386 
YQD C18  C  N N 387 
YQD C2   C  Y N 388 
YQD C3   C  Y N 389 
YQD C9   C  Y N 390 
YQD N2   N  Y N 391 
YQD N4   N  Y N 392 
YQD N5   N  N N 393 
YQD O1   O  N N 394 
YQD O2   O  N N 395 
YQD O3   O  N N 396 
YQD S1   S  N N 397 
YQD CL1  CL N N 398 
YQD H1   H  N N 399 
YQD H2   H  N N 400 
YQD H3   H  N N 401 
YQD H4   H  N N 402 
YQD H5   H  N N 403 
YQD H6   H  N N 404 
YQD H7   H  N N 405 
YQD H8   H  N N 406 
YQD H9   H  N N 407 
YQD H10  H  N N 408 
YQD H11  H  N N 409 
YQD H12  H  N N 410 
YQD H13  H  N N 411 
YQD H14  H  N N 412 
YQD H15  H  N N 413 
YQD H16  H  N N 414 
# 
loop_
_chem_comp_bond.comp_id 
_chem_comp_bond.atom_id_1 
_chem_comp_bond.atom_id_2 
_chem_comp_bond.value_order 
_chem_comp_bond.pdbx_aromatic_flag 
_chem_comp_bond.pdbx_stereo_config 
_chem_comp_bond.pdbx_ordinal 
ALA N   CA   sing N N 1   
ALA N   H    sing N N 2   
ALA N   H2   sing N N 3   
ALA CA  C    sing N N 4   
ALA CA  CB   sing N N 5   
ALA CA  HA   sing N N 6   
ALA C   O    doub N N 7   
ALA C   OXT  sing N N 8   
ALA CB  HB1  sing N N 9   
ALA CB  HB2  sing N N 10  
ALA CB  HB3  sing N N 11  
ALA OXT HXT  sing N N 12  
ARG N   CA   sing N N 13  
ARG N   H    sing N N 14  
ARG N   H2   sing N N 15  
ARG CA  C    sing N N 16  
ARG CA  CB   sing N N 17  
ARG CA  HA   sing N N 18  
ARG C   O    doub N N 19  
ARG C   OXT  sing N N 20  
ARG CB  CG   sing N N 21  
ARG CB  HB2  sing N N 22  
ARG CB  HB3  sing N N 23  
ARG CG  CD   sing N N 24  
ARG CG  HG2  sing N N 25  
ARG CG  HG3  sing N N 26  
ARG CD  NE   sing N N 27  
ARG CD  HD2  sing N N 28  
ARG CD  HD3  sing N N 29  
ARG NE  CZ   sing N N 30  
ARG NE  HE   sing N N 31  
ARG CZ  NH1  sing N N 32  
ARG CZ  NH2  doub N N 33  
ARG NH1 HH11 sing N N 34  
ARG NH1 HH12 sing N N 35  
ARG NH2 HH21 sing N N 36  
ARG NH2 HH22 sing N N 37  
ARG OXT HXT  sing N N 38  
ASN N   CA   sing N N 39  
ASN N   H    sing N N 40  
ASN N   H2   sing N N 41  
ASN CA  C    sing N N 42  
ASN CA  CB   sing N N 43  
ASN CA  HA   sing N N 44  
ASN C   O    doub N N 45  
ASN C   OXT  sing N N 46  
ASN CB  CG   sing N N 47  
ASN CB  HB2  sing N N 48  
ASN CB  HB3  sing N N 49  
ASN CG  OD1  doub N N 50  
ASN CG  ND2  sing N N 51  
ASN ND2 HD21 sing N N 52  
ASN ND2 HD22 sing N N 53  
ASN OXT HXT  sing N N 54  
ASP N   CA   sing N N 55  
ASP N   H    sing N N 56  
ASP N   H2   sing N N 57  
ASP CA  C    sing N N 58  
ASP CA  CB   sing N N 59  
ASP CA  HA   sing N N 60  
ASP C   O    doub N N 61  
ASP C   OXT  sing N N 62  
ASP CB  CG   sing N N 63  
ASP CB  HB2  sing N N 64  
ASP CB  HB3  sing N N 65  
ASP CG  OD1  doub N N 66  
ASP CG  OD2  sing N N 67  
ASP OD2 HD2  sing N N 68  
ASP OXT HXT  sing N N 69  
CYS N   CA   sing N N 70  
CYS N   H    sing N N 71  
CYS N   H2   sing N N 72  
CYS CA  C    sing N N 73  
CYS CA  CB   sing N N 74  
CYS CA  HA   sing N N 75  
CYS C   O    doub N N 76  
CYS C   OXT  sing N N 77  
CYS CB  SG   sing N N 78  
CYS CB  HB2  sing N N 79  
CYS CB  HB3  sing N N 80  
CYS SG  HG   sing N N 81  
CYS OXT HXT  sing N N 82  
GLN N   CA   sing N N 83  
GLN N   H    sing N N 84  
GLN N   H2   sing N N 85  
GLN CA  C    sing N N 86  
GLN CA  CB   sing N N 87  
GLN CA  HA   sing N N 88  
GLN C   O    doub N N 89  
GLN C   OXT  sing N N 90  
GLN CB  CG   sing N N 91  
GLN CB  HB2  sing N N 92  
GLN CB  HB3  sing N N 93  
GLN CG  CD   sing N N 94  
GLN CG  HG2  sing N N 95  
GLN CG  HG3  sing N N 96  
GLN CD  OE1  doub N N 97  
GLN CD  NE2  sing N N 98  
GLN NE2 HE21 sing N N 99  
GLN NE2 HE22 sing N N 100 
GLN OXT HXT  sing N N 101 
GLU N   CA   sing N N 102 
GLU N   H    sing N N 103 
GLU N   H2   sing N N 104 
GLU CA  C    sing N N 105 
GLU CA  CB   sing N N 106 
GLU CA  HA   sing N N 107 
GLU C   O    doub N N 108 
GLU C   OXT  sing N N 109 
GLU CB  CG   sing N N 110 
GLU CB  HB2  sing N N 111 
GLU CB  HB3  sing N N 112 
GLU CG  CD   sing N N 113 
GLU CG  HG2  sing N N 114 
GLU CG  HG3  sing N N 115 
GLU CD  OE1  doub N N 116 
GLU CD  OE2  sing N N 117 
GLU OE2 HE2  sing N N 118 
GLU OXT HXT  sing N N 119 
GLY N   CA   sing N N 120 
GLY N   H    sing N N 121 
GLY N   H2   sing N N 122 
GLY CA  C    sing N N 123 
GLY CA  HA2  sing N N 124 
GLY CA  HA3  sing N N 125 
GLY C   O    doub N N 126 
GLY C   OXT  sing N N 127 
GLY OXT HXT  sing N N 128 
HOH O   H1   sing N N 129 
HOH O   H2   sing N N 130 
ILE N   CA   sing N N 131 
ILE N   H    sing N N 132 
ILE N   H2   sing N N 133 
ILE CA  C    sing N N 134 
ILE CA  CB   sing N N 135 
ILE CA  HA   sing N N 136 
ILE C   O    doub N N 137 
ILE C   OXT  sing N N 138 
ILE CB  CG1  sing N N 139 
ILE CB  CG2  sing N N 140 
ILE CB  HB   sing N N 141 
ILE CG1 CD1  sing N N 142 
ILE CG1 HG12 sing N N 143 
ILE CG1 HG13 sing N N 144 
ILE CG2 HG21 sing N N 145 
ILE CG2 HG22 sing N N 146 
ILE CG2 HG23 sing N N 147 
ILE CD1 HD11 sing N N 148 
ILE CD1 HD12 sing N N 149 
ILE CD1 HD13 sing N N 150 
ILE OXT HXT  sing N N 151 
LEU N   CA   sing N N 152 
LEU N   H    sing N N 153 
LEU N   H2   sing N N 154 
LEU CA  C    sing N N 155 
LEU CA  CB   sing N N 156 
LEU CA  HA   sing N N 157 
LEU C   O    doub N N 158 
LEU C   OXT  sing N N 159 
LEU CB  CG   sing N N 160 
LEU CB  HB2  sing N N 161 
LEU CB  HB3  sing N N 162 
LEU CG  CD1  sing N N 163 
LEU CG  CD2  sing N N 164 
LEU CG  HG   sing N N 165 
LEU CD1 HD11 sing N N 166 
LEU CD1 HD12 sing N N 167 
LEU CD1 HD13 sing N N 168 
LEU CD2 HD21 sing N N 169 
LEU CD2 HD22 sing N N 170 
LEU CD2 HD23 sing N N 171 
LEU OXT HXT  sing N N 172 
LYS N   CA   sing N N 173 
LYS N   H    sing N N 174 
LYS N   H2   sing N N 175 
LYS CA  C    sing N N 176 
LYS CA  CB   sing N N 177 
LYS CA  HA   sing N N 178 
LYS C   O    doub N N 179 
LYS C   OXT  sing N N 180 
LYS CB  CG   sing N N 181 
LYS CB  HB2  sing N N 182 
LYS CB  HB3  sing N N 183 
LYS CG  CD   sing N N 184 
LYS CG  HG2  sing N N 185 
LYS CG  HG3  sing N N 186 
LYS CD  CE   sing N N 187 
LYS CD  HD2  sing N N 188 
LYS CD  HD3  sing N N 189 
LYS CE  NZ   sing N N 190 
LYS CE  HE2  sing N N 191 
LYS CE  HE3  sing N N 192 
LYS NZ  HZ1  sing N N 193 
LYS NZ  HZ2  sing N N 194 
LYS NZ  HZ3  sing N N 195 
LYS OXT HXT  sing N N 196 
MET N   CA   sing N N 197 
MET N   H    sing N N 198 
MET N   H2   sing N N 199 
MET CA  C    sing N N 200 
MET CA  CB   sing N N 201 
MET CA  HA   sing N N 202 
MET C   O    doub N N 203 
MET C   OXT  sing N N 204 
MET CB  CG   sing N N 205 
MET CB  HB2  sing N N 206 
MET CB  HB3  sing N N 207 
MET CG  SD   sing N N 208 
MET CG  HG2  sing N N 209 
MET CG  HG3  sing N N 210 
MET SD  CE   sing N N 211 
MET CE  HE1  sing N N 212 
MET CE  HE2  sing N N 213 
MET CE  HE3  sing N N 214 
MET OXT HXT  sing N N 215 
PHE N   CA   sing N N 216 
PHE N   H    sing N N 217 
PHE N   H2   sing N N 218 
PHE CA  C    sing N N 219 
PHE CA  CB   sing N N 220 
PHE CA  HA   sing N N 221 
PHE C   O    doub N N 222 
PHE C   OXT  sing N N 223 
PHE CB  CG   sing N N 224 
PHE CB  HB2  sing N N 225 
PHE CB  HB3  sing N N 226 
PHE CG  CD1  doub Y N 227 
PHE CG  CD2  sing Y N 228 
PHE CD1 CE1  sing Y N 229 
PHE CD1 HD1  sing N N 230 
PHE CD2 CE2  doub Y N 231 
PHE CD2 HD2  sing N N 232 
PHE CE1 CZ   doub Y N 233 
PHE CE1 HE1  sing N N 234 
PHE CE2 CZ   sing Y N 235 
PHE CE2 HE2  sing N N 236 
PHE CZ  HZ   sing N N 237 
PHE OXT HXT  sing N N 238 
PRO N   CA   sing N N 239 
PRO N   CD   sing N N 240 
PRO N   H    sing N N 241 
PRO CA  C    sing N N 242 
PRO CA  CB   sing N N 243 
PRO CA  HA   sing N N 244 
PRO C   O    doub N N 245 
PRO C   OXT  sing N N 246 
PRO CB  CG   sing N N 247 
PRO CB  HB2  sing N N 248 
PRO CB  HB3  sing N N 249 
PRO CG  CD   sing N N 250 
PRO CG  HG2  sing N N 251 
PRO CG  HG3  sing N N 252 
PRO CD  HD2  sing N N 253 
PRO CD  HD3  sing N N 254 
PRO OXT HXT  sing N N 255 
SER N   CA   sing N N 256 
SER N   H    sing N N 257 
SER N   H2   sing N N 258 
SER CA  C    sing N N 259 
SER CA  CB   sing N N 260 
SER CA  HA   sing N N 261 
SER C   O    doub N N 262 
SER C   OXT  sing N N 263 
SER CB  OG   sing N N 264 
SER CB  HB2  sing N N 265 
SER CB  HB3  sing N N 266 
SER OG  HG   sing N N 267 
SER OXT HXT  sing N N 268 
THR N   CA   sing N N 269 
THR N   H    sing N N 270 
THR N   H2   sing N N 271 
THR CA  C    sing N N 272 
THR CA  CB   sing N N 273 
THR CA  HA   sing N N 274 
THR C   O    doub N N 275 
THR C   OXT  sing N N 276 
THR CB  OG1  sing N N 277 
THR CB  CG2  sing N N 278 
THR CB  HB   sing N N 279 
THR OG1 HG1  sing N N 280 
THR CG2 HG21 sing N N 281 
THR CG2 HG22 sing N N 282 
THR CG2 HG23 sing N N 283 
THR OXT HXT  sing N N 284 
TRP N   CA   sing N N 285 
TRP N   H    sing N N 286 
TRP N   H2   sing N N 287 
TRP CA  C    sing N N 288 
TRP CA  CB   sing N N 289 
TRP CA  HA   sing N N 290 
TRP C   O    doub N N 291 
TRP C   OXT  sing N N 292 
TRP CB  CG   sing N N 293 
TRP CB  HB2  sing N N 294 
TRP CB  HB3  sing N N 295 
TRP CG  CD1  doub Y N 296 
TRP CG  CD2  sing Y N 297 
TRP CD1 NE1  sing Y N 298 
TRP CD1 HD1  sing N N 299 
TRP CD2 CE2  doub Y N 300 
TRP CD2 CE3  sing Y N 301 
TRP NE1 CE2  sing Y N 302 
TRP NE1 HE1  sing N N 303 
TRP CE2 CZ2  sing Y N 304 
TRP CE3 CZ3  doub Y N 305 
TRP CE3 HE3  sing N N 306 
TRP CZ2 CH2  doub Y N 307 
TRP CZ2 HZ2  sing N N 308 
TRP CZ3 CH2  sing Y N 309 
TRP CZ3 HZ3  sing N N 310 
TRP CH2 HH2  sing N N 311 
TRP OXT HXT  sing N N 312 
TYR N   CA   sing N N 313 
TYR N   H    sing N N 314 
TYR N   H2   sing N N 315 
TYR CA  C    sing N N 316 
TYR CA  CB   sing N N 317 
TYR CA  HA   sing N N 318 
TYR C   O    doub N N 319 
TYR C   OXT  sing N N 320 
TYR CB  CG   sing N N 321 
TYR CB  HB2  sing N N 322 
TYR CB  HB3  sing N N 323 
TYR CG  CD1  doub Y N 324 
TYR CG  CD2  sing Y N 325 
TYR CD1 CE1  sing Y N 326 
TYR CD1 HD1  sing N N 327 
TYR CD2 CE2  doub Y N 328 
TYR CD2 HD2  sing N N 329 
TYR CE1 CZ   doub Y N 330 
TYR CE1 HE1  sing N N 331 
TYR CE2 CZ   sing Y N 332 
TYR CE2 HE2  sing N N 333 
TYR CZ  OH   sing N N 334 
TYR OH  HH   sing N N 335 
TYR OXT HXT  sing N N 336 
VAL N   CA   sing N N 337 
VAL N   H    sing N N 338 
VAL N   H2   sing N N 339 
VAL CA  C    sing N N 340 
VAL CA  CB   sing N N 341 
VAL CA  HA   sing N N 342 
VAL C   O    doub N N 343 
VAL C   OXT  sing N N 344 
VAL CB  CG1  sing N N 345 
VAL CB  CG2  sing N N 346 
VAL CB  HB   sing N N 347 
VAL CG1 HG11 sing N N 348 
VAL CG1 HG12 sing N N 349 
VAL CG1 HG13 sing N N 350 
VAL CG2 HG21 sing N N 351 
VAL CG2 HG22 sing N N 352 
VAL CG2 HG23 sing N N 353 
VAL OXT HXT  sing N N 354 
YQD CL1 C3   sing N N 355 
YQD C4  C3   doub Y N 356 
YQD C4  C5   sing Y N 357 
YQD N1  C5   sing N N 358 
YQD N1  C7   sing N N 359 
YQD O1  C7   doub N N 360 
YQD C3  C2   sing Y N 361 
YQD C5  C6   doub Y N 362 
YQD C7  N2   sing N N 363 
YQD C2  C11  sing N N 364 
YQD C2  C1   doub Y N 365 
YQD C6  C1   sing Y N 366 
YQD C6  C8   sing N N 367 
YQD N2  C8   sing Y N 368 
YQD N2  N3   sing Y N 369 
YQD C11 C16  doub Y N 370 
YQD C11 C12  sing Y N 371 
YQD C17 C12  sing N N 372 
YQD C8  N4   doub Y N 373 
YQD C16 C15  sing Y N 374 
YQD N3  C9   doub Y N 375 
YQD C12 C13  doub Y N 376 
YQD C15 C14  doub Y N 377 
YQD C13 C14  sing Y N 378 
YQD C14 N5   sing N N 379 
YQD N4  C9   sing Y N 380 
YQD C9  C10  sing N N 381 
YQD N5  S1   sing N N 382 
YQD S1  O3   doub N N 383 
YQD S1  O2   doub N N 384 
YQD S1  C18  sing N N 385 
YQD N1  H1   sing N N 386 
YQD C4  H2   sing N N 387 
YQD C10 H3   sing N N 388 
YQD C10 H4   sing N N 389 
YQD C10 H5   sing N N 390 
YQD C13 H6   sing N N 391 
YQD C15 H7   sing N N 392 
YQD C17 H8   sing N N 393 
YQD C17 H9   sing N N 394 
YQD C17 H10  sing N N 395 
YQD C1  H11  sing N N 396 
YQD C16 H12  sing N N 397 
YQD C18 H13  sing N N 398 
YQD C18 H14  sing N N 399 
YQD C18 H15  sing N N 400 
YQD N5  H16  sing N N 401 
# 
_pdbx_initial_refinement_model.id               1 
_pdbx_initial_refinement_model.entity_id_list   ? 
_pdbx_initial_refinement_model.type             'experimental model' 
_pdbx_initial_refinement_model.source_name      PDB 
_pdbx_initial_refinement_model.accession_code   5F71 
_pdbx_initial_refinement_model.details          ? 
# 
_atom_sites.entry_id                    7M3Z 
_atom_sites.Cartn_transf_matrix[1][1]   ? 
_atom_sites.Cartn_transf_matrix[1][2]   ? 
_atom_sites.Cartn_transf_matrix[1][3]   ? 
_atom_sites.Cartn_transf_matrix[2][1]   ? 
_atom_sites.Cartn_transf_matrix[2][2]   ? 
_atom_sites.Cartn_transf_matrix[2][3]   ? 
_atom_sites.Cartn_transf_matrix[3][1]   ? 
_atom_sites.Cartn_transf_matrix[3][2]   ? 
_atom_sites.Cartn_transf_matrix[3][3]   ? 
_atom_sites.Cartn_transf_vector[1]      ? 
_atom_sites.Cartn_transf_vector[2]      ? 
_atom_sites.Cartn_transf_vector[3]      ? 
_atom_sites.fract_transf_matrix[1][1]   -0.01310270 
_atom_sites.fract_transf_matrix[1][2]   -0.01286871 
_atom_sites.fract_transf_matrix[1][3]   -0.01080690 
_atom_sites.fract_transf_matrix[2][1]   -0.00915358 
_atom_sites.fract_transf_matrix[2][2]   0.00432883 
_atom_sites.fract_transf_matrix[2][3]   0.00594343 
_atom_sites.fract_transf_matrix[3][1]   -0.00222011 
_atom_sites.fract_transf_matrix[3][2]   0.01321441 
_atom_sites.fract_transf_matrix[3][3]   -0.01304379 
_atom_sites.fract_transf_vector[1]      0.220729 
_atom_sites.fract_transf_vector[2]      0.207460 
_atom_sites.fract_transf_vector[3]      -0.233095 
_atom_sites.solution_primary            ? 
_atom_sites.solution_secondary          ? 
_atom_sites.solution_hydrogens          ? 
_atom_sites.special_details             ? 
# 
loop_
_atom_type.symbol 
C  
CA 
CL 
N  
O  
S  
# 
loop_
_atom_site.group_PDB 
_atom_site.id 
_atom_site.type_symbol 
_atom_site.label_atom_id 
_atom_site.label_alt_id 
_atom_site.label_comp_id 
_atom_site.label_asym_id 
_atom_site.label_entity_id 
_atom_site.label_seq_id 
_atom_site.pdbx_PDB_ins_code 
_atom_site.Cartn_x 
_atom_site.Cartn_y 
_atom_site.Cartn_z 
_atom_site.occupancy 
_atom_site.B_iso_or_equiv 
_atom_site.pdbx_formal_charge 
_atom_site.auth_seq_id 
_atom_site.auth_comp_id 
_atom_site.auth_asym_id 
_atom_site.auth_atom_id 
_atom_site.pdbx_PDB_model_num 
ATOM   1    N  N   . SER A 1 1   ? 1.134   3.115   22.781  1.00 31.06 ? 1   SER A N   1 
ATOM   2    C  CA  . SER A 1 1   ? 0.593   1.856   22.278  1.00 31.56 ? 1   SER A CA  1 
ATOM   3    C  C   . SER A 1 1   ? 1.521   1.236   21.230  1.00 25.90 ? 1   SER A C   1 
ATOM   4    O  O   . SER A 1 1   ? 2.426   0.504   21.586  1.00 26.04 ? 1   SER A O   1 
ATOM   5    C  CB  . SER A 1 1   ? -0.825  2.049   21.726  1.00 32.69 ? 1   SER A CB  1 
ATOM   6    O  OG  . SER A 1 1   ? -0.802  2.559   20.402  1.00 36.07 ? 1   SER A OG  1 
ATOM   7    N  N   . GLU A 1 2   ? 1.291   1.533   19.949  1.00 27.83 ? 2   GLU A N   1 
ATOM   8    C  CA  . GLU A 1 2   ? 2.098   1.001   18.852  1.00 25.07 ? 2   GLU A CA  1 
ATOM   9    C  C   . GLU A 1 2   ? 1.786   1.822   17.606  1.00 17.37 ? 2   GLU A C   1 
ATOM   10   O  O   . GLU A 1 2   ? 0.773   2.520   17.562  1.00 19.61 ? 2   GLU A O   1 
ATOM   11   C  CB  . GLU A 1 2   ? 1.810   -0.485  18.615  1.00 26.27 ? 2   GLU A CB  1 
ATOM   12   C  CG  . GLU A 1 2   ? 2.774   -1.168  17.657  1.00 28.85 ? 2   GLU A CG  1 
ATOM   13   C  CD  . GLU A 1 2   ? 4.216   -0.968  18.069  1.00 30.39 ? 2   GLU A CD  1 
ATOM   14   O  OE1 . GLU A 1 2   ? 4.619   -1.567  19.089  1.00 32.78 ? 2   GLU A OE1 1 
ATOM   15   O  OE2 . GLU A 1 2   ? 4.941   -0.207  17.384  1.00 30.18 ? 2   GLU A OE2 1 
ATOM   16   N  N   . VAL A 1 3   ? 2.674   1.732   16.601  1.00 18.05 ? 3   VAL A N   1 
ATOM   17   C  CA  . VAL A 1 3   ? 2.574   2.575   15.406  1.00 13.92 ? 3   VAL A CA  1 
ATOM   18   C  C   . VAL A 1 3   ? 1.188   2.462   14.804  1.00 12.99 ? 3   VAL A C   1 
ATOM   19   O  O   . VAL A 1 3   ? 0.689   1.362   14.546  1.00 12.26 ? 3   VAL A O   1 
ATOM   20   C  CB  . VAL A 1 3   ? 3.633   2.197   14.354  1.00 16.77 ? 3   VAL A CB  1 
ATOM   21   C  CG1 . VAL A 1 3   ? 3.357   2.951   13.060  1.00 14.40 ? 3   VAL A CG1 1 
ATOM   22   C  CG2 . VAL A 1 3   ? 5.042   2.485   14.850  1.00 17.73 ? 3   VAL A CG2 1 
ATOM   23   N  N   . GLU A 1 4   ? 0.568   3.604   14.559  1.00 10.58 ? 4   GLU A N   1 
ATOM   24   C  CA  . GLU A 1 4   ? -0.687  3.612   13.831  1.00 9.71  ? 4   GLU A CA  1 
ATOM   25   C  C   . GLU A 1 4   ? -0.804  4.900   13.042  1.00 10.43 ? 4   GLU A C   1 
ATOM   26   O  O   . GLU A 1 4   ? -0.099  5.890   13.287  1.00 9.41  ? 4   GLU A O   1 
ATOM   27   C  CB  . GLU A 1 4   ? -1.908  3.414   14.732  1.00 15.40 ? 4   GLU A CB  1 
ATOM   28   C  CG  . GLU A 1 4   ? -2.050  4.464   15.808  1.00 14.41 ? 4   GLU A CG  1 
ATOM   29   C  CD  . GLU A 1 4   ? -3.290  4.243   16.692  1.00 18.37 ? 4   GLU A CD  1 
ATOM   30   O  OE1 . GLU A 1 4   ? -3.547  3.085   17.088  1.00 20.18 ? 4   GLU A OE1 1 
ATOM   31   O  OE2 . GLU A 1 4   ? -4.015  5.223   16.981  1.00 18.91 ? 4   GLU A OE2 1 
ATOM   32   N  N   . TYR A 1 5   ? -1.734  4.865   12.105  1.00 8.11  ? 5   TYR A N   1 
ATOM   33   C  CA  . TYR A 1 5   ? -2.053  5.970   11.224  1.00 8.54  ? 5   TYR A CA  1 
ATOM   34   C  C   . TYR A 1 5   ? -3.515  6.288   11.457  1.00 8.91  ? 5   TYR A C   1 
ATOM   35   O  O   . TYR A 1 5   ? -4.322  5.376   11.656  1.00 9.82  ? 5   TYR A O   1 
ATOM   36   C  CB  . TYR A 1 5   ? -1.760  5.581   9.758   1.00 8.02  ? 5   TYR A CB  1 
ATOM   37   C  CG  . TYR A 1 5   ? -0.284  5.257   9.656   1.00 6.74  ? 5   TYR A CG  1 
ATOM   38   C  CD1 . TYR A 1 5   ? 0.648   6.274   9.548   1.00 7.24  ? 5   TYR A CD1 1 
ATOM   39   C  CD2 . TYR A 1 5   ? 0.183   3.955   9.820   1.00 8.02  ? 5   TYR A CD2 1 
ATOM   40   C  CE1 . TYR A 1 5   ? 1.996   6.018   9.560   1.00 8.32  ? 5   TYR A CE1 1 
ATOM   41   C  CE2 . TYR A 1 5   ? 1.542   3.674   9.821   1.00 9.34  ? 5   TYR A CE2 1 
ATOM   42   C  CZ  . TYR A 1 5   ? 2.440   4.719   9.680   1.00 8.07  ? 5   TYR A CZ  1 
ATOM   43   O  OH  . TYR A 1 5   ? 3.796   4.490   9.690   1.00 9.46  ? 5   TYR A OH  1 
ATOM   44   N  N   . ARG A 1 6   ? -3.849  7.572   11.480  1.00 8.46  ? 6   ARG A N   1 
ATOM   45   C  CA  . ARG A 1 6   ? -5.139  7.995   12.013  1.00 9.46  ? 6   ARG A CA  1 
ATOM   46   C  C   . ARG A 1 6   ? -5.864  8.901   11.034  1.00 9.41  ? 6   ARG A C   1 
ATOM   47   O  O   . ARG A 1 6   ? -5.242  9.667   10.297  1.00 10.56 ? 6   ARG A O   1 
ATOM   48   C  CB  . ARG A 1 6   ? -4.961  8.717   13.355  1.00 10.08 ? 6   ARG A CB  1 
ATOM   49   C  CG  . ARG A 1 6   ? -4.149  7.894   14.349  1.00 11.94 ? 6   ARG A CG  1 
ATOM   50   C  CD  . ARG A 1 6   ? -3.954  8.619   15.661  1.00 14.94 ? 6   ARG A CD  1 
ATOM   51   N  NE  . ARG A 1 6   ? -3.249  7.779   16.621  1.00 13.19 ? 6   ARG A NE  1 
ATOM   52   C  CZ  . ARG A 1 6   ? -2.073  8.081   17.149  1.00 12.20 ? 6   ARG A CZ  1 
ATOM   53   N  NH1 . ARG A 1 6   ? -1.397  9.145   16.754  1.00 11.09 ? 6   ARG A NH1 1 
ATOM   54   N  NH2 . ARG A 1 6   ? -1.573  7.304   18.105  1.00 11.79 ? 6   ARG A NH2 1 
ATOM   55   N  N   . ALA A 1 7   ? -7.195  8.822   11.050  1.00 10.62 ? 7   ALA A N   1 
ATOM   56   C  CA  . ALA A 1 7   ? -8.026  9.737   10.275  1.00 11.78 ? 7   ALA A CA  1 
ATOM   57   C  C   . ALA A 1 7   ? -9.397  9.813   10.923  1.00 12.73 ? 7   ALA A C   1 
ATOM   58   O  O   . ALA A 1 7   ? -9.824  8.895   11.625  1.00 13.03 ? 7   ALA A O   1 
ATOM   59   C  CB  . ALA A 1 7   ? -8.157  9.298   8.812   1.00 11.53 ? 7   ALA A CB  1 
ATOM   60   N  N   . GLU A 1 8   ? -10.070 10.930  10.685  1.00 13.78 ? 8   GLU A N   1 
ATOM   61   C  CA  . GLU A 1 8   ? -11.473 11.085  11.036  1.00 15.21 ? 8   GLU A CA  1 
ATOM   62   C  C   . GLU A 1 8   ? -12.328 10.789  9.813   1.00 15.09 ? 8   GLU A C   1 
ATOM   63   O  O   . GLU A 1 8   ? -11.885 10.962  8.674   1.00 14.23 ? 8   GLU A O   1 
ATOM   64   C  CB  . GLU A 1 8   ? -11.746 12.510  11.526  1.00 17.17 ? 8   GLU A CB  1 
ATOM   65   C  CG  . GLU A 1 8   ? -11.176 12.799  12.906  1.00 21.22 ? 8   GLU A CG  1 
ATOM   66   C  CD  . GLU A 1 8   ? -11.416 14.231  13.351  1.00 26.64 ? 8   GLU A CD  1 
ATOM   67   O  OE1 . GLU A 1 8   ? -12.586 14.579  13.633  1.00 29.45 ? 8   GLU A OE1 1 
ATOM   68   O  OE2 . GLU A 1 8   ? -10.441 15.008  13.419  1.00 27.06 ? 8   GLU A OE2 1 
ATOM   69   N  N   . VAL A 1 9   ? -13.567 10.345  10.055  1.00 15.60 ? 9   VAL A N   1 
ATOM   70   C  CA  . VAL A 1 9   ? -14.473 10.042  8.949   1.00 14.16 ? 9   VAL A CA  1 
ATOM   71   C  C   . VAL A 1 9   ? -14.569 11.238  8.017   1.00 16.02 ? 9   VAL A C   1 
ATOM   72   O  O   . VAL A 1 9   ? -14.724 12.383  8.461   1.00 17.65 ? 9   VAL A O   1 
ATOM   73   C  CB  . VAL A 1 9   ? -15.854 9.621   9.484   1.00 17.77 ? 9   VAL A CB  1 
ATOM   74   C  CG1 . VAL A 1 9   ? -16.832 9.427   8.329   1.00 17.52 ? 9   VAL A CG1 1 
ATOM   75   C  CG2 . VAL A 1 9   ? -15.729 8.347   10.295  1.00 18.10 ? 9   VAL A CG2 1 
ATOM   76   N  N   . GLY A 1 10  ? -14.447 10.985  6.715   1.00 14.31 ? 10  GLY A N   1 
ATOM   77   C  CA  . GLY A 1 10  ? -14.502 12.029  5.722   1.00 15.68 ? 10  GLY A CA  1 
ATOM   78   C  C   . GLY A 1 10  ? -13.152 12.554  5.278   1.00 15.20 ? 10  GLY A C   1 
ATOM   79   O  O   . GLY A 1 10  ? -13.065 13.172  4.209   1.00 18.72 ? 10  GLY A O   1 
ATOM   80   N  N   . GLN A 1 11  ? -12.098 12.315  6.060   1.00 14.07 ? 11  GLN A N   1 
ATOM   81   C  CA  . GLN A 1 11  ? -10.759 12.716  5.671   1.00 15.13 ? 11  GLN A CA  1 
ATOM   82   C  C   . GLN A 1 11  ? -10.159 11.686  4.716   1.00 13.62 ? 11  GLN A C   1 
ATOM   83   O  O   . GLN A 1 11  ? -10.710 10.608  4.479   1.00 14.81 ? 11  GLN A O   1 
ATOM   84   C  CB  . GLN A 1 11  ? -9.854  12.838  6.897   1.00 14.14 ? 11  GLN A CB  1 
ATOM   85   C  CG  . GLN A 1 11  ? -10.201 13.982  7.857   1.00 15.49 ? 11  GLN A CG  1 
ATOM   86   C  CD  . GLN A 1 11  ? -9.119  14.183  8.905   1.00 15.77 ? 11  GLN A CD  1 
ATOM   87   O  OE1 . GLN A 1 11  ? -8.799  13.265  9.659   1.00 14.96 ? 11  GLN A OE1 1 
ATOM   88   N  NE2 . GLN A 1 11  ? -8.535  15.385  8.949   1.00 19.30 ? 11  GLN A NE2 1 
ATOM   89   N  N   . ASN A 1 12  ? -9.008  12.030  4.166   1.00 13.02 ? 12  ASN A N   1 
ATOM   90   C  CA  . ASN A 1 12  ? -8.178  11.035  3.504   1.00 12.43 ? 12  ASN A CA  1 
ATOM   91   C  C   . ASN A 1 12  ? -7.279  10.386  4.538   1.00 10.93 ? 12  ASN A C   1 
ATOM   92   O  O   . ASN A 1 12  ? -6.831  11.039  5.485   1.00 11.62 ? 12  ASN A O   1 
ATOM   93   C  CB  . ASN A 1 12  ? -7.314  11.678  2.431   1.00 14.99 ? 12  ASN A CB  1 
ATOM   94   C  CG  . ASN A 1 12  ? -8.136  12.288  1.332   1.00 17.67 ? 12  ASN A CG  1 
ATOM   95   O  OD1 . ASN A 1 12  ? -9.297  11.914  1.130   1.00 20.42 ? 12  ASN A OD1 1 
ATOM   96   N  ND2 . ASN A 1 12  ? -7.554  13.253  0.633   1.00 22.50 ? 12  ASN A ND2 1 
ATOM   97   N  N   . ALA A 1 13  ? -7.026  9.096   4.362   1.00 8.67  ? 13  ALA A N   1 
ATOM   98   C  CA  . ALA A 1 13  ? -6.016  8.408   5.152   1.00 8.91  ? 13  ALA A CA  1 
ATOM   99   C  C   . ALA A 1 13  ? -4.754  8.234   4.318   1.00 8.33  ? 13  ALA A C   1 
ATOM   100  O  O   . ALA A 1 13  ? -4.809  8.115   3.086   1.00 8.65  ? 13  ALA A O   1 
ATOM   101  C  CB  . ALA A 1 13  ? -6.524  7.045   5.611   1.00 10.86 ? 13  ALA A CB  1 
ATOM   102  N  N   . TYR A 1 14  ? -3.607  8.230   5.005   1.00 8.06  ? 14  TYR A N   1 
ATOM   103  C  CA  . TYR A 1 14  ? -2.291  8.220   4.368   1.00 8.10  ? 14  TYR A CA  1 
ATOM   104  C  C   . TYR A 1 14  ? -1.432  7.136   5.004   1.00 6.29  ? 14  TYR A C   1 
ATOM   105  O  O   . TYR A 1 14  ? -1.030  7.253   6.167   1.00 7.63  ? 14  TYR A O   1 
ATOM   106  C  CB  . TYR A 1 14  ? -1.625  9.588   4.502   1.00 8.58  ? 14  TYR A CB  1 
ATOM   107  C  CG  . TYR A 1 14  ? -2.428  10.705  3.876   1.00 9.69  ? 14  TYR A CG  1 
ATOM   108  C  CD1 . TYR A 1 14  ? -2.470  10.856  2.491   1.00 10.02 ? 14  TYR A CD1 1 
ATOM   109  C  CD2 . TYR A 1 14  ? -3.120  11.614  4.666   1.00 10.44 ? 14  TYR A CD2 1 
ATOM   110  C  CE1 . TYR A 1 14  ? -3.195  11.880  1.912   1.00 11.50 ? 14  TYR A CE1 1 
ATOM   111  C  CE2 . TYR A 1 14  ? -3.860  12.641  4.092   1.00 11.68 ? 14  TYR A CE2 1 
ATOM   112  C  CZ  . TYR A 1 14  ? -3.882  12.761  2.719   1.00 12.96 ? 14  TYR A CZ  1 
ATOM   113  O  OH  . TYR A 1 14  ? -4.616  13.788  2.144   1.00 16.25 ? 14  TYR A OH  1 
ATOM   114  N  N   . LEU A 1 15  ? -1.122  6.095   4.244   1.00 7.48  ? 15  LEU A N   1 
ATOM   115  C  CA  . LEU A 1 15  ? -0.370  4.958   4.763   1.00 7.77  ? 15  LEU A CA  1 
ATOM   116  C  C   . LEU A 1 15  ? 0.951   4.870   4.024   1.00 8.14  ? 15  LEU A C   1 
ATOM   117  O  O   . LEU A 1 15  ? 0.955   4.700   2.793   1.00 8.58  ? 15  LEU A O   1 
ATOM   118  C  CB  . LEU A 1 15  ? -1.147  3.650   4.599   1.00 7.72  ? 15  LEU A CB  1 
ATOM   119  C  CG  . LEU A 1 15  ? -2.546  3.636   5.212   1.00 6.68  ? 15  LEU A CG  1 
ATOM   120  C  CD1 . LEU A 1 15  ? -3.182  2.276   5.024   1.00 10.60 ? 15  LEU A CD1 1 
ATOM   121  C  CD2 . LEU A 1 15  ? -2.514  4.000   6.691   1.00 9.87  ? 15  LEU A CD2 1 
ATOM   122  N  N   . PRO A 1 16  ? 2.079   4.965   4.702   1.00 7.73  ? 16  PRO A N   1 
ATOM   123  C  CA  . PRO A 1 16  ? 3.366   5.073   4.010   1.00 9.18  ? 16  PRO A CA  1 
ATOM   124  C  C   . PRO A 1 16  ? 3.900   3.729   3.552   1.00 8.19  ? 16  PRO A C   1 
ATOM   125  O  O   . PRO A 1 16  ? 3.749   2.710   4.229   1.00 9.89  ? 16  PRO A O   1 
ATOM   126  C  CB  . PRO A 1 16  ? 4.283   5.631   5.101   1.00 9.42  ? 16  PRO A CB  1 
ATOM   127  C  CG  . PRO A 1 16  ? 3.702   5.052   6.375   1.00 9.23  ? 16  PRO A CG  1 
ATOM   128  C  CD  . PRO A 1 16  ? 2.197   5.137   6.163   1.00 8.56  ? 16  PRO A CD  1 
ATOM   129  N  N   . CYS A 1 17  ? 4.570   3.745   2.399   1.00 8.96  ? 17  CYS A N   1 
ATOM   130  C  CA  . CYS A 1 17  ? 5.269   2.561   1.918   1.00 8.45  ? 17  CYS A CA  1 
ATOM   131  C  C   . CYS A 1 17  ? 6.268   2.988   0.852   1.00 9.14  ? 17  CYS A C   1 
ATOM   132  O  O   . CYS A 1 17  ? 5.907   3.703   -0.088  1.00 9.24  ? 17  CYS A O   1 
ATOM   133  C  CB  . CYS A 1 17  ? 4.282   1.552   1.328   1.00 8.36  ? 17  CYS A CB  1 
ATOM   134  S  SG  . CYS A 1 17  ? 5.049   -0.047  1.030   1.00 9.93  ? 17  CYS A SG  1 
ATOM   135  N  N   . PHE A 1 18  ? 7.499   2.505   0.969   1.00 10.79 ? 18  PHE A N   1 
ATOM   136  C  CA  . PHE A 1 18  ? 8.591   2.961   0.121   1.00 11.51 ? 18  PHE A CA  1 
ATOM   137  C  C   . PHE A 1 18  ? 9.514   1.806   -0.227  1.00 13.05 ? 18  PHE A C   1 
ATOM   138  O  O   . PHE A 1 18  ? 9.720   0.886   0.566   1.00 14.09 ? 18  PHE A O   1 
ATOM   139  C  CB  . PHE A 1 18  ? 9.456   4.011   0.840   1.00 13.91 ? 18  PHE A CB  1 
ATOM   140  C  CG  . PHE A 1 18  ? 8.693   5.194   1.338   1.00 13.32 ? 18  PHE A CG  1 
ATOM   141  C  CD1 . PHE A 1 18  ? 8.529   6.297   0.519   1.00 18.07 ? 18  PHE A CD1 1 
ATOM   142  C  CD2 . PHE A 1 18  ? 8.166   5.220   2.616   1.00 14.08 ? 18  PHE A CD2 1 
ATOM   143  C  CE1 . PHE A 1 18  ? 7.833   7.404   0.961   1.00 19.45 ? 18  PHE A CE1 1 
ATOM   144  C  CE2 . PHE A 1 18  ? 7.462   6.339   3.063   1.00 16.95 ? 18  PHE A CE2 1 
ATOM   145  C  CZ  . PHE A 1 18  ? 7.298   7.417   2.225   1.00 15.54 ? 18  PHE A CZ  1 
ATOM   146  N  N   . TYR A 1 19  ? 10.111  1.897   -1.409  1.00 13.04 ? 19  TYR A N   1 
ATOM   147  C  CA  . TYR A 1 19  ? 11.248  1.060   -1.745  1.00 14.81 ? 19  TYR A CA  1 
ATOM   148  C  C   . TYR A 1 19  ? 12.210  1.880   -2.587  1.00 17.11 ? 19  TYR A C   1 
ATOM   149  O  O   . TYR A 1 19  ? 11.867  2.939   -3.111  1.00 15.15 ? 19  TYR A O   1 
ATOM   150  C  CB  . TYR A 1 19  ? 10.822  -0.234  -2.458  1.00 15.17 ? 19  TYR A CB  1 
ATOM   151  C  CG  . TYR A 1 19  ? 10.417  -0.061  -3.899  1.00 12.36 ? 19  TYR A CG  1 
ATOM   152  C  CD1 . TYR A 1 19  ? 9.151   0.387   -4.242  1.00 12.87 ? 19  TYR A CD1 1 
ATOM   153  C  CD2 . TYR A 1 19  ? 11.311  -0.352  -4.937  1.00 14.85 ? 19  TYR A CD2 1 
ATOM   154  C  CE1 . TYR A 1 19  ? 8.774   0.539   -5.553  1.00 13.81 ? 19  TYR A CE1 1 
ATOM   155  C  CE2 . TYR A 1 19  ? 10.940  -0.195  -6.263  1.00 16.20 ? 19  TYR A CE2 1 
ATOM   156  C  CZ  . TYR A 1 19  ? 9.668   0.249   -6.571  1.00 15.06 ? 19  TYR A CZ  1 
ATOM   157  O  OH  . TYR A 1 19  ? 9.250   0.409   -7.874  1.00 14.79 ? 19  TYR A OH  1 
ATOM   158  N  N   . THR A 1 20  ? 13.429  1.374   -2.705  1.00 19.08 ? 20  THR A N   1 
ATOM   159  C  CA  . THR A 1 20  ? 14.439  2.037   -3.520  1.00 23.29 ? 20  THR A CA  1 
ATOM   160  C  C   . THR A 1 20  ? 14.650  1.234   -4.791  1.00 22.16 ? 20  THR A C   1 
ATOM   161  O  O   . THR A 1 20  ? 15.149  0.101   -4.721  1.00 23.42 ? 20  THR A O   1 
ATOM   162  C  CB  . THR A 1 20  ? 15.752  2.170   -2.744  1.00 25.02 ? 20  THR A CB  1 
ATOM   163  O  OG1 . THR A 1 20  ? 15.498  2.758   -1.459  1.00 27.41 ? 20  THR A OG1 1 
ATOM   164  C  CG2 . THR A 1 20  ? 16.758  3.013   -3.520  1.00 28.22 ? 20  THR A CG2 1 
ATOM   165  N  N   . PRO A 1 21  ? 14.267  1.746   -5.960  1.00 22.02 ? 21  PRO A N   1 
ATOM   166  C  CA  . PRO A 1 21  ? 14.519  0.994   -7.195  1.00 25.26 ? 21  PRO A CA  1 
ATOM   167  C  C   . PRO A 1 21  ? 16.009  0.776   -7.404  1.00 29.63 ? 21  PRO A C   1 
ATOM   168  O  O   . PRO A 1 21  ? 16.842  1.598   -7.012  1.00 30.98 ? 21  PRO A O   1 
ATOM   169  C  CB  . PRO A 1 21  ? 13.906  1.863   -8.300  1.00 25.32 ? 21  PRO A CB  1 
ATOM   170  C  CG  . PRO A 1 21  ? 13.282  3.043   -7.640  1.00 23.50 ? 21  PRO A CG  1 
ATOM   171  C  CD  . PRO A 1 21  ? 13.543  3.009   -6.177  1.00 23.04 ? 21  PRO A CD  1 
ATOM   172  N  N   . ALA A 1 22  ? 16.339  -0.371  -8.002  1.00 31.51 ? 22  ALA A N   1 
ATOM   173  C  CA  . ALA A 1 22  ? 17.741  -0.739  -8.178  1.00 33.42 ? 22  ALA A CA  1 
ATOM   174  C  C   . ALA A 1 22  ? 18.463  0.255   -9.079  1.00 35.87 ? 22  ALA A C   1 
ATOM   175  O  O   . ALA A 1 22  ? 19.642  0.561   -8.862  1.00 42.29 ? 22  ALA A O   1 
ATOM   176  C  CB  . ALA A 1 22  ? 17.834  -2.158  -8.741  1.00 31.35 ? 22  ALA A CB  1 
ATOM   177  N  N   . ALA A 1 23  ? 17.772  0.764   -10.094 1.00 37.36 ? 23  ALA A N   1 
ATOM   178  C  CA  . ALA A 1 23  ? 18.258  1.832   -10.952 1.00 38.69 ? 23  ALA A CA  1 
ATOM   179  C  C   . ALA A 1 23  ? 17.034  2.578   -11.453 1.00 39.19 ? 23  ALA A C   1 
ATOM   180  O  O   . ALA A 1 23  ? 15.959  1.977   -11.576 1.00 39.41 ? 23  ALA A O   1 
ATOM   181  C  CB  . ALA A 1 23  ? 19.063  1.278   -12.136 1.00 40.44 ? 23  ALA A CB  1 
ATOM   182  N  N   . PRO A 1 24  ? 17.152  3.877   -11.737 1.00 40.81 ? 24  PRO A N   1 
ATOM   183  C  CA  . PRO A 1 24  ? 15.960  4.658   -12.093 1.00 40.60 ? 24  PRO A CA  1 
ATOM   184  C  C   . PRO A 1 24  ? 15.263  4.088   -13.321 1.00 40.30 ? 24  PRO A C   1 
ATOM   185  O  O   . PRO A 1 24  ? 15.903  3.610   -14.261 1.00 41.31 ? 24  PRO A O   1 
ATOM   186  C  CB  . PRO A 1 24  ? 16.515  6.062   -12.355 1.00 42.93 ? 24  PRO A CB  1 
ATOM   187  C  CG  . PRO A 1 24  ? 17.844  6.093   -11.671 1.00 41.61 ? 24  PRO A CG  1 
ATOM   188  C  CD  . PRO A 1 24  ? 18.376  4.698   -11.750 1.00 42.91 ? 24  PRO A CD  1 
ATOM   189  N  N   . GLY A 1 25  ? 13.931  4.129   -13.293 1.00 34.29 ? 25  GLY A N   1 
ATOM   190  C  CA  . GLY A 1 25  ? 13.127  3.499   -14.309 1.00 35.15 ? 25  GLY A CA  1 
ATOM   191  C  C   . GLY A 1 25  ? 12.879  2.024   -14.098 1.00 30.79 ? 25  GLY A C   1 
ATOM   192  O  O   . GLY A 1 25  ? 11.945  1.475   -14.697 1.00 33.23 ? 25  GLY A O   1 
ATOM   193  N  N   . ASN A 1 26  ? 13.682  1.358   -13.268 1.00 32.59 ? 26  ASN A N   1 
ATOM   194  C  CA  . ASN A 1 26  ? 13.503  -0.068  -12.987 1.00 30.18 ? 26  ASN A CA  1 
ATOM   195  C  C   . ASN A 1 26  ? 12.605  -0.218  -11.768 1.00 23.98 ? 26  ASN A C   1 
ATOM   196  O  O   . ASN A 1 26  ? 13.066  -0.259  -10.628 1.00 26.44 ? 26  ASN A O   1 
ATOM   197  C  CB  . ASN A 1 26  ? 14.842  -0.772  -12.810 1.00 33.49 ? 26  ASN A CB  1 
ATOM   198  C  CG  . ASN A 1 26  ? 15.788  -0.513  -13.961 1.00 37.85 ? 26  ASN A CG  1 
ATOM   199  O  OD1 . ASN A 1 26  ? 17.002  -0.429  -13.778 1.00 43.43 ? 26  ASN A OD1 1 
ATOM   200  N  ND2 . ASN A 1 26  ? 15.232  -0.390  -15.162 1.00 36.58 ? 26  ASN A ND2 1 
ATOM   201  N  N   . LEU A 1 27  ? 11.308  -0.315  -12.027 1.00 22.00 ? 27  LEU A N   1 
ATOM   202  C  CA  . LEU A 1 27  ? 10.321  -0.454  -10.969 1.00 19.35 ? 27  LEU A CA  1 
ATOM   203  C  C   . LEU A 1 27  ? 10.122  -1.919  -10.609 1.00 19.59 ? 27  LEU A C   1 
ATOM   204  O  O   . LEU A 1 27  ? 10.393  -2.829  -11.397 1.00 20.28 ? 27  LEU A O   1 
ATOM   205  C  CB  . LEU A 1 27  ? 8.989   0.153   -11.389 1.00 20.48 ? 27  LEU A CB  1 
ATOM   206  C  CG  . LEU A 1 27  ? 9.059   1.566   -11.956 1.00 21.54 ? 27  LEU A CG  1 
ATOM   207  C  CD1 . LEU A 1 27  ? 7.659   2.107   -12.121 1.00 22.89 ? 27  LEU A CD1 1 
ATOM   208  C  CD2 . LEU A 1 27  ? 9.889   2.455   -11.053 1.00 23.89 ? 27  LEU A CD2 1 
ATOM   209  N  N   . VAL A 1 28  ? 9.626   -2.131  -9.395  1.00 15.84 ? 28  VAL A N   1 
ATOM   210  C  CA  . VAL A 1 28  ? 9.313   -3.449  -8.854  1.00 17.88 ? 28  VAL A CA  1 
ATOM   211  C  C   . VAL A 1 28  ? 7.802   -3.490  -8.641  1.00 16.07 ? 28  VAL A C   1 
ATOM   212  O  O   . VAL A 1 28  ? 7.221   -2.478  -8.213  1.00 15.27 ? 28  VAL A O   1 
ATOM   213  C  CB  . VAL A 1 28  ? 10.090  -3.644  -7.542  1.00 20.01 ? 28  VAL A CB  1 
ATOM   214  C  CG1 . VAL A 1 28  ? 9.397   -4.603  -6.611  1.00 21.87 ? 28  VAL A CG1 1 
ATOM   215  C  CG2 . VAL A 1 28  ? 11.530  -4.079  -7.842  1.00 22.41 ? 28  VAL A CG2 1 
ATOM   216  N  N   . PRO A 1 29  ? 7.108   -4.590  -8.948  1.00 12.61 ? 29  PRO A N   1 
ATOM   217  C  CA  . PRO A 1 29  ? 5.658   -4.628  -8.687  1.00 12.67 ? 29  PRO A CA  1 
ATOM   218  C  C   . PRO A 1 29  ? 5.332   -4.522  -7.202  1.00 11.02 ? 29  PRO A C   1 
ATOM   219  O  O   . PRO A 1 29  ? 6.078   -4.993  -6.338  1.00 12.17 ? 29  PRO A O   1 
ATOM   220  C  CB  . PRO A 1 29  ? 5.202   -5.969  -9.279  1.00 15.80 ? 29  PRO A CB  1 
ATOM   221  C  CG  . PRO A 1 29  ? 6.429   -6.649  -9.777  1.00 18.96 ? 29  PRO A CG  1 
ATOM   222  C  CD  . PRO A 1 29  ? 7.573   -5.725  -9.769  1.00 15.72 ? 29  PRO A CD  1 
ATOM   223  N  N   . VAL A 1 30  ? 4.211   -3.857  -6.914  1.00 9.67  ? 30  VAL A N   1 
ATOM   224  C  CA  . VAL A 1 30  ? 3.753   -3.647  -5.544  1.00 9.69  ? 30  VAL A CA  1 
ATOM   225  C  C   . VAL A 1 30  ? 2.303   -4.101  -5.428  1.00 10.10 ? 30  VAL A C   1 
ATOM   226  O  O   . VAL A 1 30  ? 1.512   -3.919  -6.361  1.00 10.95 ? 30  VAL A O   1 
ATOM   227  C  CB  . VAL A 1 30  ? 3.917   -2.164  -5.141  1.00 10.07 ? 30  VAL A CB  1 
ATOM   228  C  CG1 . VAL A 1 30  ? 3.279   -1.868  -3.782  1.00 12.40 ? 30  VAL A CG1 1 
ATOM   229  C  CG2 . VAL A 1 30  ? 5.388   -1.785  -5.161  1.00 12.62 ? 30  VAL A CG2 1 
ATOM   230  N  N   . CYS A 1 31  ? 1.973   -4.710  -4.278  1.00 10.29 ? 31  CYS A N   1 
ATOM   231  C  CA  . CYS A 1 31  ? 0.648   -5.239  -3.946  1.00 10.85 ? 31  CYS A CA  1 
ATOM   232  C  C   . CYS A 1 31  ? 0.200   -4.518  -2.677  1.00 10.76 ? 31  CYS A C   1 
ATOM   233  O  O   . CYS A 1 31  ? 0.864   -4.637  -1.647  1.00 11.47 ? 31  CYS A O   1 
ATOM   234  C  CB  . CYS A 1 31  ? 0.739   -6.762  -3.660  1.00 11.44 ? 31  CYS A CB  1 
ATOM   235  S  SG  . CYS A 1 31  ? -0.762  -7.734  -3.556  1.00 15.72 ? 31  CYS A SG  1 
ATOM   236  N  N   . TRP A 1 32  ? -0.909  -3.784  -2.746  1.00 8.25  ? 32  TRP A N   1 
ATOM   237  C  CA  . TRP A 1 32  ? -1.579  -3.256  -1.563  1.00 8.88  ? 32  TRP A CA  1 
ATOM   238  C  C   . TRP A 1 32  ? -2.894  -3.990  -1.359  1.00 8.08  ? 32  TRP A C   1 
ATOM   239  O  O   . TRP A 1 32  ? -3.672  -4.169  -2.311  1.00 8.37  ? 32  TRP A O   1 
ATOM   240  C  CB  . TRP A 1 32  ? -1.951  -1.785  -1.746  1.00 10.00 ? 32  TRP A CB  1 
ATOM   241  C  CG  . TRP A 1 32  ? -0.940  -0.770  -1.339  1.00 8.74  ? 32  TRP A CG  1 
ATOM   242  C  CD1 . TRP A 1 32  ? -0.126  -0.061  -2.176  1.00 9.32  ? 32  TRP A CD1 1 
ATOM   243  C  CD2 . TRP A 1 32  ? -0.678  -0.299  -0.014  1.00 8.33  ? 32  TRP A CD2 1 
ATOM   244  N  NE1 . TRP A 1 32  ? 0.635   0.818   -1.450  1.00 7.79  ? 32  TRP A NE1 1 
ATOM   245  C  CE2 . TRP A 1 32  ? 0.321   0.692   -0.118  1.00 8.19  ? 32  TRP A CE2 1 
ATOM   246  C  CE3 . TRP A 1 32  ? -1.184  -0.617  1.253   1.00 9.41  ? 32  TRP A CE3 1 
ATOM   247  C  CZ2 . TRP A 1 32  ? 0.805   1.383   0.999   1.00 7.50  ? 32  TRP A CZ2 1 
ATOM   248  C  CZ3 . TRP A 1 32  ? -0.690  0.054   2.360   1.00 9.25  ? 32  TRP A CZ3 1 
ATOM   249  C  CH2 . TRP A 1 32  ? 0.308   1.033   2.230   1.00 8.89  ? 32  TRP A CH2 1 
ATOM   250  N  N   . GLY A 1 33  ? -3.165  -4.375  -0.111  1.00 8.22  ? 33  GLY A N   1 
ATOM   251  C  CA  . GLY A 1 33  ? -4.444  -4.984  0.209   1.00 9.00  ? 33  GLY A CA  1 
ATOM   252  C  C   . GLY A 1 33  ? -4.860  -4.704  1.637   1.00 8.97  ? 33  GLY A C   1 
ATOM   253  O  O   . GLY A 1 33  ? -4.076  -4.212  2.450   1.00 9.52  ? 33  GLY A O   1 
ATOM   254  N  N   . LYS A 1 34  ? -6.120  -5.011  1.936   1.00 10.13 ? 34  LYS A N   1 
ATOM   255  C  CA  . LYS A 1 34  ? -6.636  -4.880  3.293   1.00 11.26 ? 34  LYS A CA  1 
ATOM   256  C  C   . LYS A 1 34  ? -6.491  -6.228  3.981   1.00 11.01 ? 34  LYS A C   1 
ATOM   257  O  O   . LYS A 1 34  ? -6.866  -7.265  3.417   1.00 12.79 ? 34  LYS A O   1 
ATOM   258  C  CB  . LYS A 1 34  ? -8.099  -4.430  3.293   1.00 14.15 ? 34  LYS A CB  1 
ATOM   259  C  CG  . LYS A 1 34  ? -8.587  -3.994  4.682   1.00 15.72 ? 34  LYS A CG  1 
ATOM   260  C  CD  . LYS A 1 34  ? -9.898  -3.235  4.603   1.00 17.25 ? 34  LYS A CD  1 
ATOM   261  C  CE  . LYS A 1 34  ? -10.224 -2.574  5.925   1.00 19.61 ? 34  LYS A CE  1 
ATOM   262  N  NZ  . LYS A 1 34  ? -10.443 -3.596  6.983   1.00 23.49 ? 34  LYS A NZ  1 
ATOM   263  N  N   . GLY A 1 35  ? -5.931  -6.220  5.178   1.00 10.85 ? 35  GLY A N   1 
ATOM   264  C  CA  . GLY A 1 35  ? -5.526  -7.430  5.865   1.00 11.35 ? 35  GLY A CA  1 
ATOM   265  C  C   . GLY A 1 35  ? -4.015  -7.516  5.936   1.00 10.50 ? 35  GLY A C   1 
ATOM   266  O  O   . GLY A 1 35  ? -3.295  -6.983  5.083   1.00 13.65 ? 35  GLY A O   1 
ATOM   267  N  N   . ALA A 1 36  ? -3.522  -8.194  6.967   1.00 10.55 ? 36  ALA A N   1 
ATOM   268  C  CA  . ALA A 1 36  ? -2.092  -8.332  7.176   1.00 10.53 ? 36  ALA A CA  1 
ATOM   269  C  C   . ALA A 1 36  ? -1.448  -9.144  6.057   1.00 12.33 ? 36  ALA A C   1 
ATOM   270  O  O   . ALA A 1 36  ? -2.082  -9.995  5.424   1.00 12.53 ? 36  ALA A O   1 
ATOM   271  C  CB  . ALA A 1 36  ? -1.833  -9.028  8.513   1.00 12.98 ? 36  ALA A CB  1 
ATOM   272  N  N   . CYS A 1 37  ? -0.156  -8.893  5.846   1.00 12.41 ? 37  CYS A N   1 
ATOM   273  C  CA  . CYS A 1 37  ? 0.584   -9.562  4.781   1.00 13.55 ? 37  CYS A CA  1 
ATOM   274  C  C   . CYS A 1 37  ? 0.625   -11.089 4.844   1.00 15.09 ? 37  CYS A C   1 
ATOM   275  O  O   . CYS A 1 37  ? 0.837   -11.692 3.777   1.00 17.65 ? 37  CYS A O   1 
ATOM   276  C  CB  . CYS A 1 37  ? 2.017   -9.010  4.687   1.00 12.92 ? 37  CYS A CB  1 
ATOM   277  S  SG  . CYS A 1 37  ? 2.114   -7.237  4.308   1.00 13.45 ? 37  CYS A SG  1 
ATOM   278  N  N   . PRO A 1 38  ? 0.491   -11.764 5.996   1.00 14.76 ? 38  PRO A N   1 
ATOM   279  C  CA  . PRO A 1 38  ? 0.424   -13.239 5.960   1.00 16.42 ? 38  PRO A CA  1 
ATOM   280  C  C   . PRO A 1 38  ? -0.785  -13.789 5.226   1.00 16.83 ? 38  PRO A C   1 
ATOM   281  O  O   . PRO A 1 38  ? -0.831  -15.003 4.977   1.00 17.22 ? 38  PRO A O   1 
ATOM   282  C  CB  . PRO A 1 38  ? 0.391   -13.639 7.441   1.00 16.79 ? 38  PRO A CB  1 
ATOM   283  C  CG  . PRO A 1 38  ? 1.055   -12.519 8.148   1.00 16.96 ? 38  PRO A CG  1 
ATOM   284  C  CD  . PRO A 1 38  ? 0.657   -11.283 7.386   1.00 16.37 ? 38  PRO A CD  1 
ATOM   285  N  N   . VAL A 1 39  ? -1.740  -12.947 4.857   1.00 14.51 ? 39  VAL A N   1 
ATOM   286  C  CA  . VAL A 1 39  ? -2.969  -13.382 4.205   1.00 16.48 ? 39  VAL A CA  1 
ATOM   287  C  C   . VAL A 1 39  ? -2.761  -13.308 2.696   1.00 17.69 ? 39  VAL A C   1 
ATOM   288  O  O   . VAL A 1 39  ? -2.529  -12.225 2.141   1.00 17.51 ? 39  VAL A O   1 
ATOM   289  C  CB  . VAL A 1 39  ? -4.152  -12.512 4.655   1.00 15.61 ? 39  VAL A CB  1 
ATOM   290  C  CG1 . VAL A 1 39  ? -5.439  -12.915 3.933   1.00 17.57 ? 39  VAL A CG1 1 
ATOM   291  C  CG2 . VAL A 1 39  ? -4.317  -12.579 6.188   1.00 16.66 ? 39  VAL A CG2 1 
ATOM   292  N  N   . PHE A 1 40  ? -2.823  -14.462 2.033   1.00 17.43 ? 40  PHE A N   1 
ATOM   293  C  CA  . PHE A 1 40  ? -2.708  -14.568 0.568   1.00 17.64 ? 40  PHE A CA  1 
ATOM   294  C  C   . PHE A 1 40  ? -1.398  -13.909 0.138   1.00 18.76 ? 40  PHE A C   1 
ATOM   295  O  O   . PHE A 1 40  ? -0.332  -14.239 0.678   1.00 19.26 ? 40  PHE A O   1 
ATOM   296  C  CB  . PHE A 1 40  ? -3.959  -14.010 -0.107  1.00 17.52 ? 40  PHE A CB  1 
ATOM   297  C  CG  . PHE A 1 40  ? -5.212  -14.784 0.172   1.00 17.11 ? 40  PHE A CG  1 
ATOM   298  C  CD1 . PHE A 1 40  ? -5.276  -16.145 -0.068  1.00 20.01 ? 40  PHE A CD1 1 
ATOM   299  C  CD2 . PHE A 1 40  ? -6.342  -14.134 0.642   1.00 17.59 ? 40  PHE A CD2 1 
ATOM   300  C  CE1 . PHE A 1 40  ? -6.451  -16.853 0.177   1.00 20.48 ? 40  PHE A CE1 1 
ATOM   301  C  CE2 . PHE A 1 40  ? -7.522  -14.844 0.891   1.00 18.71 ? 40  PHE A CE2 1 
ATOM   302  C  CZ  . PHE A 1 40  ? -7.571  -16.202 0.649   1.00 18.05 ? 40  PHE A CZ  1 
ATOM   303  N  N   . GLU A 1 41  ? -1.432  -12.972 -0.803  1.00 18.00 ? 41  GLU A N   1 
ATOM   304  C  CA  . GLU A 1 41  ? -0.294  -12.208 -1.282  1.00 19.55 ? 41  GLU A CA  1 
ATOM   305  C  C   . GLU A 1 41  ? -0.119  -10.925 -0.485  1.00 15.65 ? 41  GLU A C   1 
ATOM   306  O  O   . GLU A 1 41  ? 0.948   -10.673 0.082   1.00 16.65 ? 41  GLU A O   1 
ATOM   307  C  CB  . GLU A 1 41  ? -0.569  -11.842 -2.737  1.00 23.21 ? 41  GLU A CB  1 
ATOM   308  C  CG  . GLU A 1 41  ? 0.607   -11.886 -3.636  1.00 25.95 ? 41  GLU A CG  1 
ATOM   309  C  CD  . GLU A 1 41  ? 0.196   -11.938 -5.087  1.00 26.21 ? 41  GLU A CD  1 
ATOM   310  O  OE1 . GLU A 1 41  ? -1.023  -11.935 -5.387  1.00 23.18 ? 41  GLU A OE1 1 
ATOM   311  O  OE2 . GLU A 1 41  ? 1.100   -11.997 -5.934  1.00 25.20 ? 41  GLU A OE2 1 
ATOM   312  N  N   . CYS A 1 42  ? -1.175  -10.118 -0.409  1.00 14.09 ? 42  CYS A N   1 
ATOM   313  C  CA  . CYS A 1 42  ? -1.136  -8.884  0.356   1.00 15.18 ? 42  CYS A CA  1 
ATOM   314  C  C   . CYS A 1 42  ? -2.514  -8.588  0.920   1.00 13.88 ? 42  CYS A C   1 
ATOM   315  O  O   . CYS A 1 42  ? -2.953  -7.436  0.947   1.00 14.00 ? 42  CYS A O   1 
ATOM   316  C  CB  . CYS A 1 42  ? -0.607  -7.707  -0.476  1.00 14.58 ? 42  CYS A CB  1 
ATOM   317  S  SG  . CYS A 1 42  ? -1.659  -7.121  -1.831  1.00 15.00 ? 42  CYS A SG  1 
ATOM   318  N  N   . GLY A 1 43  ? -3.214  -9.628  1.378   1.00 14.91 ? 43  GLY A N   1 
ATOM   319  C  CA  . GLY A 1 43  ? -4.556  -9.437  1.898   1.00 14.62 ? 43  GLY A CA  1 
ATOM   320  C  C   . GLY A 1 43  ? -5.585  -9.373  0.781   1.00 14.43 ? 43  GLY A C   1 
ATOM   321  O  O   . GLY A 1 43  ? -5.435  -9.994  -0.268  1.00 14.44 ? 43  GLY A O   1 
ATOM   322  N  N   . ASN A 1 44  ? -6.647  -8.612  1.020   1.00 15.78 ? 44  ASN A N   1 
ATOM   323  C  CA  . ASN A 1 44  ? -7.710  -8.425  0.033   1.00 14.34 ? 44  ASN A CA  1 
ATOM   324  C  C   . ASN A 1 44  ? -7.303  -7.259  -0.865  1.00 11.95 ? 44  ASN A C   1 
ATOM   325  O  O   . ASN A 1 44  ? -7.338  -6.097  -0.444  1.00 12.76 ? 44  ASN A O   1 
ATOM   326  C  CB  . ASN A 1 44  ? -9.050  -8.211  0.731   1.00 15.72 ? 44  ASN A CB  1 
ATOM   327  C  CG  . ASN A 1 44  ? -9.442  -9.407  1.604   1.00 23.04 ? 44  ASN A CG  1 
ATOM   328  O  OD1 . ASN A 1 44  ? -10.043 -10.366 1.117   1.00 29.71 ? 44  ASN A OD1 1 
ATOM   329  N  ND2 . ASN A 1 44  ? -9.095  -9.358  2.887   1.00 27.44 ? 44  ASN A ND2 1 
ATOM   330  N  N   . VAL A 1 45  ? -6.912  -7.574  -2.104  1.00 11.76 ? 45  VAL A N   1 
ATOM   331  C  CA  . VAL A 1 45  ? -6.159  -6.624  -2.922  1.00 11.50 ? 45  VAL A CA  1 
ATOM   332  C  C   . VAL A 1 45  ? -6.977  -5.378  -3.223  1.00 11.92 ? 45  VAL A C   1 
ATOM   333  O  O   . VAL A 1 45  ? -8.151  -5.456  -3.605  1.00 13.76 ? 45  VAL A O   1 
ATOM   334  C  CB  . VAL A 1 45  ? -5.686  -7.297  -4.214  1.00 11.52 ? 45  VAL A CB  1 
ATOM   335  C  CG1 . VAL A 1 45  ? -4.830  -6.330  -5.027  1.00 14.28 ? 45  VAL A CG1 1 
ATOM   336  C  CG2 . VAL A 1 45  ? -4.920  -8.560  -3.899  1.00 17.01 ? 45  VAL A CG2 1 
ATOM   337  N  N   . VAL A 1 46  ? -6.346  -4.216  -3.062  1.00 10.25 ? 46  VAL A N   1 
ATOM   338  C  CA  . VAL A 1 46  ? -6.968  -2.943  -3.405  1.00 11.06 ? 46  VAL A CA  1 
ATOM   339  C  C   . VAL A 1 46  ? -6.236  -2.199  -4.512  1.00 11.53 ? 46  VAL A C   1 
ATOM   340  O  O   . VAL A 1 46  ? -6.859  -1.358  -5.183  1.00 12.69 ? 46  VAL A O   1 
ATOM   341  C  CB  . VAL A 1 46  ? -7.191  -2.020  -2.185  1.00 12.04 ? 46  VAL A CB  1 
ATOM   342  C  CG1 . VAL A 1 46  ? -8.133  -2.661  -1.174  1.00 12.22 ? 46  VAL A CG1 1 
ATOM   343  C  CG2 . VAL A 1 46  ? -5.878  -1.597  -1.537  1.00 11.33 ? 46  VAL A CG2 1 
ATOM   344  N  N   . LEU A 1 47  ? -4.958  -2.474  -4.750  1.00 10.15 ? 47  LEU A N   1 
ATOM   345  C  CA  . LEU A 1 47  ? -4.197  -1.703  -5.717  1.00 9.94  ? 47  LEU A CA  1 
ATOM   346  C  C   . LEU A 1 47  ? -2.941  -2.485  -6.050  1.00 9.51  ? 47  LEU A C   1 
ATOM   347  O  O   . LEU A 1 47  ? -2.336  -3.080  -5.155  1.00 10.30 ? 47  LEU A O   1 
ATOM   348  C  CB  . LEU A 1 47  ? -3.841  -0.340  -5.113  1.00 11.19 ? 47  LEU A CB  1 
ATOM   349  C  CG  . LEU A 1 47  ? -3.427  0.757   -6.084  1.00 11.53 ? 47  LEU A CG  1 
ATOM   350  C  CD1 . LEU A 1 47  ? -3.758  2.106   -5.492  1.00 12.63 ? 47  LEU A CD1 1 
ATOM   351  C  CD2 . LEU A 1 47  ? -1.948  0.677   -6.384  1.00 14.78 ? 47  LEU A CD2 1 
ATOM   352  N  N   . ARG A 1 48  ? -2.550  -2.489  -7.325  1.00 9.17  ? 48  ARG A N   1 
ATOM   353  C  CA  . ARG A 1 48  ? -1.314  -3.147  -7.740  1.00 10.84 ? 48  ARG A CA  1 
ATOM   354  C  C   . ARG A 1 48  ? -0.600  -2.329  -8.803  1.00 10.91 ? 48  ARG A C   1 
ATOM   355  O  O   . ARG A 1 48  ? -1.230  -1.660  -9.628  1.00 13.46 ? 48  ARG A O   1 
ATOM   356  C  CB  . ARG A 1 48  ? -1.539  -4.554  -8.315  1.00 15.88 ? 48  ARG A CB  1 
ATOM   357  C  CG  . ARG A 1 48  ? -2.295  -5.470  -7.377  1.00 16.01 ? 48  ARG A CG  1 
ATOM   358  C  CD  . ARG A 1 48  ? -2.206  -6.946  -7.745  1.00 21.26 ? 48  ARG A CD  1 
ATOM   359  N  NE  . ARG A 1 48  ? -0.918  -7.510  -7.362  1.00 21.41 ? 48  ARG A NE  1 
ATOM   360  C  CZ  . ARG A 1 48  ? -0.737  -8.764  -6.977  1.00 16.47 ? 48  ARG A CZ  1 
ATOM   361  N  NH1 . ARG A 1 48  ? -1.755  -9.610  -6.878  1.00 22.90 ? 48  ARG A NH1 1 
ATOM   362  N  NH2 . ARG A 1 48  ? 0.487   -9.172  -6.658  1.00 20.85 ? 48  ARG A NH2 1 
ATOM   363  N  N   . THR A 1 49  ? 0.724   -2.417  -8.787  1.00 11.78 ? 49  THR A N   1 
ATOM   364  C  CA  . THR A 1 49  ? 1.555   -1.916  -9.876  1.00 13.33 ? 49  THR A CA  1 
ATOM   365  C  C   . THR A 1 49  ? 2.407   -3.052  -10.418 1.00 14.32 ? 49  THR A C   1 
ATOM   366  O  O   . THR A 1 49  ? 2.618   -4.079  -9.766  1.00 14.64 ? 49  THR A O   1 
ATOM   367  C  CB  . THR A 1 49  ? 2.515   -0.827  -9.396  1.00 13.03 ? 49  THR A CB  1 
ATOM   368  O  OG1 . THR A 1 49  ? 3.458   -1.424  -8.496  1.00 14.40 ? 49  THR A OG1 1 
ATOM   369  C  CG2 . THR A 1 49  ? 1.773   0.297   -8.702  1.00 15.78 ? 49  THR A CG2 1 
ATOM   370  N  N   . ASP A 1 50  ? 2.930   -2.838  -11.626 1.00 15.82 ? 50  ASP A N   1 
ATOM   371  C  CA  . ASP A 1 50  ? 3.937   -3.730  -12.183 1.00 17.58 ? 50  ASP A CA  1 
ATOM   372  C  C   . ASP A 1 50  ? 5.200   -2.941  -12.501 1.00 16.99 ? 50  ASP A C   1 
ATOM   373  O  O   . ASP A 1 50  ? 5.424   -1.868  -11.931 1.00 16.95 ? 50  ASP A O   1 
ATOM   374  C  CB  . ASP A 1 50  ? 3.392   -4.496  -13.397 1.00 17.68 ? 50  ASP A CB  1 
ATOM   375  C  CG  . ASP A 1 50  ? 2.863   -3.589  -14.485 1.00 18.84 ? 50  ASP A CG  1 
ATOM   376  O  OD1 . ASP A 1 50  ? 3.416   -2.490  -14.692 1.00 17.97 ? 50  ASP A OD1 1 
ATOM   377  O  OD2 . ASP A 1 50  ? 1.882   -3.981  -15.144 1.00 23.89 ? 50  ASP A OD2 1 
ATOM   378  N  N   . GLU A 1 51  ? 6.025   -3.447  -13.422 1.00 17.72 ? 51  GLU A N   1 
ATOM   379  C  CA  . GLU A 1 51  ? 7.277   -2.772  -13.751 1.00 20.07 ? 51  GLU A CA  1 
ATOM   380  C  C   . GLU A 1 51  ? 7.051   -1.477  -14.523 1.00 20.53 ? 51  GLU A C   1 
ATOM   381  O  O   . GLU A 1 51  ? 7.974   -0.659  -14.616 1.00 23.92 ? 51  GLU A O   1 
ATOM   382  C  CB  . GLU A 1 51  ? 8.160   -3.685  -14.610 1.00 18.89 ? 51  GLU A CB  1 
ATOM   383  C  CG  . GLU A 1 51  ? 8.653   -4.972  -13.955 1.00 24.50 ? 51  GLU A CG  1 
ATOM   384  C  CD  . GLU A 1 51  ? 7.568   -6.014  -13.752 1.00 22.56 ? 51  GLU A CD  1 
ATOM   385  O  OE1 . GLU A 1 51  ? 6.488   -5.903  -14.371 1.00 21.17 ? 51  GLU A OE1 1 
ATOM   386  O  OE2 . GLU A 1 51  ? 7.823   -6.984  -13.003 1.00 28.96 ? 51  GLU A OE2 1 
ATOM   387  N  N   . ARG A 1 52  ? 5.858   -1.288  -15.083 1.00 19.62 ? 52  ARG A N   1 
ATOM   388  C  CA  . ARG A 1 52  ? 5.488   -0.199  -15.983 1.00 21.71 ? 52  ARG A CA  1 
ATOM   389  C  C   . ARG A 1 52  ? 4.612   0.856   -15.329 1.00 20.10 ? 52  ARG A C   1 
ATOM   390  O  O   . ARG A 1 52  ? 4.839   2.055   -15.508 1.00 21.11 ? 52  ARG A O   1 
ATOM   391  C  CB  . ARG A 1 52  ? 4.650   -0.758  -17.133 1.00 25.19 ? 52  ARG A CB  1 
ATOM   392  C  CG  . ARG A 1 52  ? 5.291   -1.633  -18.167 1.00 33.33 ? 52  ARG A CG  1 
ATOM   393  C  CD  . ARG A 1 52  ? 6.575   -1.075  -18.697 1.00 38.31 ? 52  ARG A CD  1 
ATOM   394  N  NE  . ARG A 1 52  ? 6.697   -1.557  -20.064 1.00 47.94 ? 52  ARG A NE  1 
ATOM   395  C  CZ  . ARG A 1 52  ? 6.780   -0.773  -21.131 1.00 49.99 ? 52  ARG A CZ  1 
ATOM   396  N  NH1 . ARG A 1 52  ? 6.944   0.535   -21.016 1.00 48.33 ? 52  ARG A NH1 1 
ATOM   397  N  NH2 . ARG A 1 52  ? 6.671   -1.314  -22.343 1.00 50.09 ? 52  ARG A NH2 1 
ATOM   398  N  N   . ASP A 1 53  ? 3.550   0.437   -14.653 1.00 16.88 ? 53  ASP A N   1 
ATOM   399  C  CA  . ASP A 1 53  ? 2.493   1.375   -14.302 1.00 17.92 ? 53  ASP A CA  1 
ATOM   400  C  C   . ASP A 1 53  ? 1.601   0.713   -13.263 1.00 16.86 ? 53  ASP A C   1 
ATOM   401  O  O   . ASP A 1 53  ? 1.790   -0.452  -12.896 1.00 14.74 ? 53  ASP A O   1 
ATOM   402  C  CB  . ASP A 1 53  ? 1.677   1.741   -15.547 1.00 19.98 ? 53  ASP A CB  1 
ATOM   403  C  CG  . ASP A 1 53  ? 1.050   3.129   -15.468 1.00 21.78 ? 53  ASP A CG  1 
ATOM   404  O  OD1 . ASP A 1 53  ? 0.822   3.729   -16.541 1.00 30.07 ? 53  ASP A OD1 1 
ATOM   405  O  OD2 . ASP A 1 53  ? 0.793   3.637   -14.359 1.00 18.21 ? 53  ASP A OD2 1 
ATOM   406  N  N   . VAL A 1 54  ? 0.631   1.489   -12.783 1.00 14.36 ? 54  VAL A N   1 
ATOM   407  C  CA  . VAL A 1 54  ? -0.491  0.938   -12.039 1.00 14.83 ? 54  VAL A CA  1 
ATOM   408  C  C   . VAL A 1 54  ? -1.295  0.033   -12.953 1.00 14.68 ? 54  VAL A C   1 
ATOM   409  O  O   . VAL A 1 54  ? -1.713  0.438   -14.044 1.00 18.10 ? 54  VAL A O   1 
ATOM   410  C  CB  . VAL A 1 54  ? -1.376  2.078   -11.524 1.00 12.48 ? 54  VAL A CB  1 
ATOM   411  C  CG1 . VAL A 1 54  ? -2.613  1.506   -10.804 1.00 12.79 ? 54  VAL A CG1 1 
ATOM   412  C  CG2 . VAL A 1 54  ? -0.571  3.018   -10.621 1.00 13.92 ? 54  VAL A CG2 1 
ATOM   413  N  N   . ASN A 1 55  ? -1.542  -1.192  -12.506 1.00 15.58 ? 55  ASN A N   1 
ATOM   414  C  CA  . ASN A 1 55  ? -2.327  -2.137  -13.284 1.00 17.09 ? 55  ASN A CA  1 
ATOM   415  C  C   . ASN A 1 55  ? -3.642  -2.557  -12.642 1.00 16.08 ? 55  ASN A C   1 
ATOM   416  O  O   . ASN A 1 55  ? -4.411  -3.298  -13.266 1.00 16.50 ? 55  ASN A O   1 
ATOM   417  C  CB  . ASN A 1 55  ? -1.456  -3.326  -13.729 1.00 17.79 ? 55  ASN A CB  1 
ATOM   418  C  CG  . ASN A 1 55  ? -1.250  -4.368  -12.634 1.00 19.97 ? 55  ASN A CG  1 
ATOM   419  O  OD1 . ASN A 1 55  ? -2.125  -4.634  -11.805 1.00 22.41 ? 55  ASN A OD1 1 
ATOM   420  N  ND2 . ASN A 1 55  ? -0.078  -4.980  -12.643 1.00 22.29 ? 55  ASN A ND2 1 
ATOM   421  N  N   . TYR A 1 56  ? -3.937  -2.106  -11.426 1.00 13.59 ? 56  TYR A N   1 
ATOM   422  C  CA  . TYR A 1 56  ? -5.173  -2.477  -10.758 1.00 12.85 ? 56  TYR A CA  1 
ATOM   423  C  C   . TYR A 1 56  ? -5.428  -1.451  -9.673  1.00 12.35 ? 56  TYR A C   1 
ATOM   424  O  O   . TYR A 1 56  ? -4.500  -1.069  -8.960  1.00 11.34 ? 56  TYR A O   1 
ATOM   425  C  CB  . TYR A 1 56  ? -5.016  -3.837  -10.078 1.00 13.84 ? 56  TYR A CB  1 
ATOM   426  C  CG  . TYR A 1 56  ? -6.275  -4.369  -9.458  1.00 14.63 ? 56  TYR A CG  1 
ATOM   427  C  CD1 . TYR A 1 56  ? -7.342  -4.794  -10.247 1.00 16.54 ? 56  TYR A CD1 1 
ATOM   428  C  CD2 . TYR A 1 56  ? -6.422  -4.416  -8.074  1.00 13.93 ? 56  TYR A CD2 1 
ATOM   429  C  CE1 . TYR A 1 56  ? -8.498  -5.285  -9.679  1.00 17.43 ? 56  TYR A CE1 1 
ATOM   430  C  CE2 . TYR A 1 56  ? -7.583  -4.908  -7.493  1.00 15.83 ? 56  TYR A CE2 1 
ATOM   431  C  CZ  . TYR A 1 56  ? -8.614  -5.341  -8.303  1.00 15.38 ? 56  TYR A CZ  1 
ATOM   432  O  OH  . TYR A 1 56  ? -9.779  -5.835  -7.752  1.00 17.23 ? 56  TYR A OH  1 
ATOM   433  N  N   . TRP A 1 57  ? -6.674  -1.020  -9.537  1.00 12.27 ? 57  TRP A N   1 
ATOM   434  C  CA  . TRP A 1 57  ? -7.040  -0.158  -8.430  1.00 12.11 ? 57  TRP A CA  1 
ATOM   435  C  C   . TRP A 1 57  ? -8.513  -0.337  -8.105  1.00 14.23 ? 57  TRP A C   1 
ATOM   436  O  O   . TRP A 1 57  ? -9.302  -0.823  -8.920  1.00 15.00 ? 57  TRP A O   1 
ATOM   437  C  CB  . TRP A 1 57  ? -6.707  1.322   -8.681  1.00 11.79 ? 57  TRP A CB  1 
ATOM   438  C  CG  . TRP A 1 57  ? -7.268  1.877   -9.955  1.00 12.54 ? 57  TRP A CG  1 
ATOM   439  C  CD1 . TRP A 1 57  ? -6.605  2.034   -11.128 1.00 15.71 ? 57  TRP A CD1 1 
ATOM   440  C  CD2 . TRP A 1 57  ? -8.598  2.373   -10.171 1.00 13.16 ? 57  TRP A CD2 1 
ATOM   441  N  NE1 . TRP A 1 57  ? -7.441  2.578   -12.077 1.00 15.91 ? 57  TRP A NE1 1 
ATOM   442  C  CE2 . TRP A 1 57  ? -8.670  2.793   -11.514 1.00 14.11 ? 57  TRP A CE2 1 
ATOM   443  C  CE3 . TRP A 1 57  ? -9.735  2.488   -9.368  1.00 14.32 ? 57  TRP A CE3 1 
ATOM   444  C  CZ2 . TRP A 1 57  ? -9.839  3.332   -12.071 1.00 13.66 ? 57  TRP A CZ2 1 
ATOM   445  C  CZ3 . TRP A 1 57  ? -10.907 3.023   -9.927  1.00 13.95 ? 57  TRP A CZ3 1 
ATOM   446  C  CH2 . TRP A 1 57  ? -10.938 3.440   -11.265 1.00 15.11 ? 57  TRP A CH2 1 
ATOM   447  N  N   . THR A 1 58  ? -8.857  0.044   -6.892  1.00 14.55 ? 58  THR A N   1 
ATOM   448  C  CA  . THR A 1 58  ? -10.208 0.010   -6.364  1.00 14.84 ? 58  THR A CA  1 
ATOM   449  C  C   . THR A 1 58  ? -10.607 1.446   -6.086  1.00 14.38 ? 58  THR A C   1 
ATOM   450  O  O   . THR A 1 58  ? -9.775  2.256   -5.664  1.00 13.39 ? 58  THR A O   1 
ATOM   451  C  CB  . THR A 1 58  ? -10.218 -0.761  -5.033  1.00 19.82 ? 58  THR A CB  1 
ATOM   452  O  OG1 . THR A 1 58  ? -9.708  -2.079  -5.236  1.00 23.93 ? 58  THR A OG1 1 
ATOM   453  C  CG2 . THR A 1 58  ? -11.622 -0.848  -4.449  1.00 20.58 ? 58  THR A CG2 1 
ATOM   454  N  N   . SER A 1 59  ? -11.878 1.764   -6.302  1.00 14.92 ? 59  SER A N   1 
ATOM   455  C  CA  . SER A 1 59  ? -12.325 3.132   -6.105  1.00 14.75 ? 59  SER A CA  1 
ATOM   456  C  C   . SER A 1 59  ? -11.984 3.579   -4.694  1.00 13.19 ? 59  SER A C   1 
ATOM   457  O  O   . SER A 1 59  ? -12.171 2.823   -3.736  1.00 14.80 ? 59  SER A O   1 
ATOM   458  C  CB  . SER A 1 59  ? -13.831 3.232   -6.334  1.00 17.60 ? 59  SER A CB  1 
ATOM   459  O  OG  . SER A 1 59  ? -14.262 4.565   -6.142  1.00 27.19 ? 59  SER A OG  1 
ATOM   460  N  N   . ARG A 1 60  ? -11.440 4.793   -4.588  1.00 12.35 ? 60  ARG A N   1 
ATOM   461  C  CA  . ARG A 1 60  ? -11.020 5.499   -3.374  1.00 12.70 ? 60  ARG A CA  1 
ATOM   462  C  C   . ARG A 1 60  ? -9.565  5.258   -2.994  1.00 12.03 ? 60  ARG A C   1 
ATOM   463  O  O   . ARG A 1 60  ? -9.059  5.942   -2.104  1.00 10.94 ? 60  ARG A O   1 
ATOM   464  C  CB  . ARG A 1 60  ? -11.914 5.238   -2.152  1.00 13.52 ? 60  ARG A CB  1 
ATOM   465  C  CG  . ARG A 1 60  ? -13.369 5.636   -2.354  1.00 17.01 ? 60  ARG A CG  1 
ATOM   466  C  CD  . ARG A 1 60  ? -14.120 5.598   -1.035  1.00 16.42 ? 60  ARG A CD  1 
ATOM   467  N  NE  . ARG A 1 60  ? -14.082 4.272   -0.437  1.00 17.02 ? 60  ARG A NE  1 
ATOM   468  C  CZ  . ARG A 1 60  ? -13.625 4.010   0.779   1.00 18.84 ? 60  ARG A CZ  1 
ATOM   469  N  NH1 . ARG A 1 60  ? -13.163 4.971   1.564   1.00 17.11 ? 60  ARG A NH1 1 
ATOM   470  N  NH2 . ARG A 1 60  ? -13.631 2.756   1.218   1.00 18.47 ? 60  ARG A NH2 1 
ATOM   471  N  N   . TYR A 1 61  ? -8.885  4.299   -3.614  1.00 10.65 ? 61  TYR A N   1 
ATOM   472  C  CA  . TYR A 1 61  ? -7.508  3.967   -3.261  1.00 8.84  ? 61  TYR A CA  1 
ATOM   473  C  C   . TYR A 1 61  ? -6.557  4.515   -4.313  1.00 10.72 ? 61  TYR A C   1 
ATOM   474  O  O   . TYR A 1 61  ? -6.768  4.292   -5.515  1.00 10.22 ? 61  TYR A O   1 
ATOM   475  C  CB  . TYR A 1 61  ? -7.325  2.459   -3.114  1.00 11.98 ? 61  TYR A CB  1 
ATOM   476  C  CG  . TYR A 1 61  ? -8.151  1.863   -2.012  1.00 11.21 ? 61  TYR A CG  1 
ATOM   477  C  CD1 . TYR A 1 61  ? -7.585  1.589   -0.779  1.00 12.13 ? 61  TYR A CD1 1 
ATOM   478  C  CD2 . TYR A 1 61  ? -9.481  1.521   -2.217  1.00 15.01 ? 61  TYR A CD2 1 
ATOM   479  C  CE1 . TYR A 1 61  ? -8.332  1.027   0.243   1.00 14.08 ? 61  TYR A CE1 1 
ATOM   480  C  CE2 . TYR A 1 61  ? -10.233 0.952   -1.197  1.00 17.05 ? 61  TYR A CE2 1 
ATOM   481  C  CZ  . TYR A 1 61  ? -9.648  0.710   0.020   1.00 15.98 ? 61  TYR A CZ  1 
ATOM   482  O  OH  . TYR A 1 61  ? -10.407 0.139   1.030   1.00 22.33 ? 61  TYR A OH  1 
ATOM   483  N  N   . TRP A 1 62  ? -5.500  5.205   -3.860  1.00 9.09  ? 62  TRP A N   1 
ATOM   484  C  CA  . TRP A 1 62  ? -4.644  5.975   -4.757  1.00 9.56  ? 62  TRP A CA  1 
ATOM   485  C  C   . TRP A 1 62  ? -3.172  5.825   -4.398  1.00 9.61  ? 62  TRP A C   1 
ATOM   486  O  O   . TRP A 1 62  ? -2.804  5.734   -3.224  1.00 9.23  ? 62  TRP A O   1 
ATOM   487  C  CB  . TRP A 1 62  ? -4.954  7.471   -4.657  1.00 10.06 ? 62  TRP A CB  1 
ATOM   488  C  CG  . TRP A 1 62  ? -6.323  7.815   -5.091  1.00 10.59 ? 62  TRP A CG  1 
ATOM   489  C  CD1 . TRP A 1 62  ? -7.438  7.878   -4.308  1.00 10.44 ? 62  TRP A CD1 1 
ATOM   490  C  CD2 . TRP A 1 62  ? -6.733  8.158   -6.411  1.00 11.46 ? 62  TRP A CD2 1 
ATOM   491  N  NE1 . TRP A 1 62  ? -8.532  8.229   -5.072  1.00 14.36 ? 62  TRP A NE1 1 
ATOM   492  C  CE2 . TRP A 1 62  ? -8.119  8.408   -6.364  1.00 11.53 ? 62  TRP A CE2 1 
ATOM   493  C  CE3 . TRP A 1 62  ? -6.063  8.276   -7.629  1.00 11.93 ? 62  TRP A CE3 1 
ATOM   494  C  CZ2 . TRP A 1 62  ? -8.847  8.772   -7.504  1.00 12.95 ? 62  TRP A CZ2 1 
ATOM   495  C  CZ3 . TRP A 1 62  ? -6.796  8.629   -8.762  1.00 11.51 ? 62  TRP A CZ3 1 
ATOM   496  C  CH2 . TRP A 1 62  ? -8.166  8.870   -8.683  1.00 11.97 ? 62  TRP A CH2 1 
ATOM   497  N  N   . LEU A 1 63  ? -2.329  5.831   -5.429  1.00 9.53  ? 63  LEU A N   1 
ATOM   498  C  CA  . LEU A 1 63  ? -0.906  6.122   -5.284  1.00 10.04 ? 63  LEU A CA  1 
ATOM   499  C  C   . LEU A 1 63  ? -0.694  7.516   -5.860  1.00 12.75 ? 63  LEU A C   1 
ATOM   500  O  O   . LEU A 1 63  ? -0.519  7.671   -7.075  1.00 12.82 ? 63  LEU A O   1 
ATOM   501  C  CB  . LEU A 1 63  ? -0.035  5.120   -6.035  1.00 11.58 ? 63  LEU A CB  1 
ATOM   502  C  CG  . LEU A 1 63  ? -0.112  3.653   -5.632  1.00 10.27 ? 63  LEU A CG  1 
ATOM   503  C  CD1 . LEU A 1 63  ? 0.930   2.870   -6.413  1.00 13.24 ? 63  LEU A CD1 1 
ATOM   504  C  CD2 . LEU A 1 63  ? 0.071   3.441   -4.124  1.00 11.67 ? 63  LEU A CD2 1 
ATOM   505  N  N   . ASN A 1 64  ? -0.686  8.525   -4.993  1.00 10.09 ? 64  ASN A N   1 
ATOM   506  C  CA  . ASN A 1 64  ? -0.511  9.904   -5.434  1.00 11.44 ? 64  ASN A CA  1 
ATOM   507  C  C   . ASN A 1 64  ? 0.912   10.405  -5.269  1.00 12.41 ? 64  ASN A C   1 
ATOM   508  O  O   . ASN A 1 64  ? 1.205   11.532  -5.685  1.00 14.05 ? 64  ASN A O   1 
ATOM   509  C  CB  . ASN A 1 64  ? -1.497  10.827  -4.713  1.00 13.81 ? 64  ASN A CB  1 
ATOM   510  C  CG  . ASN A 1 64  ? -2.929  10.557  -5.115  1.00 12.32 ? 64  ASN A CG  1 
ATOM   511  O  OD1 . ASN A 1 64  ? -3.194  10.136  -6.250  1.00 13.09 ? 64  ASN A OD1 1 
ATOM   512  N  ND2 . ASN A 1 64  ? -3.852  10.754  -4.187  1.00 13.30 ? 64  ASN A ND2 1 
ATOM   513  N  N   . GLY A 1 65  ? 1.796   9.615   -4.663  1.00 11.18 ? 65  GLY A N   1 
ATOM   514  C  CA  . GLY A 1 65  ? 3.193   9.972   -4.585  1.00 12.05 ? 65  GLY A CA  1 
ATOM   515  C  C   . GLY A 1 65  ? 3.927   9.573   -5.844  1.00 12.50 ? 65  GLY A C   1 
ATOM   516  O  O   . GLY A 1 65  ? 3.356   9.078   -6.816  1.00 12.54 ? 65  GLY A O   1 
ATOM   517  N  N   . ASP A 1 66  ? 5.235   9.796   -5.822  1.00 12.35 ? 66  ASP A N   1 
ATOM   518  C  CA  . ASP A 1 66  ? 6.068   9.528   -6.986  1.00 14.43 ? 66  ASP A CA  1 
ATOM   519  C  C   . ASP A 1 66  ? 6.411   8.044   -6.976  1.00 13.07 ? 66  ASP A C   1 
ATOM   520  O  O   . ASP A 1 66  ? 7.501   7.630   -6.572  1.00 12.74 ? 66  ASP A O   1 
ATOM   521  C  CB  . ASP A 1 66  ? 7.321   10.390  -6.916  1.00 15.22 ? 66  ASP A CB  1 
ATOM   522  C  CG  . ASP A 1 66  ? 8.056   10.464  -8.232  1.00 20.96 ? 66  ASP A CG  1 
ATOM   523  O  OD1 . ASP A 1 66  ? 7.698   9.716   -9.164  1.00 18.60 ? 66  ASP A OD1 1 
ATOM   524  O  OD2 . ASP A 1 66  ? 9.003   11.281  -8.319  1.00 26.10 ? 66  ASP A OD2 1 
ATOM   525  N  N   . PHE A 1 67  ? 5.459   7.230   -7.440  1.00 12.48 ? 67  PHE A N   1 
ATOM   526  C  CA  . PHE A 1 67  ? 5.669   5.787   -7.404  1.00 13.36 ? 67  PHE A CA  1 
ATOM   527  C  C   . PHE A 1 67  ? 6.770   5.337   -8.361  1.00 14.38 ? 67  PHE A C   1 
ATOM   528  O  O   . PHE A 1 67  ? 7.371   4.283   -8.139  1.00 14.32 ? 67  PHE A O   1 
ATOM   529  C  CB  . PHE A 1 67  ? 4.357   5.005   -7.598  1.00 14.39 ? 67  PHE A CB  1 
ATOM   530  C  CG  . PHE A 1 67  ? 3.706   5.189   -8.946  1.00 14.07 ? 67  PHE A CG  1 
ATOM   531  C  CD1 . PHE A 1 67  ? 4.116   4.432   -10.034 1.00 17.37 ? 67  PHE A CD1 1 
ATOM   532  C  CD2 . PHE A 1 67  ? 2.647   6.061   -9.104  1.00 16.90 ? 67  PHE A CD2 1 
ATOM   533  C  CE1 . PHE A 1 67  ? 3.507   4.583   -11.270 1.00 18.14 ? 67  PHE A CE1 1 
ATOM   534  C  CE2 . PHE A 1 67  ? 2.035   6.210   -10.341 1.00 19.45 ? 67  PHE A CE2 1 
ATOM   535  C  CZ  . PHE A 1 67  ? 2.468   5.467   -11.417 1.00 18.38 ? 67  PHE A CZ  1 
ATOM   536  N  N   . ARG A 1 68  ? 7.060   6.124   -9.401  1.00 15.11 ? 68  ARG A N   1 
ATOM   537  C  CA  . ARG A 1 68  ? 8.169   5.785   -10.286 1.00 15.24 ? 68  ARG A CA  1 
ATOM   538  C  C   . ARG A 1 68  ? 9.522   6.049   -9.649  1.00 17.41 ? 68  ARG A C   1 
ATOM   539  O  O   . ARG A 1 68  ? 10.547  5.660   -10.223 1.00 18.86 ? 68  ARG A O   1 
ATOM   540  C  CB  . ARG A 1 68  ? 8.022   6.521   -11.620 1.00 17.31 ? 68  ARG A CB  1 
ATOM   541  C  CG  . ARG A 1 68  ? 6.718   6.194   -12.332 1.00 18.70 ? 68  ARG A CG  1 
ATOM   542  C  CD  . ARG A 1 68  ? 6.560   6.923   -13.665 1.00 21.92 ? 68  ARG A CD  1 
ATOM   543  N  NE  . ARG A 1 68  ? 5.269   6.623   -14.280 1.00 24.87 ? 68  ARG A NE  1 
ATOM   544  C  CZ  . ARG A 1 68  ? 4.977   5.467   -14.864 1.00 21.39 ? 68  ARG A CZ  1 
ATOM   545  N  NH1 . ARG A 1 68  ? 5.872   4.495   -14.953 1.00 23.04 ? 68  ARG A NH1 1 
ATOM   546  N  NH2 . ARG A 1 68  ? 3.754   5.276   -15.357 1.00 23.40 ? 68  ARG A NH2 1 
ATOM   547  N  N   . LYS A 1 69  ? 9.554   6.673   -8.477  1.00 14.54 ? 69  LYS A N   1 
ATOM   548  C  CA  . LYS A 1 69  ? 10.763  6.754   -7.674  1.00 17.22 ? 69  LYS A CA  1 
ATOM   549  C  C   . LYS A 1 69  ? 10.681  5.930   -6.391  1.00 16.97 ? 69  LYS A C   1 
ATOM   550  O  O   . LYS A 1 69  ? 11.519  6.089   -5.502  1.00 17.03 ? 69  LYS A O   1 
ATOM   551  C  CB  . LYS A 1 69  ? 11.154  8.210   -7.406  1.00 19.12 ? 69  LYS A CB  1 
ATOM   552  C  CG  . LYS A 1 69  ? 11.859  8.860   -8.601  1.00 24.23 ? 69  LYS A CG  1 
ATOM   553  C  CD  . LYS A 1 69  ? 11.968  10.369  -8.478  1.00 30.08 ? 69  LYS A CD  1 
ATOM   554  C  CE  . LYS A 1 69  ? 11.790  11.053  -9.834  1.00 31.98 ? 69  LYS A CE  1 
ATOM   555  N  NZ  . LYS A 1 69  ? 10.841  12.210  -9.780  1.00 33.16 ? 69  LYS A NZ  1 
ATOM   556  N  N   . GLY A 1 70  ? 9.696   5.044   -6.275  1.00 11.78 ? 70  GLY A N   1 
ATOM   557  C  CA  . GLY A 1 70  ? 9.605   4.157   -5.136  1.00 14.54 ? 70  GLY A CA  1 
ATOM   558  C  C   . GLY A 1 70  ? 8.720   4.631   -4.004  1.00 11.67 ? 70  GLY A C   1 
ATOM   559  O  O   . GLY A 1 70  ? 8.661   3.956   -2.973  1.00 12.27 ? 70  GLY A O   1 
ATOM   560  N  N   . ASP A 1 71  ? 8.048   5.772   -4.139  1.00 11.71 ? 71  ASP A N   1 
ATOM   561  C  CA  . ASP A 1 71  ? 7.066   6.178   -3.134  1.00 10.38 ? 71  ASP A CA  1 
ATOM   562  C  C   . ASP A 1 71  ? 5.725   5.558   -3.503  1.00 10.47 ? 71  ASP A C   1 
ATOM   563  O  O   . ASP A 1 71  ? 4.962   6.111   -4.307  1.00 9.52  ? 71  ASP A O   1 
ATOM   564  C  CB  . ASP A 1 71  ? 6.963   7.692   -3.002  1.00 10.45 ? 71  ASP A CB  1 
ATOM   565  C  CG  . ASP A 1 71  ? 5.945   8.106   -1.949  1.00 11.13 ? 71  ASP A CG  1 
ATOM   566  O  OD1 . ASP A 1 71  ? 5.305   7.215   -1.342  1.00 10.23 ? 71  ASP A OD1 1 
ATOM   567  O  OD2 . ASP A 1 71  ? 5.772   9.311   -1.701  1.00 13.68 ? 71  ASP A OD2 1 
ATOM   568  N  N   . VAL A 1 72  ? 5.428   4.418   -2.879  1.00 8.91  ? 72  VAL A N   1 
ATOM   569  C  CA  . VAL A 1 72  ? 4.184   3.702   -3.154  1.00 9.06  ? 72  VAL A CA  1 
ATOM   570  C  C   . VAL A 1 72  ? 3.229   3.845   -1.977  1.00 8.92  ? 72  VAL A C   1 
ATOM   571  O  O   . VAL A 1 72  ? 2.441   2.941   -1.675  1.00 9.05  ? 72  VAL A O   1 
ATOM   572  C  CB  . VAL A 1 72  ? 4.433   2.232   -3.550  1.00 9.22  ? 72  VAL A CB  1 
ATOM   573  C  CG1 . VAL A 1 72  ? 5.046   2.153   -4.942  1.00 11.50 ? 72  VAL A CG1 1 
ATOM   574  C  CG2 . VAL A 1 72  ? 5.323   1.537   -2.539  1.00 11.32 ? 72  VAL A CG2 1 
ATOM   575  N  N   . SER A 1 73  ? 3.270   5.005   -1.327  1.00 6.96  ? 73  SER A N   1 
ATOM   576  C  CA  . SER A 1 73  ? 2.379   5.259   -0.207  1.00 7.40  ? 73  SER A CA  1 
ATOM   577  C  C   . SER A 1 73  ? 0.935   5.341   -0.685  1.00 8.27  ? 73  SER A C   1 
ATOM   578  O  O   . SER A 1 73  ? 0.645   5.822   -1.787  1.00 8.15  ? 73  SER A O   1 
ATOM   579  C  CB  . SER A 1 73  ? 2.760   6.564   0.487   1.00 8.84  ? 73  SER A CB  1 
ATOM   580  O  OG  . SER A 1 73  ? 4.090   6.511   0.979   1.00 9.38  ? 73  SER A OG  1 
ATOM   581  N  N   . LEU A 1 74  ? 0.018   4.869   0.159   1.00 7.46  ? 74  LEU A N   1 
ATOM   582  C  CA  . LEU A 1 74  ? -1.391  4.769   -0.188  1.00 6.65  ? 74  LEU A CA  1 
ATOM   583  C  C   . LEU A 1 74  ? -2.165  5.965   0.348   1.00 7.49  ? 74  LEU A C   1 
ATOM   584  O  O   . LEU A 1 74  ? -1.930  6.414   1.474   1.00 7.87  ? 74  LEU A O   1 
ATOM   585  C  CB  . LEU A 1 74  ? -1.973  3.485   0.406   1.00 8.41  ? 74  LEU A CB  1 
ATOM   586  C  CG  . LEU A 1 74  ? -3.366  3.068   -0.070  1.00 8.95  ? 74  LEU A CG  1 
ATOM   587  C  CD1 . LEU A 1 74  ? -3.332  2.643   -1.536  1.00 13.04 ? 74  LEU A CD1 1 
ATOM   588  C  CD2 . LEU A 1 74  ? -3.888  1.943   0.818   1.00 10.20 ? 74  LEU A CD2 1 
ATOM   589  N  N   . THR A 1 75  ? -3.083  6.479   -0.471  1.00 7.91  ? 75  THR A N   1 
ATOM   590  C  CA  . THR A 1 75  ? -4.118  7.397   -0.021  1.00 8.36  ? 75  THR A CA  1 
ATOM   591  C  C   . THR A 1 75  ? -5.460  6.691   -0.134  1.00 8.77  ? 75  THR A C   1 
ATOM   592  O  O   . THR A 1 75  ? -5.761  6.099   -1.172  1.00 9.77  ? 75  THR A O   1 
ATOM   593  C  CB  . THR A 1 75  ? -4.136  8.678   -0.858  1.00 9.28  ? 75  THR A CB  1 
ATOM   594  O  OG1 . THR A 1 75  ? -2.873  9.335   -0.733  1.00 10.91 ? 75  THR A OG1 1 
ATOM   595  C  CG2 . THR A 1 75  ? -5.217  9.600   -0.350  1.00 12.17 ? 75  THR A CG2 1 
ATOM   596  N  N   . ILE A 1 76  ? -6.249  6.726   0.938   1.00 9.38  ? 76  ILE A N   1 
ATOM   597  C  CA  . ILE A 1 76  ? -7.631  6.256   0.920   1.00 9.37  ? 76  ILE A CA  1 
ATOM   598  C  C   . ILE A 1 76  ? -8.516  7.480   1.052   1.00 11.59 ? 76  ILE A C   1 
ATOM   599  O  O   . ILE A 1 76  ? -8.455  8.193   2.055   1.00 10.02 ? 76  ILE A O   1 
ATOM   600  C  CB  . ILE A 1 76  ? -7.929  5.249   2.041   1.00 10.35 ? 76  ILE A CB  1 
ATOM   601  C  CG1 . ILE A 1 76  ? -6.876  4.147   2.068   1.00 10.21 ? 76  ILE A CG1 1 
ATOM   602  C  CG2 . ILE A 1 76  ? -9.331  4.658   1.826   1.00 12.12 ? 76  ILE A CG2 1 
ATOM   603  C  CD1 . ILE A 1 76  ? -7.096  3.120   3.168   1.00 12.80 ? 76  ILE A CD1 1 
ATOM   604  N  N   . GLU A 1 77  ? -9.330  7.740   0.045   1.00 12.89 ? 77  GLU A N   1 
ATOM   605  C  CA  . GLU A 1 77  ? -10.124 8.959   0.077   1.00 14.35 ? 77  GLU A CA  1 
ATOM   606  C  C   . GLU A 1 77  ? -11.463 8.736   0.777   1.00 15.15 ? 77  GLU A C   1 
ATOM   607  O  O   . GLU A 1 77  ? -12.035 7.640   0.751   1.00 14.44 ? 77  GLU A O   1 
ATOM   608  C  CB  . GLU A 1 77  ? -10.261 9.550   -1.330  1.00 19.52 ? 77  GLU A CB  1 
ATOM   609  C  CG  . GLU A 1 77  ? -11.558 9.360   -2.055  1.00 24.15 ? 77  GLU A CG  1 
ATOM   610  C  CD  . GLU A 1 77  ? -11.478 9.912   -3.476  1.00 22.44 ? 77  GLU A CD  1 
ATOM   611  O  OE1 . GLU A 1 77  ? -11.131 9.126   -4.382  1.00 18.73 ? 77  GLU A OE1 1 
ATOM   612  O  OE2 . GLU A 1 77  ? -11.738 11.120  -3.684  1.00 23.86 ? 77  GLU A OE2 1 
ATOM   613  N  N   . ASN A 1 78  ? -11.913 9.775   1.482   1.00 15.32 ? 78  ASN A N   1 
ATOM   614  C  CA  . ASN A 1 78  ? -13.250 9.808   2.076   1.00 16.25 ? 78  ASN A CA  1 
ATOM   615  C  C   . ASN A 1 78  ? -13.500 8.596   2.976   1.00 16.89 ? 78  ASN A C   1 
ATOM   616  O  O   . ASN A 1 78  ? -14.423 7.805   2.766   1.00 16.93 ? 78  ASN A O   1 
ATOM   617  C  CB  . ASN A 1 78  ? -14.324 9.917   0.989   1.00 18.80 ? 78  ASN A CB  1 
ATOM   618  C  CG  . ASN A 1 78  ? -15.629 10.466  1.516   1.00 23.15 ? 78  ASN A CG  1 
ATOM   619  O  OD1 . ASN A 1 78  ? -15.748 10.790  2.699   1.00 23.98 ? 78  ASN A OD1 1 
ATOM   620  N  ND2 . ASN A 1 78  ? -16.630 10.534  0.648   1.00 31.82 ? 78  ASN A ND2 1 
ATOM   621  N  N   . VAL A 1 79  ? -12.653 8.450   3.995   1.00 14.70 ? 79  VAL A N   1 
ATOM   622  C  CA  . VAL A 1 79  ? -12.706 7.241   4.798   1.00 14.14 ? 79  VAL A CA  1 
ATOM   623  C  C   . VAL A 1 79  ? -13.993 7.184   5.608   1.00 15.95 ? 79  VAL A C   1 
ATOM   624  O  O   . VAL A 1 79  ? -14.593 8.216   5.958   1.00 15.75 ? 79  VAL A O   1 
ATOM   625  C  CB  . VAL A 1 79  ? -11.476 7.085   5.711   1.00 12.80 ? 79  VAL A CB  1 
ATOM   626  C  CG1 . VAL A 1 79  ? -10.199 6.952   4.891   1.00 13.93 ? 79  VAL A CG1 1 
ATOM   627  C  CG2 . VAL A 1 79  ? -11.381 8.230   6.701   1.00 14.42 ? 79  VAL A CG2 1 
ATOM   628  N  N   . THR A 1 80  ? -14.413 5.961   5.920   1.00 17.18 ? 80  THR A N   1 
ATOM   629  C  CA  . THR A 1 80  ? -15.469 5.677   6.881   1.00 18.28 ? 80  THR A CA  1 
ATOM   630  C  C   . THR A 1 80  ? -14.911 4.752   7.955   1.00 17.50 ? 80  THR A C   1 
ATOM   631  O  O   . THR A 1 80  ? -13.778 4.259   7.864   1.00 16.30 ? 80  THR A O   1 
ATOM   632  C  CB  . THR A 1 80  ? -16.690 5.022   6.213   1.00 21.24 ? 80  THR A CB  1 
ATOM   633  O  OG1 . THR A 1 80  ? -16.462 3.617   6.073   1.00 23.18 ? 80  THR A OG1 1 
ATOM   634  C  CG2 . THR A 1 80  ? -16.957 5.631   4.840   1.00 25.41 ? 80  THR A CG2 1 
ATOM   635  N  N   . LEU A 1 81  ? -15.716 4.492   8.984   1.00 18.65 ? 81  LEU A N   1 
ATOM   636  C  CA  . LEU A 1 81  ? -15.249 3.628   10.057  1.00 16.99 ? 81  LEU A CA  1 
ATOM   637  C  C   . LEU A 1 81  ? -14.927 2.229   9.555   1.00 18.12 ? 81  LEU A C   1 
ATOM   638  O  O   . LEU A 1 81  ? -14.106 1.538   10.168  1.00 20.89 ? 81  LEU A O   1 
ATOM   639  C  CB  . LEU A 1 81  ? -16.300 3.562   11.172  1.00 18.61 ? 81  LEU A CB  1 
ATOM   640  C  CG  . LEU A 1 81  ? -16.434 4.813   12.047  1.00 20.55 ? 81  LEU A CG  1 
ATOM   641  C  CD1 . LEU A 1 81  ? -17.656 4.697   12.971  1.00 22.73 ? 81  LEU A CD1 1 
ATOM   642  C  CD2 . LEU A 1 81  ? -15.175 5.100   12.847  1.00 21.05 ? 81  LEU A CD2 1 
ATOM   643  N  N   . ALA A 1 82  ? -15.543 1.806   8.450   1.00 18.31 ? 82  ALA A N   1 
ATOM   644  C  CA  . ALA A 1 82  ? -15.289 0.485   7.893   1.00 19.35 ? 82  ALA A CA  1 
ATOM   645  C  C   . ALA A 1 82  ? -13.871 0.347   7.353   1.00 19.86 ? 82  ALA A C   1 
ATOM   646  O  O   . ALA A 1 82  ? -13.417 -0.781  7.122   1.00 19.36 ? 82  ALA A O   1 
ATOM   647  C  CB  . ALA A 1 82  ? -16.292 0.189   6.775   1.00 20.54 ? 82  ALA A CB  1 
ATOM   648  N  N   . ASP A 1 83  ? -13.168 1.462   7.150   1.00 16.91 ? 83  ASP A N   1 
ATOM   649  C  CA  . ASP A 1 83  ? -11.815 1.435   6.611   1.00 17.17 ? 83  ASP A CA  1 
ATOM   650  C  C   . ASP A 1 83  ? -10.745 1.136   7.658   1.00 15.17 ? 83  ASP A C   1 
ATOM   651  O  O   . ASP A 1 83  ? -9.589  0.909   7.279   1.00 14.90 ? 83  ASP A O   1 
ATOM   652  C  CB  . ASP A 1 83  ? -11.515 2.750   5.897   1.00 16.69 ? 83  ASP A CB  1 
ATOM   653  C  CG  . ASP A 1 83  ? -12.341 2.927   4.640   1.00 15.87 ? 83  ASP A CG  1 
ATOM   654  O  OD1 . ASP A 1 83  ? -12.537 1.939   3.903   1.00 20.46 ? 83  ASP A OD1 1 
ATOM   655  O  OD2 . ASP A 1 83  ? -12.796 4.056   4.386   1.00 18.37 ? 83  ASP A OD2 1 
ATOM   656  N  N   . SER A 1 84  ? -11.078 1.121   8.945   1.00 14.04 ? 84  SER A N   1 
ATOM   657  C  CA  . SER A 1 84  ? -10.095 0.770   9.956   1.00 14.00 ? 84  SER A CA  1 
ATOM   658  C  C   . SER A 1 84  ? -9.608  -0.651  9.721   1.00 14.36 ? 84  SER A C   1 
ATOM   659  O  O   . SER A 1 84  ? -10.363 -1.522  9.273   1.00 15.61 ? 84  SER A O   1 
ATOM   660  C  CB  . SER A 1 84  ? -10.718 0.848   11.350  1.00 17.79 ? 84  SER A CB  1 
ATOM   661  O  OG  . SER A 1 84  ? -10.939 2.186   11.747  1.00 20.18 ? 84  SER A OG  1 
ATOM   662  N  N   . GLY A 1 85  ? -8.348  -0.890  10.030  1.00 12.03 ? 85  GLY A N   1 
ATOM   663  C  CA  . GLY A 1 85  ? -7.795  -2.225  9.909   1.00 11.88 ? 85  GLY A CA  1 
ATOM   664  C  C   . GLY A 1 85  ? -6.312  -2.186  9.615   1.00 11.29 ? 85  GLY A C   1 
ATOM   665  O  O   . GLY A 1 85  ? -5.698  -1.127  9.526   1.00 12.39 ? 85  GLY A O   1 
ATOM   666  N  N   . ILE A 1 86  ? -5.750  -3.378  9.460   1.00 11.21 ? 86  ILE A N   1 
ATOM   667  C  CA  . ILE A 1 86  ? -4.380  -3.559  8.995   1.00 10.20 ? 86  ILE A CA  1 
ATOM   668  C  C   . ILE A 1 86  ? -4.409  -3.600  7.479   1.00 11.06 ? 86  ILE A C   1 
ATOM   669  O  O   . ILE A 1 86  ? -5.301  -4.213  6.880   1.00 11.65 ? 86  ILE A O   1 
ATOM   670  C  CB  . ILE A 1 86  ? -3.771  -4.862  9.548   1.00 11.11 ? 86  ILE A CB  1 
ATOM   671  C  CG1 . ILE A 1 86  ? -3.937  -4.950  11.074  1.00 11.73 ? 86  ILE A CG1 1 
ATOM   672  C  CG2 . ILE A 1 86  ? -2.319  -4.995  9.113   1.00 13.14 ? 86  ILE A CG2 1 
ATOM   673  C  CD1 . ILE A 1 86  ? -3.349  -3.787  11.866  1.00 14.53 ? 86  ILE A CD1 1 
ATOM   674  N  N   . TYR A 1 87  ? -3.432  -2.950  6.852   1.00 8.30  ? 87  TYR A N   1 
ATOM   675  C  CA  . TYR A 1 87  ? -3.235  -2.982  5.409   1.00 8.20  ? 87  TYR A CA  1 
ATOM   676  C  C   . TYR A 1 87  ? -1.839  -3.505  5.133   1.00 9.48  ? 87  TYR A C   1 
ATOM   677  O  O   . TYR A 1 87  ? -0.903  -3.232  5.889   1.00 10.98 ? 87  TYR A O   1 
ATOM   678  C  CB  . TYR A 1 87  ? -3.386  -1.586  4.806   1.00 9.11  ? 87  TYR A CB  1 
ATOM   679  C  CG  . TYR A 1 87  ? -4.809  -1.105  4.811   1.00 8.94  ? 87  TYR A CG  1 
ATOM   680  C  CD1 . TYR A 1 87  ? -5.390  -0.621  5.976   1.00 9.93  ? 87  TYR A CD1 1 
ATOM   681  C  CD2 . TYR A 1 87  ? -5.573  -1.147  3.657   1.00 10.16 ? 87  TYR A CD2 1 
ATOM   682  C  CE1 . TYR A 1 87  ? -6.703  -0.191  5.989   1.00 10.58 ? 87  TYR A CE1 1 
ATOM   683  C  CE2 . TYR A 1 87  ? -6.886  -0.713  3.648   1.00 11.17 ? 87  TYR A CE2 1 
ATOM   684  C  CZ  . TYR A 1 87  ? -7.439  -0.230  4.822   1.00 10.68 ? 87  TYR A CZ  1 
ATOM   685  O  OH  . TYR A 1 87  ? -8.752  0.196   4.828   1.00 13.81 ? 87  TYR A OH  1 
ATOM   686  N  N   . CYS A 1 88  ? -1.697  -4.251  4.049   1.00 8.57  ? 88  CYS A N   1 
ATOM   687  C  CA  . CYS A 1 88  ? -0.420  -4.808  3.641   1.00 8.09  ? 88  CYS A CA  1 
ATOM   688  C  C   . CYS A 1 88  ? 0.070   -4.088  2.397   1.00 8.83  ? 88  CYS A C   1 
ATOM   689  O  O   . CYS A 1 88  ? -0.640  -4.022  1.389   1.00 7.78  ? 88  CYS A O   1 
ATOM   690  C  CB  . CYS A 1 88  ? -0.578  -6.283  3.297   1.00 8.53  ? 88  CYS A CB  1 
ATOM   691  S  SG  . CYS A 1 88  ? 0.949   -6.975  2.641   1.00 12.00 ? 88  CYS A SG  1 
ATOM   692  N  N   . CYS A 1 89  ? 1.289   -3.572  2.465   1.00 8.36  ? 89  CYS A N   1 
ATOM   693  C  CA  . CYS A 1 89  ? 2.012   -3.107  1.293   1.00 7.55  ? 89  CYS A CA  1 
ATOM   694  C  C   . CYS A 1 89  ? 3.152   -4.094  1.069   1.00 9.01  ? 89  CYS A C   1 
ATOM   695  O  O   . CYS A 1 89  ? 4.054   -4.215  1.914   1.00 9.38  ? 89  CYS A O   1 
ATOM   696  C  CB  . CYS A 1 89  ? 2.561   -1.701  1.517   1.00 8.27  ? 89  CYS A CB  1 
ATOM   697  S  SG  . CYS A 1 89  ? 3.570   -1.140  0.156   1.00 8.97  ? 89  CYS A SG  1 
ATOM   698  N  N   . ARG A 1 90  ? 3.122   -4.794  -0.059  1.00 9.38  ? 90  ARG A N   1 
ATOM   699  C  CA  . ARG A 1 90  ? 4.121   -5.814  -0.350  1.00 9.22  ? 90  ARG A CA  1 
ATOM   700  C  C   . ARG A 1 90  ? 4.941   -5.366  -1.549  1.00 9.88  ? 90  ARG A C   1 
ATOM   701  O  O   . ARG A 1 90  ? 4.393   -5.136  -2.632  1.00 10.58 ? 90  ARG A O   1 
ATOM   702  C  CB  . ARG A 1 90  ? 3.439   -7.155  -0.610  1.00 10.96 ? 90  ARG A CB  1 
ATOM   703  C  CG  . ARG A 1 90  ? 4.406   -8.289  -0.792  1.00 10.94 ? 90  ARG A CG  1 
ATOM   704  C  CD  . ARG A 1 90  ? 3.653   -9.563  -1.057  1.00 15.33 ? 90  ARG A CD  1 
ATOM   705  N  NE  . ARG A 1 90  ? 4.542   -10.711 -1.111  1.00 17.57 ? 90  ARG A NE  1 
ATOM   706  C  CZ  . ARG A 1 90  ? 4.306   -11.859 -0.496  1.00 20.05 ? 90  ARG A CZ  1 
ATOM   707  N  NH1 . ARG A 1 90  ? 3.207   -12.048 0.217   1.00 21.83 ? 90  ARG A NH1 1 
ATOM   708  N  NH2 . ARG A 1 90  ? 5.193   -12.845 -0.603  1.00 22.30 ? 90  ARG A NH2 1 
ATOM   709  N  N   . ILE A 1 91  ? 6.242   -5.195  -1.333  1.00 11.31 ? 91  ILE A N   1 
ATOM   710  C  CA  . ILE A 1 91  ? 7.182   -4.882  -2.405  1.00 12.17 ? 91  ILE A CA  1 
ATOM   711  C  C   . ILE A 1 91  ? 7.644   -6.208  -2.994  1.00 11.95 ? 91  ILE A C   1 
ATOM   712  O  O   . ILE A 1 91  ? 8.341   -6.984  -2.330  1.00 12.32 ? 91  ILE A O   1 
ATOM   713  C  CB  . ILE A 1 91  ? 8.375   -4.065  -1.892  1.00 13.02 ? 91  ILE A CB  1 
ATOM   714  C  CG1 . ILE A 1 91  ? 7.918   -2.918  -0.986  1.00 12.88 ? 91  ILE A CG1 1 
ATOM   715  C  CG2 . ILE A 1 91  ? 9.197   -3.536  -3.075  1.00 14.22 ? 91  ILE A CG2 1 
ATOM   716  C  CD1 . ILE A 1 91  ? 7.038   -1.927  -1.674  1.00 11.95 ? 91  ILE A CD1 1 
ATOM   717  N  N   . GLN A 1 92  ? 7.251   -6.479  -4.236  1.00 11.51 ? 92  GLN A N   1 
ATOM   718  C  CA  . GLN A 1 92  ? 7.518   -7.788  -4.833  1.00 12.43 ? 92  GLN A CA  1 
ATOM   719  C  C   . GLN A 1 92  ? 8.862   -7.773  -5.558  1.00 14.76 ? 92  GLN A C   1 
ATOM   720  O  O   . GLN A 1 92  ? 8.948   -7.761  -6.786  1.00 15.17 ? 92  GLN A O   1 
ATOM   721  C  CB  . GLN A 1 92  ? 6.351   -8.220  -5.709  1.00 13.97 ? 92  GLN A CB  1 
ATOM   722  C  CG  . GLN A 1 92  ? 5.038   -8.171  -4.921  1.00 14.44 ? 92  GLN A CG  1 
ATOM   723  C  CD  . GLN A 1 92  ? 3.828   -8.588  -5.712  1.00 16.96 ? 92  GLN A CD  1 
ATOM   724  O  OE1 . GLN A 1 92  ? 3.221   -7.780  -6.394  1.00 17.87 ? 92  GLN A OE1 1 
ATOM   725  N  NE2 . GLN A 1 92  ? 3.424   -9.845  -5.565  1.00 26.80 ? 92  GLN A NE2 1 
ATOM   726  N  N   . ILE A 1 93  ? 9.918   -7.765  -4.746  1.00 15.31 ? 93  ILE A N   1 
ATOM   727  C  CA  . ILE A 1 93  ? 11.303  -7.832  -5.203  1.00 17.45 ? 93  ILE A CA  1 
ATOM   728  C  C   . ILE A 1 93  ? 11.447  -9.051  -6.105  1.00 18.91 ? 93  ILE A C   1 
ATOM   729  O  O   . ILE A 1 93  ? 10.993  -10.141 -5.738  1.00 17.05 ? 93  ILE A O   1 
ATOM   730  C  CB  . ILE A 1 93  ? 12.261  -7.932  -4.008  1.00 19.27 ? 93  ILE A CB  1 
ATOM   731  C  CG1 . ILE A 1 93  ? 12.070  -6.748  -3.053  1.00 20.80 ? 93  ILE A CG1 1 
ATOM   732  C  CG2 . ILE A 1 93  ? 13.709  -8.063  -4.491  1.00 20.87 ? 93  ILE A CG2 1 
ATOM   733  C  CD1 . ILE A 1 93  ? 12.475  -5.427  -3.627  1.00 21.47 ? 93  ILE A CD1 1 
ATOM   734  N  N   . PRO A 1 94  ? 12.032  -8.913  -7.296  1.00 19.34 ? 94  PRO A N   1 
ATOM   735  C  CA  . PRO A 1 94  ? 12.243  -10.087 -8.154  1.00 21.01 ? 94  PRO A CA  1 
ATOM   736  C  C   . PRO A 1 94  ? 13.042  -11.152 -7.419  1.00 19.73 ? 94  PRO A C   1 
ATOM   737  O  O   . PRO A 1 94  ? 14.027  -10.852 -6.742  1.00 18.69 ? 94  PRO A O   1 
ATOM   738  C  CB  . PRO A 1 94  ? 13.044  -9.524  -9.334  1.00 22.49 ? 94  PRO A CB  1 
ATOM   739  C  CG  . PRO A 1 94  ? 12.744  -8.074  -9.360  1.00 25.12 ? 94  PRO A CG  1 
ATOM   740  C  CD  . PRO A 1 94  ? 12.412  -7.652  -7.957  1.00 22.36 ? 94  PRO A CD  1 
ATOM   741  N  N   . GLY A 1 95  ? 12.598  -12.392 -7.536  1.00 21.30 ? 95  GLY A N   1 
ATOM   742  C  CA  . GLY A 1 95  ? 13.244  -13.503 -6.866  1.00 20.39 ? 95  GLY A CA  1 
ATOM   743  C  C   . GLY A 1 95  ? 12.367  -14.104 -5.783  1.00 25.38 ? 95  GLY A C   1 
ATOM   744  O  O   . GLY A 1 95  ? 11.249  -13.659 -5.519  1.00 23.31 ? 95  GLY A O   1 
ATOM   745  N  N   . ILE A 1 96  ? 12.929  -15.122 -5.131  1.00 28.23 ? 96  ILE A N   1 
ATOM   746  C  CA  . ILE A 1 96  ? 12.192  -16.017 -4.244  1.00 29.91 ? 96  ILE A CA  1 
ATOM   747  C  C   . ILE A 1 96  ? 12.466  -15.636 -2.797  1.00 27.15 ? 96  ILE A C   1 
ATOM   748  O  O   . ILE A 1 96  ? 13.608  -15.324 -2.433  1.00 27.90 ? 96  ILE A O   1 
ATOM   749  C  CB  . ILE A 1 96  ? 12.591  -17.483 -4.512  1.00 33.16 ? 96  ILE A CB  1 
ATOM   750  C  CG1 . ILE A 1 96  ? 12.721  -17.750 -6.017  1.00 33.94 ? 96  ILE A CG1 1 
ATOM   751  C  CG2 . ILE A 1 96  ? 11.584  -18.432 -3.895  1.00 36.24 ? 96  ILE A CG2 1 
ATOM   752  C  CD1 . ILE A 1 96  ? 14.141  -17.624 -6.559  1.00 32.76 ? 96  ILE A CD1 1 
ATOM   753  N  N   . MET A 1 97  ? 11.415  -15.661 -1.969  1.00 30.32 ? 97  MET A N   1 
ATOM   754  C  CA  . MET A 1 97  ? 11.529  -15.450 -0.520  1.00 29.95 ? 97  MET A CA  1 
ATOM   755  C  C   . MET A 1 97  ? 12.307  -14.183 -0.173  1.00 29.60 ? 97  MET A C   1 
ATOM   756  O  O   . MET A 1 97  ? 13.150  -14.168 0.725   1.00 28.64 ? 97  MET A O   1 
ATOM   757  C  CB  . MET A 1 97  ? 12.109  -16.676 0.192   1.00 33.61 ? 97  MET A CB  1 
ATOM   758  C  CG  . MET A 1 97  ? 11.493  -17.993 -0.240  1.00 37.03 ? 97  MET A CG  1 
ATOM   759  S  SD  . MET A 1 97  ? 9.731   -18.072 0.146   1.00 56.02 ? 97  MET A SD  1 
ATOM   760  C  CE  . MET A 1 97  ? 9.757   -17.979 1.938   1.00 39.09 ? 97  MET A CE  1 
ATOM   761  N  N   . ASN A 1 98  ? 12.015  -13.098 -0.884  1.00 25.12 ? 98  ASN A N   1 
ATOM   762  C  CA  . ASN A 1 98  ? 12.762  -11.867 -0.663  1.00 22.97 ? 98  ASN A CA  1 
ATOM   763  C  C   . ASN A 1 98  ? 11.888  -10.618 -0.715  1.00 21.40 ? 98  ASN A C   1 
ATOM   764  O  O   . ASN A 1 98  ? 12.428  -9.506  -0.744  1.00 22.36 ? 98  ASN A O   1 
ATOM   765  C  CB  . ASN A 1 98  ? 13.919  -11.752 -1.664  1.00 25.33 ? 98  ASN A CB  1 
ATOM   766  C  CG  . ASN A 1 98  ? 13.442  -11.717 -3.099  1.00 22.53 ? 98  ASN A CG  1 
ATOM   767  O  OD1 . ASN A 1 98  ? 12.255  -11.892 -3.376  1.00 21.86 ? 98  ASN A OD1 1 
ATOM   768  N  ND2 . ASN A 1 98  ? 14.367  -11.493 -4.022  1.00 23.92 ? 98  ASN A ND2 1 
ATOM   769  N  N   . ASP A 1 99  ? 10.568  -10.764 -0.734  1.00 22.45 ? 99  ASP A N   1 
ATOM   770  C  CA  . ASP A 1 99  ? 9.687   -9.604  -0.757  1.00 17.46 ? 99  ASP A CA  1 
ATOM   771  C  C   . ASP A 1 99  ? 9.790   -8.830  0.549   1.00 19.02 ? 99  ASP A C   1 
ATOM   772  O  O   . ASP A 1 99  ? 10.087  -9.382  1.611   1.00 21.42 ? 99  ASP A O   1 
ATOM   773  C  CB  . ASP A 1 99  ? 8.241   -10.051 -0.942  1.00 17.19 ? 99  ASP A CB  1 
ATOM   774  C  CG  . ASP A 1 99  ? 7.932   -10.468 -2.368  1.00 17.11 ? 99  ASP A CG  1 
ATOM   775  O  OD1 . ASP A 1 99  ? 8.835   -10.403 -3.237  1.00 16.51 ? 99  ASP A OD1 1 
ATOM   776  O  OD2 . ASP A 1 99  ? 6.779   -10.864 -2.624  1.00 17.55 ? 99  ASP A OD2 1 
ATOM   777  N  N   . GLU A 1 100 ? 9.516   -7.536  0.469   1.00 16.24 ? 100 GLU A N   1 
ATOM   778  C  CA  . GLU A 1 100 ? 9.395   -6.715  1.660   1.00 15.62 ? 100 GLU A CA  1 
ATOM   779  C  C   . GLU A 1 100 ? 7.920   -6.541  1.982   1.00 14.68 ? 100 GLU A C   1 
ATOM   780  O  O   . GLU A 1 100 ? 7.113   -6.235  1.096   1.00 17.03 ? 100 GLU A O   1 
ATOM   781  C  CB  . GLU A 1 100 ? 10.082  -5.365  1.478   1.00 15.85 ? 100 GLU A CB  1 
ATOM   782  C  CG  . GLU A 1 100 ? 11.501  -5.483  0.966   1.00 23.76 ? 100 GLU A CG  1 
ATOM   783  C  CD  . GLU A 1 100 ? 12.245  -4.172  1.041   1.00 31.10 ? 100 GLU A CD  1 
ATOM   784  O  OE1 . GLU A 1 100 ? 12.464  -3.548  -0.021  1.00 35.49 ? 100 GLU A OE1 1 
ATOM   785  O  OE2 . GLU A 1 100 ? 12.600  -3.755  2.167   1.00 37.39 ? 100 GLU A OE2 1 
ATOM   786  N  N   . LYS A 1 101 ? 7.564   -6.788  3.232   1.00 15.39 ? 101 LYS A N   1 
ATOM   787  C  CA  . LYS A 1 101 ? 6.175   -6.808  3.666   1.00 14.73 ? 101 LYS A CA  1 
ATOM   788  C  C   . LYS A 1 101 ? 6.024   -5.749  4.743   1.00 14.23 ? 101 LYS A C   1 
ATOM   789  O  O   . LYS A 1 101 ? 6.729   -5.783  5.761   1.00 16.74 ? 101 LYS A O   1 
ATOM   790  C  CB  . LYS A 1 101 ? 5.834   -8.184  4.239   1.00 14.80 ? 101 LYS A CB  1 
ATOM   791  C  CG  . LYS A 1 101 ? 5.551   -9.251  3.184   1.00 17.64 ? 101 LYS A CG  1 
ATOM   792  C  CD  . LYS A 1 101 ? 5.692   -10.651 3.767   1.00 23.46 ? 101 LYS A CD  1 
ATOM   793  C  CE  . LYS A 1 101 ? 5.075   -11.696 2.862   1.00 27.91 ? 101 LYS A CE  1 
ATOM   794  N  NZ  . LYS A 1 101 ? 4.906   -13.013 3.542   1.00 30.10 ? 101 LYS A NZ  1 
ATOM   795  N  N   . PHE A 1 102 ? 5.108   -4.812  4.537   1.00 11.49 ? 102 PHE A N   1 
ATOM   796  C  CA  . PHE A 1 102 ? 4.836   -3.783  5.524   1.00 11.83 ? 102 PHE A CA  1 
ATOM   797  C  C   . PHE A 1 102 ? 3.377   -3.891  5.928   1.00 10.42 ? 102 PHE A C   1 
ATOM   798  O  O   . PHE A 1 102 ? 2.499   -3.967  5.068   1.00 11.21 ? 102 PHE A O   1 
ATOM   799  C  CB  . PHE A 1 102 ? 5.139   -2.394  4.965   1.00 11.59 ? 102 PHE A CB  1 
ATOM   800  C  CG  . PHE A 1 102 ? 6.582   -2.211  4.571   1.00 12.90 ? 102 PHE A CG  1 
ATOM   801  C  CD1 . PHE A 1 102 ? 7.529   -1.852  5.522   1.00 12.79 ? 102 PHE A CD1 1 
ATOM   802  C  CD2 . PHE A 1 102 ? 6.990   -2.411  3.265   1.00 13.16 ? 102 PHE A CD2 1 
ATOM   803  C  CE1 . PHE A 1 102 ? 8.857   -1.693  5.170   1.00 13.50 ? 102 PHE A CE1 1 
ATOM   804  C  CE2 . PHE A 1 102 ? 8.320   -2.245  2.907   1.00 14.67 ? 102 PHE A CE2 1 
ATOM   805  C  CZ  . PHE A 1 102 ? 9.247   -1.886  3.858   1.00 14.89 ? 102 PHE A CZ  1 
ATOM   806  N  N   . ASN A 1 103 ? 3.125   -3.907  7.226   1.00 10.45 ? 103 ASN A N   1 
ATOM   807  C  CA  . ASN A 1 103 ? 1.777   -3.943  7.771   1.00 9.60  ? 103 ASN A CA  1 
ATOM   808  C  C   . ASN A 1 103 ? 1.504   -2.609  8.434   1.00 11.34 ? 103 ASN A C   1 
ATOM   809  O  O   . ASN A 1 103 ? 2.226   -2.217  9.353   1.00 13.19 ? 103 ASN A O   1 
ATOM   810  C  CB  . ASN A 1 103 ? 1.672   -5.073  8.789   1.00 11.18 ? 103 ASN A CB  1 
ATOM   811  C  CG  . ASN A 1 103 ? 1.755   -6.420  8.131   1.00 11.54 ? 103 ASN A CG  1 
ATOM   812  O  OD1 . ASN A 1 103 ? 0.811   -6.845  7.483   1.00 13.20 ? 103 ASN A OD1 1 
ATOM   813  N  ND2 . ASN A 1 103 ? 2.897   -7.081  8.251   1.00 13.77 ? 103 ASN A ND2 1 
ATOM   814  N  N   . LEU A 1 104 ? 0.469   -1.914  7.970   1.00 9.78  ? 104 LEU A N   1 
ATOM   815  C  CA  . LEU A 1 104 ? 0.157   -0.552  8.392   1.00 9.48  ? 104 LEU A CA  1 
ATOM   816  C  C   . LEU A 1 104 ? -1.202  -0.566  9.081   1.00 10.10 ? 104 LEU A C   1 
ATOM   817  O  O   . LEU A 1 104 ? -2.201  -0.988  8.480   1.00 11.00 ? 104 LEU A O   1 
ATOM   818  C  CB  . LEU A 1 104 ? 0.098   0.378   7.173   1.00 10.99 ? 104 LEU A CB  1 
ATOM   819  C  CG  . LEU A 1 104 ? 1.356   0.675   6.339   1.00 11.61 ? 104 LEU A CG  1 
ATOM   820  C  CD1 . LEU A 1 104 ? 2.526   1.036   7.233   1.00 13.90 ? 104 LEU A CD1 1 
ATOM   821  C  CD2 . LEU A 1 104 ? 1.733   -0.473  5.424   1.00 13.04 ? 104 LEU A CD2 1 
ATOM   822  N  N   . LYS A 1 105 ? -1.257  -0.085  10.317  1.00 9.28  ? 105 LYS A N   1 
ATOM   823  C  CA  . LYS A 1 105 ? -2.502  -0.071  11.077  1.00 9.05  ? 105 LYS A CA  1 
ATOM   824  C  C   . LYS A 1 105 ? -3.196  1.277   10.911  1.00 8.95  ? 105 LYS A C   1 
ATOM   825  O  O   . LYS A 1 105 ? -2.620  2.316   11.241  1.00 9.51  ? 105 LYS A O   1 
ATOM   826  C  CB  . LYS A 1 105 ? -2.213  -0.331  12.553  1.00 11.31 ? 105 LYS A CB  1 
ATOM   827  C  CG  . LYS A 1 105 ? -3.473  -0.403  13.394  1.00 13.65 ? 105 LYS A CG  1 
ATOM   828  C  CD  . LYS A 1 105 ? -3.202  -0.985  14.768  1.00 20.49 ? 105 LYS A CD  1 
ATOM   829  C  CE  . LYS A 1 105 ? -3.083  0.079   15.823  1.00 24.01 ? 105 LYS A CE  1 
ATOM   830  N  NZ  . LYS A 1 105 ? -2.512  -0.518  17.079  1.00 25.06 ? 105 LYS A NZ  1 
ATOM   831  N  N   . LEU A 1 106 ? -4.429  1.261   10.410  1.00 9.08  ? 106 LEU A N   1 
ATOM   832  C  CA  . LEU A 1 106 ? -5.218  2.472   10.214  1.00 7.80  ? 106 LEU A CA  1 
ATOM   833  C  C   . LEU A 1 106 ? -6.359  2.482   11.221  1.00 10.61 ? 106 LEU A C   1 
ATOM   834  O  O   . LEU A 1 106 ? -7.125  1.515   11.303  1.00 11.53 ? 106 LEU A O   1 
ATOM   835  C  CB  . LEU A 1 106 ? -5.777  2.519   8.791   1.00 10.11 ? 106 LEU A CB  1 
ATOM   836  C  CG  . LEU A 1 106 ? -6.713  3.683   8.463   1.00 9.28  ? 106 LEU A CG  1 
ATOM   837  C  CD1 . LEU A 1 106 ? -6.030  5.017   8.742   1.00 10.47 ? 106 LEU A CD1 1 
ATOM   838  C  CD2 . LEU A 1 106 ? -7.197  3.615   7.018   1.00 10.93 ? 106 LEU A CD2 1 
ATOM   839  N  N   . VAL A 1 107 ? -6.461  3.561   11.989  1.00 10.35 ? 107 VAL A N   1 
ATOM   840  C  CA  . VAL A 1 107 ? -7.525  3.732   12.971  1.00 12.50 ? 107 VAL A CA  1 
ATOM   841  C  C   . VAL A 1 107 ? -8.353  4.943   12.558  1.00 12.29 ? 107 VAL A C   1 
ATOM   842  O  O   . VAL A 1 107 ? -7.825  6.052   12.455  1.00 12.55 ? 107 VAL A O   1 
ATOM   843  C  CB  . VAL A 1 107 ? -6.956  3.908   14.385  1.00 14.04 ? 107 VAL A CB  1 
ATOM   844  C  CG1 . VAL A 1 107 ? -8.084  4.132   15.371  1.00 17.24 ? 107 VAL A CG1 1 
ATOM   845  C  CG2 . VAL A 1 107 ? -6.132  2.699   14.760  1.00 17.89 ? 107 VAL A CG2 1 
ATOM   846  N  N   . ILE A 1 108 ? -9.644  4.727   12.307  1.00 13.26 ? 108 ILE A N   1 
ATOM   847  C  CA  . ILE A 1 108 ? -10.578 5.785   11.937  1.00 14.54 ? 108 ILE A CA  1 
ATOM   848  C  C   . ILE A 1 108 ? -11.477 6.059   13.131  1.00 15.58 ? 108 ILE A C   1 
ATOM   849  O  O   . ILE A 1 108 ? -11.941 5.124   13.792  1.00 17.26 ? 108 ILE A O   1 
ATOM   850  C  CB  . ILE A 1 108 ? -11.432 5.365   10.722  1.00 13.69 ? 108 ILE A CB  1 
ATOM   851  C  CG1 . ILE A 1 108 ? -10.567 4.824   9.569   1.00 14.78 ? 108 ILE A CG1 1 
ATOM   852  C  CG2 . ILE A 1 108 ? -12.312 6.519   10.251  1.00 15.33 ? 108 ILE A CG2 1 
ATOM   853  C  CD1 . ILE A 1 108 ? -9.619  5.833   9.000   1.00 17.01 ? 108 ILE A CD1 1 
ATOM   854  N  N   . LYS A 1 109 ? -11.752 7.332   13.392  1.00 17.34 ? 109 LYS A N   1 
ATOM   855  C  CA  . LYS A 1 109 ? -12.768 7.642   14.401  1.00 20.69 ? 109 LYS A CA  1 
ATOM   856  C  C   . LYS A 1 109 ? -13.708 8.754   13.944  1.00 24.02 ? 109 LYS A C   1 
ATOM   857  O  O   . LYS A 1 109 ? -13.508 9.362   12.895  1.00 21.02 ? 109 LYS A O   1 
ATOM   858  C  CB  . LYS A 1 109 ? -12.128 7.995   15.742  1.00 26.08 ? 109 LYS A CB  1 
ATOM   859  C  CG  . LYS A 1 109 ? -11.257 9.218   15.690  1.00 30.16 ? 109 LYS A CG  1 
ATOM   860  C  CD  . LYS A 1 109 ? -11.389 10.050  16.951  1.00 33.32 ? 109 LYS A CD  1 
ATOM   861  C  CE  . LYS A 1 109 ? -11.110 11.510  16.647  1.00 34.65 ? 109 LYS A CE  1 
ATOM   862  N  NZ  . LYS A 1 109 ? -9.685  11.702  16.273  1.00 30.42 ? 109 LYS A NZ  1 
HETATM 863  N  N1  . YQD B 2 .   ? -8.042  5.159   -7.824  1.00 10.79 ? 201 YQD A N1  1 
HETATM 864  N  N3  . YQD B 2 .   ? -10.696 6.388   -9.903  1.00 13.12 ? 201 YQD A N3  1 
HETATM 865  C  C4  . YQD B 2 .   ? -5.712  4.900   -8.332  1.00 10.28 ? 201 YQD A C4  1 
HETATM 866  C  C5  . YQD B 2 .   ? -6.974  5.265   -8.730  1.00 9.68  ? 201 YQD A C5  1 
HETATM 867  C  C6  . YQD B 2 .   ? -7.165  5.754   -10.030 1.00 9.92  ? 201 YQD A C6  1 
HETATM 868  C  C7  . YQD B 2 .   ? -9.307  5.528   -8.191  1.00 12.24 ? 201 YQD A C7  1 
HETATM 869  C  C8  . YQD B 2 .   ? -8.501  6.127   -10.365 1.00 11.04 ? 201 YQD A C8  1 
HETATM 870  C  C10 . YQD B 2 .   ? -11.435 7.325   -12.183 1.00 12.69 ? 201 YQD A C10 1 
HETATM 871  C  C13 . YQD B 2 .   ? -1.507  6.793   -11.871 1.00 12.33 ? 201 YQD A C13 1 
HETATM 872  C  C15 . YQD B 2 .   ? -2.323  5.018   -13.386 1.00 12.90 ? 201 YQD A C15 1 
HETATM 873  C  C17 . YQD B 2 .   ? -2.668  7.583   -9.878  1.00 14.19 ? 201 YQD A C17 1 
HETATM 874  C  C1  . YQD B 2 .   ? -6.110  5.890   -10.931 1.00 10.93 ? 201 YQD A C1  1 
HETATM 875  C  C11 . YQD B 2 .   ? -3.650  5.645   -11.437 1.00 11.47 ? 201 YQD A C11 1 
HETATM 876  C  C12 . YQD B 2 .   ? -2.569  6.675   -11.099 1.00 10.52 ? 201 YQD A C12 1 
HETATM 877  C  C14 . YQD B 2 .   ? -1.399  5.895   -13.088 1.00 13.08 ? 201 YQD A C14 1 
HETATM 878  C  C16 . YQD B 2 .   ? -3.534  4.880   -12.491 1.00 11.49 ? 201 YQD A C16 1 
HETATM 879  C  C18 . YQD B 2 .   ? -1.115  7.455   -16.191 1.00 19.57 ? 201 YQD A C18 1 
HETATM 880  C  C2  . YQD B 2 .   ? -4.845  5.522   -10.510 1.00 11.30 ? 201 YQD A C2  1 
HETATM 881  C  C3  . YQD B 2 .   ? -4.674  5.020   -9.218  1.00 10.92 ? 201 YQD A C3  1 
HETATM 882  C  C9  . YQD B 2 .   ? -10.418 6.783   -11.190 1.00 11.93 ? 201 YQD A C9  1 
HETATM 883  N  N2  . YQD B 2 .   ? -9.532  6.012   -9.502  1.00 10.90 ? 201 YQD A N2  1 
HETATM 884  N  N4  . YQD B 2 .   ? -9.019  6.619   -11.498 1.00 12.23 ? 201 YQD A N4  1 
HETATM 885  N  N5  . YQD B 2 .   ? -0.241  5.990   -13.934 1.00 15.65 ? 201 YQD A N5  1 
HETATM 886  O  O1  . YQD B 2 .   ? -10.339 5.438   -7.304  1.00 13.74 ? 201 YQD A O1  1 
HETATM 887  O  O2  . YQD B 2 .   ? 0.035   8.578   -14.034 1.00 19.04 ? 201 YQD A O2  1 
HETATM 888  O  O3  . YQD B 2 .   ? 1.459   7.240   -15.301 1.00 22.66 ? 201 YQD A O3  1 
HETATM 889  S  S1  . YQD B 2 .   ? 0.082   7.371   -14.837 1.00 17.45 ? 201 YQD A S1  1 
HETATM 890  CL CL1 . YQD B 2 .   ? -3.101  4.532   -8.573  1.00 11.05 ? 201 YQD A CL1 1 
HETATM 891  CA CA  . CA  C 3 .   ? 10.180  -11.839 -4.461  1.00 19.54 ? 202 CA  A CA  1 
HETATM 892  O  O   . HOH D 4 .   ? -0.401  4.806   20.195  1.00 28.30 ? 301 HOH A O   1 
HETATM 893  O  O   . HOH D 4 .   ? -10.708 0.090   3.304   1.00 25.20 ? 302 HOH A O   1 
HETATM 894  O  O   . HOH D 4 .   ? 4.069   -13.296 5.725   1.00 28.40 ? 303 HOH A O   1 
HETATM 895  O  O   . HOH D 4 .   ? -5.970  6.388   17.771  1.00 27.00 ? 304 HOH A O   1 
HETATM 896  O  O   . HOH D 4 .   ? 1.527   -0.917  14.489  1.00 26.66 ? 305 HOH A O   1 
HETATM 897  O  O   . HOH D 4 .   ? 4.958   -14.723 1.783   1.00 31.25 ? 306 HOH A O   1 
HETATM 898  O  O   . HOH D 4 .   ? 1.588   -13.699 2.535   1.00 19.67 ? 307 HOH A O   1 
HETATM 899  O  O   . HOH D 4 .   ? 10.811  -0.734  -14.681 1.00 27.25 ? 308 HOH A O   1 
HETATM 900  O  O   . HOH D 4 .   ? -1.447  1.511   18.096  1.00 25.33 ? 309 HOH A O   1 
HETATM 901  O  O   . HOH D 4 .   ? -15.572 2.946   3.824   1.00 26.10 ? 310 HOH A O   1 
HETATM 902  O  O   . HOH D 4 .   ? -9.972  -6.230  -5.246  1.00 23.14 ? 311 HOH A O   1 
HETATM 903  O  O   . HOH D 4 .   ? 6.963   1.536   -8.099  1.00 16.18 ? 312 HOH A O   1 
HETATM 904  O  O   . HOH D 4 .   ? -2.166  -7.035  -10.838 1.00 27.86 ? 313 HOH A O   1 
HETATM 905  O  O   . HOH D 4 .   ? -3.548  -10.959 -1.762  1.00 15.29 ? 314 HOH A O   1 
HETATM 906  O  O   . HOH D 4 .   ? 5.664   8.634   -10.370 1.00 20.97 ? 315 HOH A O   1 
HETATM 907  O  O   . HOH D 4 .   ? 8.803   9.965   -11.518 1.00 28.21 ? 316 HOH A O   1 
HETATM 908  O  O   . HOH D 4 .   ? -0.496  -2.215  17.088  1.00 26.64 ? 317 HOH A O   1 
HETATM 909  O  O   . HOH D 4 .   ? 11.961  -4.950  -11.480 1.00 28.71 ? 318 HOH A O   1 
HETATM 910  O  O   . HOH D 4 .   ? -5.105  -5.850  -13.319 1.00 21.11 ? 319 HOH A O   1 
HETATM 911  O  O   . HOH D 4 .   ? 11.507  -1.245  0.869   1.00 24.92 ? 320 HOH A O   1 
HETATM 912  O  O   . HOH D 4 .   ? -15.485 13.383  10.795  1.00 27.49 ? 321 HOH A O   1 
HETATM 913  O  O   . HOH D 4 .   ? 3.684   10.214  -0.326  1.00 13.19 ? 322 HOH A O   1 
HETATM 914  O  O   . HOH D 4 .   ? 1.582   -6.426  -8.001  1.00 18.90 ? 323 HOH A O   1 
HETATM 915  O  O   . HOH D 4 .   ? 8.324   -9.744  -8.456  1.00 26.61 ? 324 HOH A O   1 
HETATM 916  O  O   . HOH D 4 .   ? -16.497 6.792   1.418   1.00 23.47 ? 325 HOH A O   1 
HETATM 917  O  O   . HOH D 4 .   ? 14.614  -8.180  0.050   1.00 32.23 ? 326 HOH A O   1 
HETATM 918  O  O   . HOH D 4 .   ? 10.201  -7.441  -11.838 1.00 33.63 ? 327 HOH A O   1 
HETATM 919  O  O   . HOH D 4 .   ? 1.146   9.204   -8.535  1.00 16.56 ? 328 HOH A O   1 
HETATM 920  O  O   . HOH D 4 .   ? -14.275 0.613   -0.288  1.00 32.82 ? 329 HOH A O   1 
HETATM 921  O  O   . HOH D 4 .   ? 6.462   11.094  -3.622  1.00 15.71 ? 330 HOH A O   1 
HETATM 922  O  O   . HOH D 4 .   ? 14.842  -2.554  3.119   1.00 34.14 ? 331 HOH A O   1 
HETATM 923  O  O   . HOH D 4 .   ? 11.128  5.432   -12.875 1.00 32.66 ? 332 HOH A O   1 
HETATM 924  O  O   . HOH D 4 .   ? 4.870   1.986   9.668   1.00 15.88 ? 333 HOH A O   1 
HETATM 925  O  O   . HOH D 4 .   ? -4.621  -3.324  -15.983 1.00 31.54 ? 334 HOH A O   1 
HETATM 926  O  O   . HOH D 4 .   ? -4.399  -9.318  -7.491  1.00 24.41 ? 335 HOH A O   1 
HETATM 927  O  O   . HOH D 4 .   ? 5.821   -0.544  -9.554  1.00 16.15 ? 336 HOH A O   1 
HETATM 928  O  O   . HOH D 4 .   ? 14.132  -1.957  -8.766  1.00 27.33 ? 337 HOH A O   1 
HETATM 929  O  O   . HOH D 4 .   ? -8.167  14.021  12.213  1.00 22.93 ? 338 HOH A O   1 
HETATM 930  O  O   . HOH D 4 .   ? -1.489  -0.539  -16.592 1.00 31.55 ? 339 HOH A O   1 
HETATM 931  O  O   . HOH D 4 .   ? 13.302  5.609   -10.338 1.00 30.27 ? 340 HOH A O   1 
HETATM 932  O  O   . HOH D 4 .   ? 4.075   9.014   2.140   1.00 11.86 ? 341 HOH A O   1 
HETATM 933  O  O   . HOH D 4 .   ? 0.888   8.250   12.241  1.00 8.08  ? 342 HOH A O   1 
HETATM 934  O  O   . HOH D 4 .   ? 9.979   12.656  -6.125  1.00 33.25 ? 343 HOH A O   1 
HETATM 935  O  O   . HOH D 4 .   ? -2.252  2.498   -15.818 1.00 26.29 ? 344 HOH A O   1 
HETATM 936  O  O   . HOH D 4 .   ? -5.793  2.134   18.410  1.00 30.00 ? 345 HOH A O   1 
HETATM 937  O  O   . HOH D 4 .   ? -14.314 11.367  -2.679  1.00 35.02 ? 346 HOH A O   1 
HETATM 938  O  O   . HOH D 4 .   ? 6.062   -11.786 -5.143  1.00 27.19 ? 347 HOH A O   1 
HETATM 939  O  O   . HOH D 4 .   ? -0.712  8.221   -2.149  1.00 10.05 ? 348 HOH A O   1 
HETATM 940  O  O   . HOH D 4 .   ? -16.975 9.237   4.656   1.00 24.95 ? 349 HOH A O   1 
HETATM 941  O  O   . HOH D 4 .   ? -11.879 13.205  1.692   1.00 27.90 ? 350 HOH A O   1 
HETATM 942  O  O   . HOH D 4 .   ? 1.613   -6.732  -15.502 1.00 33.53 ? 351 HOH A O   1 
HETATM 943  O  O   . HOH D 4 .   ? -8.697  10.083  14.224  1.00 26.97 ? 352 HOH A O   1 
HETATM 944  O  O   . HOH D 4 .   ? 16.027  -9.036  -7.464  1.00 30.39 ? 353 HOH A O   1 
HETATM 945  O  O   . HOH D 4 .   ? -11.737 11.933  -6.362  1.00 19.90 ? 354 HOH A O   1 
HETATM 946  O  O   . HOH D 4 .   ? -10.585 -12.932 2.099   1.00 31.29 ? 355 HOH A O   1 
HETATM 947  O  O   . HOH D 4 .   ? -2.838  11.947  -1.752  1.00 14.11 ? 356 HOH A O   1 
HETATM 948  O  O   . HOH D 4 .   ? 5.846   1.337   5.490   1.00 19.61 ? 357 HOH A O   1 
HETATM 949  O  O   . HOH D 4 .   ? 10.617  1.286   3.195   1.00 21.86 ? 358 HOH A O   1 
HETATM 950  O  O   . HOH D 4 .   ? -13.039 -1.629  10.140  1.00 29.34 ? 359 HOH A O   1 
HETATM 951  O  O   . HOH D 4 .   ? -13.062 6.691   -8.394  1.00 28.20 ? 360 HOH A O   1 
HETATM 952  O  O   . HOH D 4 .   ? -14.397 1.754   -2.350  1.00 30.04 ? 361 HOH A O   1 
HETATM 953  O  O   . HOH D 4 .   ? -3.670  -12.211 -4.375  1.00 17.49 ? 362 HOH A O   1 
HETATM 954  O  O   . HOH D 4 .   ? 2.198   6.889   -3.928  1.00 10.52 ? 363 HOH A O   1 
HETATM 955  O  O   . HOH D 4 .   ? -2.338  11.801  -8.407  1.00 17.11 ? 364 HOH A O   1 
HETATM 956  O  O   . HOH D 4 .   ? 3.547   -0.194  10.878  1.00 16.78 ? 365 HOH A O   1 
HETATM 957  O  O   . HOH D 4 .   ? 1.092   0.052   11.942  1.00 20.47 ? 366 HOH A O   1 
HETATM 958  O  O   . HOH D 4 .   ? -12.694 7.628   -6.254  1.00 28.73 ? 367 HOH A O   1 
HETATM 959  O  O   . HOH D 4 .   ? 1.594   -15.118 -1.255  1.00 30.19 ? 368 HOH A O   1 
HETATM 960  O  O   . HOH D 4 .   ? -7.890  -5.055  7.784   1.00 21.54 ? 369 HOH A O   1 
HETATM 961  O  O   . HOH D 4 .   ? 1.411   -6.542  -10.608 1.00 25.68 ? 370 HOH A O   1 
HETATM 962  O  O   . HOH D 4 .   ? -8.018  6.439   -14.183 1.00 19.62 ? 371 HOH A O   1 
HETATM 963  O  O   . HOH D 4 .   ? -3.974  8.680   7.911   1.00 10.58 ? 372 HOH A O   1 
HETATM 964  O  O   . HOH D 4 .   ? 9.554   -8.117  4.831   1.00 26.59 ? 373 HOH A O   1 
HETATM 965  O  O   . HOH D 4 .   ? 14.298  6.724   -5.939  1.00 31.80 ? 374 HOH A O   1 
HETATM 966  O  O   . HOH D 4 .   ? -3.906  14.141  -0.632  1.00 21.63 ? 375 HOH A O   1 
HETATM 967  O  O   . HOH D 4 .   ? -19.399 10.490  1.465   1.00 34.36 ? 376 HOH A O   1 
HETATM 968  O  O   . HOH D 4 .   ? 10.064  -13.202 -8.659  1.00 34.65 ? 377 HOH A O   1 
HETATM 969  O  O   . HOH D 4 .   ? 3.551   12.739  -6.871  1.00 30.07 ? 378 HOH A O   1 
HETATM 970  O  O   . HOH D 4 .   ? 0.048   8.532   1.584   1.00 10.58 ? 379 HOH A O   1 
HETATM 971  O  O   . HOH D 4 .   ? -0.269  12.923  -7.764  1.00 26.98 ? 380 HOH A O   1 
HETATM 972  O  O   . HOH D 4 .   ? -19.105 2.432   6.302   1.00 32.85 ? 381 HOH A O   1 
HETATM 973  O  O   . HOH D 4 .   ? -9.618  14.832  -0.696  1.00 29.99 ? 382 HOH A O   1 
HETATM 974  O  O   . HOH D 4 .   ? 14.327  -2.700  -4.607  1.00 32.18 ? 383 HOH A O   1 
HETATM 975  O  O   . HOH D 4 .   ? 8.804   4.458   -14.914 1.00 30.02 ? 384 HOH A O   1 
HETATM 976  O  O   . HOH D 4 .   ? -7.956  7.816   14.793  1.00 22.81 ? 385 HOH A O   1 
HETATM 977  O  O   . HOH D 4 .   ? 5.205   -6.531  9.978   1.00 27.38 ? 386 HOH A O   1 
HETATM 978  O  O   . HOH D 4 .   ? -4.196  2.013   -14.326 1.00 26.69 ? 387 HOH A O   1 
HETATM 979  O  O   . HOH D 4 .   ? -7.907  14.752  4.525   1.00 18.82 ? 388 HOH A O   1 
HETATM 980  O  O   . HOH D 4 .   ? 6.479   -8.000  7.706   1.00 26.77 ? 389 HOH A O   1 
HETATM 981  O  O   . HOH D 4 .   ? 5.809   5.564   11.584  1.00 10.83 ? 390 HOH A O   1 
HETATM 982  O  O   . HOH D 4 .   ? 6.438   -3.910  19.271  1.00 30.01 ? 391 HOH A O   1 
HETATM 983  O  O   . HOH D 4 .   ? -18.387 5.777   9.281   1.00 25.47 ? 392 HOH A O   1 
HETATM 984  O  O   . HOH D 4 .   ? -7.555  -5.636  10.218  1.00 23.32 ? 393 HOH A O   1 
HETATM 985  O  O   . HOH D 4 .   ? 5.166   -2.087  8.799   1.00 21.15 ? 394 HOH A O   1 
HETATM 986  O  O   . HOH D 4 .   ? -13.552 -0.386  -7.558  1.00 25.51 ? 395 HOH A O   1 
HETATM 987  O  O   . HOH D 4 .   ? 14.109  -1.052  -1.057  1.00 27.65 ? 396 HOH A O   1 
HETATM 988  O  O   . HOH D 4 .   ? -1.442  9.362   11.026  0.50 7.78  ? 397 HOH A O   1 
HETATM 989  O  O   . HOH D 4 .   ? 7.308   1.690   17.332  1.00 19.46 ? 398 HOH A O   1 
HETATM 990  O  O   . HOH D 4 .   ? 7.542   10.682  0.353   1.00 23.21 ? 399 HOH A O   1 
HETATM 991  O  O   . HOH D 4 .   ? 5.500   -4.105  9.134   1.00 24.30 ? 400 HOH A O   1 
HETATM 992  O  O   . HOH D 4 .   ? 7.866   1.208   3.728   1.00 18.03 ? 401 HOH A O   1 
HETATM 993  O  O   . HOH D 4 .   ? 8.478   -11.871 -6.173  1.00 28.46 ? 402 HOH A O   1 
HETATM 994  O  O   . HOH D 4 .   ? 8.372   -16.089 -2.251  1.00 37.24 ? 403 HOH A O   1 
HETATM 995  O  O   . HOH D 4 .   ? -12.350 -2.038  -0.071  1.00 34.60 ? 404 HOH A O   1 
HETATM 996  O  O   . HOH D 4 .   ? 3.314   -15.201 0.342   1.00 29.12 ? 405 HOH A O   1 
HETATM 997  O  O   . HOH D 4 .   ? 14.960  -3.067  -1.967  1.00 35.82 ? 406 HOH A O   1 
HETATM 998  O  O   . HOH D 4 .   ? 12.101  5.738   -1.523  1.00 26.79 ? 407 HOH A O   1 
HETATM 999  O  O   . HOH D 4 .   ? -15.135 7.454   -4.990  1.00 32.63 ? 408 HOH A O   1 
HETATM 1000 O  O   . HOH D 4 .   ? 8.350   -13.570 -1.396  1.00 28.14 ? 409 HOH A O   1 
HETATM 1001 O  O   . HOH D 4 .   ? 1.726   6.583   -18.609 1.00 30.80 ? 410 HOH A O   1 
HETATM 1002 O  O   . HOH D 4 .   ? -15.503 8.989   -2.271  1.00 32.28 ? 411 HOH A O   1 
HETATM 1003 O  O   . HOH D 4 .   ? 4.056   8.182   -17.452 1.00 31.27 ? 412 HOH A O   1 
HETATM 1004 O  O   . HOH D 4 .   ? -7.176  11.689  13.102  1.00 20.06 ? 413 HOH A O   1 
HETATM 1005 O  O   . HOH D 4 .   ? 16.474  -3.550  -12.224 1.00 33.61 ? 414 HOH A O   1 
HETATM 1006 O  O   . HOH D 4 .   ? -17.180 2.502   -0.409  1.00 31.99 ? 415 HOH A O   1 
HETATM 1007 O  O   . HOH D 4 .   ? -9.264  -7.007  7.143   1.00 30.57 ? 416 HOH A O   1 
HETATM 1008 O  O   . HOH D 4 .   ? 8.388   -12.705 4.562   1.00 37.20 ? 417 HOH A O   1 
HETATM 1009 O  O   . HOH D 4 .   ? -17.102 3.823   1.642   1.00 27.74 ? 418 HOH A O   1 
HETATM 1010 O  O   . HOH D 4 .   ? 8.844   -12.962 1.649   1.00 35.03 ? 419 HOH A O   1 
HETATM 1011 O  O   . HOH D 4 .   ? 4.487   11.490  -9.630  1.00 31.29 ? 420 HOH A O   1 
HETATM 1012 O  O   . HOH D 4 .   ? -11.715 -6.602  2.534   1.00 33.02 ? 421 HOH A O   1 
HETATM 1013 O  O   . HOH D 4 .   ? 0.924   9.754   -0.766  1.00 12.73 ? 422 HOH A O   1 
HETATM 1014 O  O   . HOH D 4 .   ? -6.577  16.349  12.277  1.00 28.01 ? 423 HOH A O   1 
HETATM 1015 O  O   . HOH D 4 .   ? 14.418  -4.165  -10.361 1.00 27.71 ? 424 HOH A O   1 
HETATM 1016 O  O   . HOH D 4 .   ? 11.420  -8.661  -14.409 1.00 29.18 ? 425 HOH A O   1 
HETATM 1017 O  O   . HOH D 4 .   ? -11.059 -4.669  1.064   1.00 31.13 ? 426 HOH A O   1 
HETATM 1018 O  O   . HOH D 4 .   ? 18.212  -11.775 -5.838  1.00 35.28 ? 427 HOH A O   1 
HETATM 1019 O  O   . HOH D 4 .   ? 7.152   12.957  0.223   1.00 32.56 ? 428 HOH A O   1 
HETATM 1020 O  O   . HOH D 4 .   ? 14.946  5.856   -8.182  1.00 34.23 ? 429 HOH A O   1 
HETATM 1021 O  O   . HOH D 4 .   ? 9.116   11.287  -3.956  1.00 28.02 ? 430 HOH A O   1 
HETATM 1022 O  O   . HOH D 4 .   ? 4.708   13.468  -3.506  1.00 28.40 ? 431 HOH A O   1 
HETATM 1023 O  O   . HOH D 4 .   ? 4.478   12.845  0.584   1.00 30.07 ? 432 HOH A O   1 
HETATM 1024 O  O   . HOH D 4 .   ? 15.359  -6.101  -8.097  1.00 34.61 ? 433 HOH A O   1 
HETATM 1025 O  O   . HOH D 4 .   ? 6.936   10.972  -13.364 1.00 35.35 ? 434 HOH A O   1 
HETATM 1026 O  O   . HOH D 4 .   ? -20.868 4.173   5.470   1.00 37.86 ? 435 HOH A O   1 
HETATM 1027 O  O   . HOH D 4 .   ? -0.485  11.142  -9.936  1.00 25.24 ? 436 HOH A O   1 
HETATM 1028 O  O   . HOH D 4 .   ? 9.912   10.961  -0.960  1.00 31.22 ? 437 HOH A O   1 
HETATM 1029 O  O   . HOH D 4 .   ? -5.801  -11.625 -6.096  1.00 19.46 ? 438 HOH A O   1 
HETATM 1030 O  O   . HOH D 4 .   ? 6.000   0.248   7.909   1.00 19.09 ? 439 HOH A O   1 
# 
